data_2LWX
#
_entry.id   2LWX
#
_entity_poly.entity_id   1
_entity_poly.type   'polypeptide(L)'
_entity_poly.pdbx_seq_one_letter_code
;MRGSHHHHHHHHGSENLYFQGSKAAKKKNKRAIRNSAKEADYFGDADKATTIDEQVGLIVDSLNDEELVSTADKIKANAA
GAKEVLKESAKTIVDSGKLPSSLLSYFV
;
_entity_poly.pdbx_strand_id   A
#
# COMPACT_ATOMS: atom_id res chain seq x y z
N GLY A 21 -12.54 -5.82 -12.64
CA GLY A 21 -12.30 -6.80 -13.70
C GLY A 21 -11.15 -6.41 -14.62
N SER A 22 -10.22 -5.62 -14.13
CA SER A 22 -9.09 -5.21 -14.95
C SER A 22 -7.91 -6.10 -14.66
N LYS A 23 -8.06 -7.32 -15.11
CA LYS A 23 -7.14 -8.41 -14.87
C LYS A 23 -5.69 -8.13 -15.22
N ALA A 24 -5.46 -7.33 -16.23
CA ALA A 24 -4.11 -6.99 -16.62
C ALA A 24 -3.51 -5.94 -15.68
N ALA A 25 -4.34 -5.01 -15.28
CA ALA A 25 -3.92 -3.94 -14.38
C ALA A 25 -3.74 -4.45 -12.96
N LYS A 26 -4.64 -5.36 -12.54
CA LYS A 26 -4.61 -5.92 -11.18
C LYS A 26 -3.25 -6.47 -10.82
N LYS A 27 -2.74 -7.33 -11.67
CA LYS A 27 -1.45 -7.99 -11.44
C LYS A 27 -0.31 -6.98 -11.29
N LYS A 28 -0.30 -5.98 -12.14
CA LYS A 28 0.70 -4.95 -12.10
C LYS A 28 0.56 -4.07 -10.86
N ASN A 29 -0.64 -3.58 -10.64
CA ASN A 29 -0.90 -2.63 -9.55
C ASN A 29 -0.75 -3.27 -8.19
N LYS A 30 -1.11 -4.53 -8.10
CA LYS A 30 -1.08 -5.29 -6.85
C LYS A 30 0.33 -5.21 -6.25
N ARG A 31 1.30 -5.54 -7.07
CA ARG A 31 2.69 -5.53 -6.67
C ARG A 31 3.25 -4.11 -6.63
N ALA A 32 2.74 -3.24 -7.51
CA ALA A 32 3.22 -1.86 -7.62
C ALA A 32 3.04 -1.10 -6.33
N ILE A 33 1.91 -1.32 -5.68
CA ILE A 33 1.61 -0.68 -4.41
C ILE A 33 2.66 -1.08 -3.37
N ARG A 34 3.05 -2.34 -3.41
CA ARG A 34 4.03 -2.88 -2.50
C ARG A 34 5.44 -2.39 -2.84
N ASN A 35 5.71 -2.27 -4.14
CA ASN A 35 7.01 -1.77 -4.63
C ASN A 35 7.29 -0.35 -4.16
N SER A 36 6.25 0.38 -3.78
CA SER A 36 6.37 1.73 -3.30
C SER A 36 7.32 1.83 -2.11
N ALA A 37 7.26 0.85 -1.19
CA ALA A 37 8.16 0.86 -0.05
C ALA A 37 9.63 0.72 -0.49
N LYS A 38 9.85 0.11 -1.64
CA LYS A 38 11.16 0.05 -2.20
C LYS A 38 11.51 1.40 -2.82
N GLU A 39 10.64 1.84 -3.73
CA GLU A 39 10.81 3.05 -4.55
C GLU A 39 10.78 4.35 -3.75
N ALA A 40 10.07 4.37 -2.66
CA ALA A 40 9.97 5.57 -1.84
C ALA A 40 10.80 5.43 -0.61
N ASP A 41 11.58 4.34 -0.55
CA ASP A 41 12.45 3.97 0.58
C ASP A 41 11.59 3.39 1.70
N TYR A 42 12.19 2.58 2.55
CA TYR A 42 11.51 2.03 3.72
C TYR A 42 11.31 3.07 4.80
N PHE A 43 11.56 4.33 4.44
CA PHE A 43 11.25 5.51 5.24
C PHE A 43 12.09 5.57 6.51
N GLY A 44 13.17 4.83 6.52
CA GLY A 44 14.03 4.78 7.68
C GLY A 44 13.67 3.64 8.60
N ASP A 45 12.71 2.85 8.20
CA ASP A 45 12.25 1.72 8.99
C ASP A 45 12.61 0.41 8.31
N ALA A 46 13.77 0.40 7.68
CA ALA A 46 14.30 -0.74 6.95
C ALA A 46 14.48 -1.97 7.84
N ASP A 47 14.59 -1.76 9.15
CA ASP A 47 14.70 -2.88 10.10
C ASP A 47 13.42 -3.69 10.13
N LYS A 48 12.31 -3.05 9.85
CA LYS A 48 11.03 -3.72 9.89
C LYS A 48 10.45 -3.85 8.49
N ALA A 49 11.35 -3.83 7.51
CA ALA A 49 11.08 -3.99 6.11
C ALA A 49 10.12 -5.11 5.81
N THR A 50 10.28 -6.22 6.49
CA THR A 50 9.47 -7.37 6.24
C THR A 50 8.05 -7.08 6.68
N THR A 51 7.93 -6.49 7.87
CA THR A 51 6.66 -6.14 8.44
C THR A 51 5.98 -5.13 7.52
N ILE A 52 6.74 -4.11 7.12
CA ILE A 52 6.24 -3.06 6.25
C ILE A 52 5.66 -3.65 4.96
N ASP A 53 6.45 -4.49 4.27
CA ASP A 53 6.01 -5.07 3.00
C ASP A 53 4.80 -5.98 3.17
N GLU A 54 4.75 -6.70 4.28
CA GLU A 54 3.62 -7.56 4.54
C GLU A 54 2.35 -6.75 4.71
N GLN A 55 2.44 -5.67 5.49
CA GLN A 55 1.29 -4.79 5.74
C GLN A 55 0.76 -4.23 4.44
N VAL A 56 1.67 -3.80 3.56
CA VAL A 56 1.28 -3.25 2.27
C VAL A 56 0.59 -4.32 1.42
N GLY A 57 1.01 -5.57 1.61
CA GLY A 57 0.39 -6.66 0.91
C GLY A 57 -1.03 -6.89 1.39
N LEU A 58 -1.22 -6.89 2.72
CA LEU A 58 -2.56 -6.94 3.28
C LEU A 58 -3.41 -5.78 2.78
N ILE A 59 -2.77 -4.63 2.60
CA ILE A 59 -3.41 -3.46 2.02
C ILE A 59 -3.91 -3.77 0.60
N VAL A 60 -3.02 -4.23 -0.27
CA VAL A 60 -3.38 -4.48 -1.65
C VAL A 60 -4.42 -5.62 -1.79
N ASP A 61 -4.36 -6.60 -0.90
CA ASP A 61 -5.31 -7.72 -0.94
C ASP A 61 -6.69 -7.37 -0.42
N SER A 62 -6.77 -6.39 0.46
CA SER A 62 -8.05 -5.98 0.98
C SER A 62 -8.68 -4.90 0.08
N LEU A 63 -7.87 -4.29 -0.77
CA LEU A 63 -8.35 -3.33 -1.75
C LEU A 63 -8.91 -4.07 -2.96
N ASN A 64 -9.45 -3.33 -3.91
CA ASN A 64 -9.99 -3.93 -5.13
C ASN A 64 -9.31 -3.31 -6.31
N ASP A 65 -9.71 -3.73 -7.51
CA ASP A 65 -9.11 -3.30 -8.80
C ASP A 65 -8.95 -1.82 -8.86
N GLU A 66 -9.99 -1.14 -8.51
CA GLU A 66 -10.07 0.28 -8.68
C GLU A 66 -9.27 0.99 -7.64
N GLU A 67 -9.23 0.45 -6.46
CA GLU A 67 -8.49 1.04 -5.41
C GLU A 67 -7.00 0.87 -5.63
N LEU A 68 -6.60 -0.27 -6.21
CA LEU A 68 -5.19 -0.56 -6.49
C LEU A 68 -4.64 0.51 -7.41
N VAL A 69 -5.36 0.73 -8.52
CA VAL A 69 -4.94 1.68 -9.52
C VAL A 69 -5.00 3.10 -9.00
N SER A 70 -6.01 3.39 -8.22
CA SER A 70 -6.20 4.73 -7.65
C SER A 70 -5.04 5.14 -6.76
N THR A 71 -4.63 4.25 -5.87
CA THR A 71 -3.54 4.54 -5.01
C THR A 71 -2.22 4.53 -5.74
N ALA A 72 -2.09 3.57 -6.64
CA ALA A 72 -0.88 3.44 -7.45
C ALA A 72 -0.62 4.70 -8.22
N ASP A 73 -1.67 5.23 -8.83
CA ASP A 73 -1.60 6.44 -9.63
C ASP A 73 -1.01 7.60 -8.81
N LYS A 74 -1.44 7.68 -7.57
CA LYS A 74 -0.96 8.71 -6.67
C LYS A 74 0.50 8.51 -6.31
N ILE A 75 0.89 7.26 -6.21
CA ILE A 75 2.27 6.91 -5.92
C ILE A 75 3.21 7.35 -7.07
N LYS A 76 2.74 7.23 -8.29
CA LYS A 76 3.57 7.68 -9.42
C LYS A 76 3.57 9.20 -9.50
N ALA A 77 2.57 9.80 -8.89
CA ALA A 77 2.48 11.24 -8.84
C ALA A 77 3.43 11.78 -7.78
N ASN A 78 3.72 10.97 -6.78
CA ASN A 78 4.66 11.34 -5.73
C ASN A 78 5.40 10.12 -5.25
N ALA A 79 6.41 9.75 -6.00
CA ALA A 79 7.21 8.57 -5.72
C ALA A 79 7.98 8.74 -4.44
N ALA A 80 8.34 9.95 -4.14
CA ALA A 80 9.11 10.27 -2.97
C ALA A 80 8.27 10.19 -1.69
N GLY A 81 6.96 10.21 -1.81
CA GLY A 81 6.14 10.17 -0.64
C GLY A 81 5.06 9.17 -0.77
N ALA A 82 5.37 8.02 -1.35
CA ALA A 82 4.39 6.94 -1.56
C ALA A 82 3.69 6.54 -0.28
N LYS A 83 4.39 6.71 0.84
CA LYS A 83 3.88 6.39 2.16
C LYS A 83 2.55 7.08 2.39
N GLU A 84 2.41 8.31 1.86
CA GLU A 84 1.20 9.10 2.03
C GLU A 84 -0.02 8.32 1.50
N VAL A 85 0.20 7.60 0.42
CA VAL A 85 -0.83 6.84 -0.24
C VAL A 85 -1.09 5.54 0.51
N LEU A 86 -0.01 4.89 0.91
CA LEU A 86 -0.08 3.67 1.70
C LEU A 86 -0.78 3.91 3.02
N LYS A 87 -0.45 5.02 3.68
CA LYS A 87 -1.15 5.38 4.92
C LYS A 87 -2.61 5.68 4.67
N GLU A 88 -2.92 6.19 3.48
CA GLU A 88 -4.27 6.54 3.14
C GLU A 88 -5.07 5.29 2.96
N SER A 89 -4.50 4.35 2.23
CA SER A 89 -5.12 3.09 1.99
C SER A 89 -5.32 2.36 3.29
N ALA A 90 -4.26 2.31 4.08
CA ALA A 90 -4.27 1.63 5.37
C ALA A 90 -5.41 2.12 6.25
N LYS A 91 -5.52 3.43 6.37
CA LYS A 91 -6.54 4.02 7.21
C LYS A 91 -7.92 3.72 6.61
N THR A 92 -8.02 3.77 5.28
CA THR A 92 -9.28 3.49 4.58
C THR A 92 -9.75 2.02 4.82
N ILE A 93 -8.79 1.12 4.89
CA ILE A 93 -9.06 -0.29 5.15
C ILE A 93 -9.53 -0.50 6.60
N VAL A 94 -8.89 0.19 7.51
CA VAL A 94 -9.26 0.17 8.92
C VAL A 94 -10.63 0.82 9.09
N ASP A 95 -10.87 1.81 8.26
CA ASP A 95 -12.09 2.60 8.29
C ASP A 95 -13.29 1.75 7.90
N SER A 96 -13.10 0.90 6.92
CA SER A 96 -14.16 0.03 6.46
C SER A 96 -14.27 -1.21 7.35
N GLY A 97 -13.27 -1.44 8.17
CA GLY A 97 -13.26 -2.56 9.07
C GLY A 97 -12.78 -3.84 8.41
N LYS A 98 -11.99 -3.71 7.36
CA LYS A 98 -11.44 -4.88 6.70
C LYS A 98 -10.29 -5.45 7.47
N LEU A 99 -9.42 -4.58 7.90
CA LEU A 99 -8.26 -4.96 8.66
C LEU A 99 -8.20 -4.14 9.92
N PRO A 100 -7.87 -4.77 11.04
CA PRO A 100 -7.68 -4.05 12.27
C PRO A 100 -6.44 -3.17 12.16
N SER A 101 -6.45 -2.06 12.86
CA SER A 101 -5.36 -1.11 12.83
C SER A 101 -4.04 -1.76 13.26
N SER A 102 -4.14 -2.78 14.11
CA SER A 102 -3.00 -3.52 14.62
C SER A 102 -2.20 -4.19 13.47
N LEU A 103 -2.89 -4.63 12.42
CA LEU A 103 -2.25 -5.33 11.32
C LEU A 103 -1.49 -4.38 10.41
N LEU A 104 -1.87 -3.13 10.45
CA LEU A 104 -1.27 -2.10 9.62
C LEU A 104 -0.64 -1.05 10.50
N SER A 105 -0.18 -1.51 11.65
CA SER A 105 0.35 -0.69 12.73
C SER A 105 1.48 0.30 12.35
N TYR A 106 2.17 0.07 11.25
CA TYR A 106 3.21 0.99 10.85
C TYR A 106 2.63 2.22 10.18
N PHE A 107 1.64 2.01 9.34
CA PHE A 107 1.05 3.10 8.58
C PHE A 107 -0.09 3.74 9.35
N VAL A 108 -0.83 2.93 10.06
CA VAL A 108 -1.98 3.38 10.79
C VAL A 108 -1.57 3.81 12.19
N GLY A 21 -9.44 -0.18 -17.94
CA GLY A 21 -9.51 -1.25 -18.92
C GLY A 21 -8.16 -1.90 -19.14
N SER A 22 -7.66 -2.57 -18.12
CA SER A 22 -6.37 -3.24 -18.16
C SER A 22 -6.29 -4.26 -17.03
N LYS A 23 -6.58 -5.49 -17.37
CA LYS A 23 -6.65 -6.57 -16.42
C LYS A 23 -5.28 -7.01 -15.92
N ALA A 24 -4.28 -6.93 -16.78
CA ALA A 24 -2.93 -7.27 -16.39
C ALA A 24 -2.41 -6.22 -15.43
N ALA A 25 -2.90 -4.99 -15.58
CA ALA A 25 -2.51 -3.90 -14.72
C ALA A 25 -3.12 -4.09 -13.34
N LYS A 26 -4.41 -4.50 -13.31
CA LYS A 26 -5.13 -4.75 -12.05
C LYS A 26 -4.37 -5.79 -11.22
N LYS A 27 -3.85 -6.78 -11.91
CA LYS A 27 -3.05 -7.83 -11.32
C LYS A 27 -1.68 -7.27 -10.88
N LYS A 28 -1.07 -6.48 -11.74
CA LYS A 28 0.24 -5.89 -11.52
C LYS A 28 0.21 -4.91 -10.34
N ASN A 29 -0.95 -4.31 -10.10
CA ASN A 29 -1.14 -3.33 -9.03
C ASN A 29 -0.70 -3.84 -7.69
N LYS A 30 -0.94 -5.13 -7.41
CA LYS A 30 -0.54 -5.70 -6.11
C LYS A 30 0.94 -5.50 -5.88
N ARG A 31 1.72 -5.83 -6.90
CA ARG A 31 3.13 -5.67 -6.89
C ARG A 31 3.52 -4.19 -6.92
N ALA A 32 2.86 -3.43 -7.79
CA ALA A 32 3.16 -2.00 -7.99
C ALA A 32 3.07 -1.21 -6.69
N ILE A 33 2.06 -1.51 -5.90
CA ILE A 33 1.87 -0.88 -4.61
C ILE A 33 3.01 -1.25 -3.66
N ARG A 34 3.38 -2.53 -3.68
CA ARG A 34 4.44 -3.04 -2.81
C ARG A 34 5.79 -2.45 -3.16
N ASN A 35 5.98 -2.15 -4.46
CA ASN A 35 7.22 -1.55 -4.96
C ASN A 35 7.55 -0.22 -4.30
N SER A 36 6.54 0.42 -3.70
CA SER A 36 6.72 1.70 -3.03
C SER A 36 7.87 1.67 -2.03
N ALA A 37 7.91 0.66 -1.18
CA ALA A 37 8.93 0.55 -0.17
C ALA A 37 10.31 0.34 -0.78
N LYS A 38 10.37 -0.32 -1.89
CA LYS A 38 11.60 -0.53 -2.55
C LYS A 38 12.08 0.72 -3.30
N GLU A 39 11.22 1.21 -4.16
CA GLU A 39 11.55 2.31 -5.07
C GLU A 39 11.57 3.67 -4.36
N ALA A 40 10.81 3.83 -3.31
CA ALA A 40 10.75 5.10 -2.61
C ALA A 40 11.40 5.03 -1.25
N ASP A 41 12.14 3.92 -1.04
CA ASP A 41 12.90 3.61 0.20
C ASP A 41 11.96 3.08 1.26
N TYR A 42 12.49 2.36 2.23
CA TYR A 42 11.72 1.85 3.34
C TYR A 42 11.43 2.94 4.36
N PHE A 43 11.70 4.18 3.94
CA PHE A 43 11.34 5.41 4.60
C PHE A 43 12.12 5.60 5.90
N GLY A 44 13.20 4.88 6.03
CA GLY A 44 13.99 4.93 7.25
C GLY A 44 13.58 3.86 8.24
N ASP A 45 12.80 2.92 7.76
CA ASP A 45 12.34 1.79 8.55
C ASP A 45 12.72 0.49 7.85
N ALA A 46 13.89 0.50 7.24
CA ALA A 46 14.43 -0.63 6.48
C ALA A 46 14.64 -1.88 7.32
N ASP A 47 14.79 -1.70 8.62
CA ASP A 47 14.97 -2.84 9.54
C ASP A 47 13.63 -3.51 9.80
N LYS A 48 12.59 -2.81 9.45
CA LYS A 48 11.24 -3.18 9.67
C LYS A 48 10.62 -3.61 8.33
N ALA A 49 11.51 -3.80 7.34
CA ALA A 49 11.19 -4.19 5.97
C ALA A 49 10.17 -5.32 5.88
N THR A 50 10.42 -6.40 6.59
CA THR A 50 9.55 -7.57 6.51
C THR A 50 8.13 -7.24 7.02
N THR A 51 8.06 -6.38 8.01
CA THR A 51 6.82 -5.97 8.58
C THR A 51 6.12 -5.04 7.61
N ILE A 52 6.89 -4.10 7.06
CA ILE A 52 6.39 -3.16 6.09
C ILE A 52 5.82 -3.92 4.88
N ASP A 53 6.58 -4.89 4.36
CA ASP A 53 6.12 -5.67 3.18
C ASP A 53 4.86 -6.44 3.47
N GLU A 54 4.78 -6.99 4.66
CA GLU A 54 3.62 -7.73 5.10
C GLU A 54 2.39 -6.82 5.11
N GLN A 55 2.54 -5.66 5.72
CA GLN A 55 1.48 -4.69 5.84
C GLN A 55 1.01 -4.18 4.48
N VAL A 56 1.95 -3.83 3.60
CA VAL A 56 1.59 -3.32 2.27
C VAL A 56 0.80 -4.36 1.49
N GLY A 57 1.20 -5.62 1.61
CA GLY A 57 0.50 -6.68 0.94
C GLY A 57 -0.88 -6.90 1.52
N LEU A 58 -1.03 -6.67 2.82
CA LEU A 58 -2.33 -6.74 3.46
C LEU A 58 -3.21 -5.59 2.97
N ILE A 59 -2.59 -4.45 2.72
CA ILE A 59 -3.27 -3.29 2.19
C ILE A 59 -3.87 -3.60 0.82
N VAL A 60 -3.02 -4.06 -0.11
CA VAL A 60 -3.47 -4.33 -1.48
C VAL A 60 -4.53 -5.45 -1.52
N ASP A 61 -4.42 -6.36 -0.57
CA ASP A 61 -5.31 -7.50 -0.49
C ASP A 61 -6.68 -7.09 0.02
N SER A 62 -6.73 -6.08 0.85
CA SER A 62 -7.97 -5.64 1.46
C SER A 62 -8.63 -4.51 0.67
N LEU A 63 -8.08 -4.24 -0.47
CA LEU A 63 -8.64 -3.25 -1.36
C LEU A 63 -9.28 -3.95 -2.53
N ASN A 64 -9.87 -3.19 -3.39
CA ASN A 64 -10.39 -3.69 -4.63
C ASN A 64 -9.48 -3.21 -5.73
N ASP A 65 -9.52 -3.88 -6.86
CA ASP A 65 -8.61 -3.60 -8.00
C ASP A 65 -8.59 -2.13 -8.39
N GLU A 66 -9.70 -1.48 -8.23
CA GLU A 66 -9.83 -0.10 -8.60
C GLU A 66 -9.15 0.84 -7.61
N GLU A 67 -9.13 0.44 -6.35
CA GLU A 67 -8.44 1.18 -5.31
C GLU A 67 -6.96 1.03 -5.47
N LEU A 68 -6.57 -0.12 -6.01
CA LEU A 68 -5.16 -0.43 -6.22
C LEU A 68 -4.58 0.55 -7.22
N VAL A 69 -5.30 0.73 -8.33
CA VAL A 69 -4.94 1.69 -9.34
C VAL A 69 -4.91 3.09 -8.73
N SER A 70 -5.84 3.35 -7.82
CA SER A 70 -5.96 4.64 -7.17
C SER A 70 -4.72 4.95 -6.33
N THR A 71 -4.33 4.03 -5.48
CA THR A 71 -3.18 4.23 -4.65
C THR A 71 -1.91 4.23 -5.48
N ALA A 72 -1.87 3.34 -6.45
CA ALA A 72 -0.73 3.24 -7.37
C ALA A 72 -0.50 4.54 -8.10
N ASP A 73 -1.54 5.06 -8.73
CA ASP A 73 -1.45 6.29 -9.52
C ASP A 73 -0.94 7.44 -8.66
N LYS A 74 -1.38 7.48 -7.40
CA LYS A 74 -0.93 8.50 -6.49
C LYS A 74 0.55 8.35 -6.12
N ILE A 75 1.06 7.13 -6.10
CA ILE A 75 2.48 6.91 -5.81
C ILE A 75 3.34 7.46 -6.95
N LYS A 76 2.84 7.34 -8.15
CA LYS A 76 3.53 7.88 -9.33
C LYS A 76 3.37 9.38 -9.40
N ALA A 77 2.28 9.86 -8.86
CA ALA A 77 2.02 11.28 -8.80
C ALA A 77 2.91 11.92 -7.76
N ASN A 78 3.13 11.21 -6.68
CA ASN A 78 3.93 11.71 -5.60
C ASN A 78 4.87 10.62 -5.15
N ALA A 79 6.02 10.58 -5.81
CA ALA A 79 7.01 9.52 -5.65
C ALA A 79 7.57 9.42 -4.24
N ALA A 80 7.66 10.53 -3.56
CA ALA A 80 8.21 10.57 -2.23
C ALA A 80 7.20 10.13 -1.19
N GLY A 81 5.93 10.37 -1.46
CA GLY A 81 4.91 10.08 -0.54
C GLY A 81 4.23 8.81 -0.85
N ALA A 82 5.00 7.82 -1.18
CA ALA A 82 4.45 6.52 -1.45
C ALA A 82 3.82 5.97 -0.18
N LYS A 83 4.45 6.28 0.95
CA LYS A 83 3.99 5.85 2.25
C LYS A 83 2.70 6.54 2.60
N GLU A 84 2.58 7.81 2.22
CA GLU A 84 1.43 8.58 2.61
C GLU A 84 0.18 8.06 1.93
N VAL A 85 0.32 7.70 0.64
CA VAL A 85 -0.79 7.15 -0.10
C VAL A 85 -1.26 5.85 0.59
N LEU A 86 -0.30 5.04 0.97
CA LEU A 86 -0.55 3.85 1.72
C LEU A 86 -1.17 4.14 3.08
N LYS A 87 -0.72 5.21 3.74
CA LYS A 87 -1.37 5.62 5.00
C LYS A 87 -2.85 6.00 4.77
N GLU A 88 -3.18 6.52 3.60
CA GLU A 88 -4.57 6.83 3.29
C GLU A 88 -5.35 5.56 3.01
N SER A 89 -4.73 4.66 2.28
CA SER A 89 -5.34 3.42 1.92
C SER A 89 -5.61 2.59 3.18
N ALA A 90 -4.64 2.58 4.08
CA ALA A 90 -4.78 1.87 5.36
C ALA A 90 -5.94 2.42 6.15
N LYS A 91 -6.08 3.74 6.11
CA LYS A 91 -7.16 4.43 6.77
C LYS A 91 -8.50 3.95 6.21
N THR A 92 -8.55 3.78 4.91
CA THR A 92 -9.75 3.33 4.23
C THR A 92 -10.09 1.88 4.64
N ILE A 93 -9.07 1.07 4.80
CA ILE A 93 -9.21 -0.31 5.16
C ILE A 93 -9.80 -0.45 6.56
N VAL A 94 -9.22 0.26 7.50
CA VAL A 94 -9.64 0.16 8.88
C VAL A 94 -10.99 0.82 9.09
N ASP A 95 -11.21 1.90 8.38
CA ASP A 95 -12.48 2.64 8.45
C ASP A 95 -13.61 1.81 7.90
N SER A 96 -13.24 0.86 7.06
CA SER A 96 -14.22 0.01 6.45
C SER A 96 -14.34 -1.32 7.21
N GLY A 97 -13.50 -1.50 8.23
CA GLY A 97 -13.52 -2.72 9.02
C GLY A 97 -12.96 -3.91 8.27
N LYS A 98 -12.11 -3.65 7.30
CA LYS A 98 -11.52 -4.73 6.52
C LYS A 98 -10.45 -5.42 7.36
N LEU A 99 -9.61 -4.61 7.98
CA LEU A 99 -8.55 -5.07 8.83
C LEU A 99 -8.47 -4.18 10.04
N PRO A 100 -8.00 -4.71 11.18
CA PRO A 100 -7.77 -3.92 12.36
C PRO A 100 -6.54 -3.07 12.20
N SER A 101 -6.52 -1.93 12.86
CA SER A 101 -5.39 -1.01 12.83
C SER A 101 -4.10 -1.70 13.26
N SER A 102 -4.24 -2.65 14.17
CA SER A 102 -3.14 -3.39 14.74
C SER A 102 -2.33 -4.15 13.67
N LEU A 103 -2.99 -4.53 12.58
CA LEU A 103 -2.33 -5.29 11.53
C LEU A 103 -1.65 -4.39 10.50
N LEU A 104 -1.92 -3.11 10.58
CA LEU A 104 -1.37 -2.14 9.65
C LEU A 104 -0.80 -0.97 10.43
N SER A 105 -0.35 -1.27 11.65
CA SER A 105 0.06 -0.25 12.63
C SER A 105 1.22 0.68 12.16
N TYR A 106 1.87 0.35 11.08
CA TYR A 106 2.92 1.21 10.56
C TYR A 106 2.30 2.35 9.75
N PHE A 107 1.19 2.06 9.10
CA PHE A 107 0.53 3.04 8.29
C PHE A 107 -0.65 3.64 9.04
N VAL A 108 -1.26 2.83 9.86
CA VAL A 108 -2.37 3.24 10.68
C VAL A 108 -2.10 2.84 12.15
N GLY A 21 -10.16 -2.92 -18.03
CA GLY A 21 -9.52 -3.77 -17.04
C GLY A 21 -8.85 -4.94 -17.69
N SER A 22 -8.15 -5.73 -16.90
CA SER A 22 -7.38 -6.85 -17.36
C SER A 22 -7.06 -7.71 -16.16
N LYS A 23 -6.81 -8.97 -16.35
CA LYS A 23 -6.54 -9.88 -15.24
C LYS A 23 -5.17 -9.60 -14.67
N ALA A 24 -4.25 -9.27 -15.55
CA ALA A 24 -2.89 -8.92 -15.18
C ALA A 24 -2.86 -7.60 -14.42
N ALA A 25 -3.85 -6.75 -14.67
CA ALA A 25 -3.92 -5.43 -14.05
C ALA A 25 -3.97 -5.54 -12.53
N LYS A 26 -4.66 -6.56 -12.01
CA LYS A 26 -4.74 -6.76 -10.57
C LYS A 26 -3.37 -7.10 -10.03
N LYS A 27 -2.78 -8.11 -10.64
CA LYS A 27 -1.46 -8.61 -10.28
C LYS A 27 -0.42 -7.49 -10.35
N LYS A 28 -0.45 -6.76 -11.45
CA LYS A 28 0.47 -5.70 -11.70
C LYS A 28 0.35 -4.61 -10.67
N ASN A 29 -0.88 -4.16 -10.43
CA ASN A 29 -1.07 -3.08 -9.47
C ASN A 29 -0.68 -3.48 -8.07
N LYS A 30 -1.02 -4.70 -7.66
CA LYS A 30 -0.66 -5.17 -6.32
C LYS A 30 0.85 -5.15 -6.09
N ARG A 31 1.61 -5.59 -7.07
CA ARG A 31 3.06 -5.55 -6.94
C ARG A 31 3.56 -4.12 -7.11
N ALA A 32 2.87 -3.33 -7.95
CA ALA A 32 3.26 -1.94 -8.20
C ALA A 32 3.13 -1.12 -6.94
N ILE A 33 2.09 -1.38 -6.18
CA ILE A 33 1.88 -0.70 -4.91
C ILE A 33 3.02 -1.04 -3.96
N ARG A 34 3.46 -2.31 -3.96
CA ARG A 34 4.59 -2.74 -3.13
C ARG A 34 5.87 -2.07 -3.56
N ASN A 35 6.02 -1.87 -4.87
CA ASN A 35 7.20 -1.18 -5.44
C ASN A 35 7.43 0.21 -4.90
N SER A 36 6.43 0.83 -4.30
CA SER A 36 6.61 2.14 -3.74
C SER A 36 7.68 2.11 -2.64
N ALA A 37 7.66 1.05 -1.83
CA ALA A 37 8.65 0.88 -0.77
C ALA A 37 10.04 0.63 -1.37
N LYS A 38 10.07 0.10 -2.56
CA LYS A 38 11.31 -0.12 -3.25
C LYS A 38 11.84 1.24 -3.75
N GLU A 39 11.00 1.94 -4.50
CA GLU A 39 11.39 3.17 -5.18
C GLU A 39 11.48 4.38 -4.25
N ALA A 40 10.70 4.39 -3.20
CA ALA A 40 10.69 5.52 -2.27
C ALA A 40 11.46 5.21 -1.02
N ASP A 41 12.12 4.06 -1.04
CA ASP A 41 12.94 3.53 0.07
C ASP A 41 12.04 2.98 1.16
N TYR A 42 12.63 2.22 2.06
CA TYR A 42 11.92 1.71 3.21
C TYR A 42 11.80 2.75 4.29
N PHE A 43 12.18 3.97 3.92
CA PHE A 43 11.98 5.19 4.67
C PHE A 43 12.83 5.18 5.95
N GLY A 44 13.83 4.32 5.97
CA GLY A 44 14.68 4.17 7.13
C GLY A 44 14.17 3.08 8.06
N ASP A 45 13.01 2.56 7.75
CA ASP A 45 12.37 1.51 8.55
C ASP A 45 12.59 0.16 7.87
N ALA A 46 13.72 0.03 7.23
CA ALA A 46 14.09 -1.16 6.50
C ALA A 46 14.22 -2.37 7.42
N ASP A 47 14.42 -2.13 8.71
CA ASP A 47 14.49 -3.21 9.67
C ASP A 47 13.13 -3.87 9.89
N LYS A 48 12.06 -3.18 9.51
CA LYS A 48 10.72 -3.76 9.60
C LYS A 48 10.20 -4.03 8.21
N ALA A 49 11.14 -4.15 7.25
CA ALA A 49 10.87 -4.44 5.84
C ALA A 49 9.87 -5.56 5.65
N THR A 50 10.02 -6.60 6.43
CA THR A 50 9.16 -7.75 6.32
C THR A 50 7.72 -7.36 6.63
N THR A 51 7.57 -6.56 7.67
CA THR A 51 6.30 -6.05 8.07
C THR A 51 5.79 -5.08 7.01
N ILE A 52 6.67 -4.23 6.49
CA ILE A 52 6.31 -3.26 5.46
C ILE A 52 5.71 -3.96 4.23
N ASP A 53 6.42 -4.95 3.68
CA ASP A 53 5.91 -5.68 2.50
C ASP A 53 4.65 -6.43 2.83
N GLU A 54 4.56 -6.89 4.05
CA GLU A 54 3.41 -7.62 4.52
C GLU A 54 2.20 -6.70 4.60
N GLN A 55 2.40 -5.54 5.22
CA GLN A 55 1.35 -4.57 5.39
C GLN A 55 0.86 -4.06 4.06
N VAL A 56 1.79 -3.69 3.19
CA VAL A 56 1.40 -3.17 1.87
C VAL A 56 0.58 -4.22 1.12
N GLY A 57 1.02 -5.47 1.19
CA GLY A 57 0.31 -6.52 0.53
C GLY A 57 -1.07 -6.78 1.12
N LEU A 58 -1.19 -6.75 2.44
CA LEU A 58 -2.50 -6.91 3.04
C LEU A 58 -3.42 -5.72 2.77
N ILE A 59 -2.82 -4.52 2.69
CA ILE A 59 -3.54 -3.33 2.24
C ILE A 59 -4.14 -3.57 0.85
N VAL A 60 -3.29 -3.94 -0.11
CA VAL A 60 -3.72 -4.10 -1.50
C VAL A 60 -4.72 -5.26 -1.66
N ASP A 61 -4.60 -6.26 -0.79
CA ASP A 61 -5.52 -7.40 -0.80
C ASP A 61 -6.90 -6.98 -0.32
N SER A 62 -6.92 -6.13 0.71
CA SER A 62 -8.16 -5.60 1.24
C SER A 62 -8.77 -4.58 0.27
N LEU A 63 -7.93 -4.02 -0.57
CA LEU A 63 -8.37 -3.08 -1.57
C LEU A 63 -8.76 -3.84 -2.81
N ASN A 64 -9.10 -3.13 -3.82
CA ASN A 64 -9.42 -3.71 -5.08
C ASN A 64 -8.58 -3.03 -6.12
N ASP A 65 -8.36 -3.69 -7.26
CA ASP A 65 -7.45 -3.18 -8.31
C ASP A 65 -7.76 -1.78 -8.75
N GLU A 66 -9.01 -1.40 -8.62
CA GLU A 66 -9.46 -0.05 -8.96
C GLU A 66 -8.84 0.96 -7.98
N GLU A 67 -8.92 0.62 -6.70
CA GLU A 67 -8.33 1.43 -5.63
C GLU A 67 -6.83 1.43 -5.74
N LEU A 68 -6.30 0.33 -6.23
CA LEU A 68 -4.87 0.19 -6.39
C LEU A 68 -4.36 1.22 -7.37
N VAL A 69 -5.12 1.42 -8.45
CA VAL A 69 -4.79 2.42 -9.44
C VAL A 69 -4.85 3.80 -8.81
N SER A 70 -5.83 3.99 -7.94
CA SER A 70 -6.01 5.25 -7.26
C SER A 70 -4.79 5.58 -6.38
N THR A 71 -4.38 4.62 -5.56
CA THR A 71 -3.24 4.81 -4.71
C THR A 71 -1.97 4.94 -5.55
N ALA A 72 -1.87 4.12 -6.58
CA ALA A 72 -0.72 4.11 -7.48
C ALA A 72 -0.55 5.44 -8.16
N ASP A 73 -1.63 5.99 -8.70
CA ASP A 73 -1.58 7.28 -9.42
C ASP A 73 -1.04 8.39 -8.52
N LYS A 74 -1.37 8.33 -7.24
CA LYS A 74 -0.84 9.29 -6.27
C LYS A 74 0.66 9.07 -6.07
N ILE A 75 1.07 7.82 -6.09
CA ILE A 75 2.48 7.46 -5.97
C ILE A 75 3.30 8.03 -7.16
N LYS A 76 2.67 8.08 -8.31
CA LYS A 76 3.31 8.69 -9.50
C LYS A 76 3.38 10.21 -9.38
N ALA A 77 2.53 10.78 -8.54
CA ALA A 77 2.53 12.21 -8.30
C ALA A 77 3.48 12.56 -7.18
N ASN A 78 3.69 11.61 -6.29
CA ASN A 78 4.56 11.77 -5.16
C ASN A 78 5.10 10.44 -4.68
N ALA A 79 6.17 10.00 -5.31
CA ALA A 79 6.78 8.71 -5.03
C ALA A 79 7.33 8.68 -3.63
N ALA A 80 7.99 9.76 -3.24
CA ALA A 80 8.61 9.88 -1.93
C ALA A 80 7.55 9.89 -0.84
N GLY A 81 6.33 10.19 -1.22
CA GLY A 81 5.26 10.22 -0.29
C GLY A 81 4.42 9.00 -0.45
N ALA A 82 5.07 7.87 -0.74
CA ALA A 82 4.36 6.61 -0.86
C ALA A 82 3.62 6.32 0.42
N LYS A 83 4.28 6.59 1.54
CA LYS A 83 3.67 6.39 2.82
C LYS A 83 2.43 7.21 3.01
N GLU A 84 2.43 8.42 2.50
CA GLU A 84 1.32 9.32 2.73
C GLU A 84 0.07 8.81 1.99
N VAL A 85 0.31 8.10 0.89
CA VAL A 85 -0.77 7.51 0.10
C VAL A 85 -1.24 6.23 0.77
N LEU A 86 -0.29 5.36 1.08
CA LEU A 86 -0.54 4.08 1.70
C LEU A 86 -1.23 4.19 3.05
N LYS A 87 -0.99 5.27 3.76
CA LYS A 87 -1.69 5.49 4.99
C LYS A 87 -3.16 5.78 4.74
N GLU A 88 -3.47 6.40 3.60
CA GLU A 88 -4.84 6.73 3.27
C GLU A 88 -5.64 5.46 3.05
N SER A 89 -5.09 4.57 2.26
CA SER A 89 -5.74 3.35 1.94
C SER A 89 -5.84 2.45 3.17
N ALA A 90 -4.74 2.37 3.91
CA ALA A 90 -4.70 1.59 5.15
C ALA A 90 -5.77 2.04 6.13
N LYS A 91 -5.85 3.35 6.32
CA LYS A 91 -6.81 3.96 7.22
C LYS A 91 -8.23 3.63 6.75
N THR A 92 -8.43 3.69 5.42
CA THR A 92 -9.74 3.41 4.82
C THR A 92 -10.14 1.94 5.06
N ILE A 93 -9.16 1.05 4.98
CA ILE A 93 -9.35 -0.36 5.22
C ILE A 93 -9.83 -0.61 6.64
N VAL A 94 -9.12 -0.03 7.58
CA VAL A 94 -9.44 -0.17 9.00
C VAL A 94 -10.81 0.46 9.27
N ASP A 95 -11.02 1.60 8.68
CA ASP A 95 -12.25 2.37 8.83
C ASP A 95 -13.46 1.61 8.30
N SER A 96 -13.24 0.82 7.25
CA SER A 96 -14.30 0.03 6.64
C SER A 96 -14.48 -1.32 7.34
N GLY A 97 -13.68 -1.57 8.37
CA GLY A 97 -13.81 -2.78 9.15
C GLY A 97 -13.14 -3.99 8.51
N LYS A 98 -12.34 -3.75 7.49
CA LYS A 98 -11.69 -4.84 6.79
C LYS A 98 -10.55 -5.42 7.59
N LEU A 99 -9.75 -4.55 8.14
CA LEU A 99 -8.63 -4.96 8.96
C LEU A 99 -8.54 -4.10 10.19
N PRO A 100 -8.16 -4.67 11.32
CA PRO A 100 -7.89 -3.90 12.52
C PRO A 100 -6.61 -3.10 12.35
N SER A 101 -6.56 -1.98 13.00
CA SER A 101 -5.44 -1.08 12.93
C SER A 101 -4.13 -1.74 13.35
N SER A 102 -4.22 -2.63 14.32
CA SER A 102 -3.06 -3.29 14.89
C SER A 102 -2.34 -4.21 13.90
N LEU A 103 -3.07 -4.71 12.87
CA LEU A 103 -2.45 -5.59 11.89
C LEU A 103 -1.59 -4.81 10.91
N LEU A 104 -1.71 -3.50 10.96
CA LEU A 104 -0.95 -2.64 10.11
C LEU A 104 -0.06 -1.74 10.94
N SER A 105 -0.67 -0.83 11.65
CA SER A 105 -0.03 0.15 12.54
C SER A 105 0.90 1.17 11.84
N TYR A 106 1.92 0.70 11.13
CA TYR A 106 2.90 1.58 10.47
C TYR A 106 2.22 2.50 9.44
N PHE A 107 1.13 2.06 8.88
CA PHE A 107 0.40 2.87 7.91
C PHE A 107 -0.95 3.30 8.45
N VAL A 108 -1.18 3.08 9.72
CA VAL A 108 -2.46 3.38 10.30
C VAL A 108 -2.29 4.23 11.54
N GLY A 21 -5.06 -5.40 -20.31
CA GLY A 21 -5.07 -6.66 -19.56
C GLY A 21 -5.68 -6.48 -18.19
N SER A 22 -6.95 -6.77 -18.07
CA SER A 22 -7.67 -6.59 -16.82
C SER A 22 -7.21 -7.61 -15.77
N LYS A 23 -6.87 -8.83 -16.19
CA LYS A 23 -6.39 -9.85 -15.25
C LYS A 23 -5.01 -9.48 -14.71
N ALA A 24 -4.18 -9.00 -15.60
CA ALA A 24 -2.82 -8.63 -15.27
C ALA A 24 -2.78 -7.45 -14.33
N ALA A 25 -3.55 -6.42 -14.66
CA ALA A 25 -3.56 -5.17 -13.90
C ALA A 25 -3.86 -5.36 -12.42
N LYS A 26 -4.79 -6.26 -12.10
CA LYS A 26 -5.17 -6.51 -10.71
C LYS A 26 -3.97 -6.99 -9.93
N LYS A 27 -3.36 -8.02 -10.46
CA LYS A 27 -2.20 -8.65 -9.87
C LYS A 27 -1.01 -7.69 -9.87
N LYS A 28 -0.82 -7.02 -11.00
CA LYS A 28 0.30 -6.11 -11.22
C LYS A 28 0.28 -4.97 -10.23
N ASN A 29 -0.87 -4.32 -10.11
CA ASN A 29 -1.01 -3.19 -9.20
C ASN A 29 -0.74 -3.57 -7.77
N LYS A 30 -1.17 -4.77 -7.38
CA LYS A 30 -0.92 -5.25 -6.03
C LYS A 30 0.58 -5.33 -5.73
N ARG A 31 1.35 -5.74 -6.72
CA ARG A 31 2.75 -5.79 -6.59
C ARG A 31 3.34 -4.36 -6.65
N ALA A 32 2.82 -3.56 -7.58
CA ALA A 32 3.32 -2.20 -7.82
C ALA A 32 3.18 -1.32 -6.58
N ILE A 33 2.11 -1.53 -5.84
CA ILE A 33 1.89 -0.80 -4.61
C ILE A 33 2.96 -1.15 -3.57
N ARG A 34 3.40 -2.42 -3.55
CA ARG A 34 4.44 -2.85 -2.62
C ARG A 34 5.78 -2.26 -3.01
N ASN A 35 5.97 -2.07 -4.30
CA ASN A 35 7.20 -1.51 -4.85
C ASN A 35 7.47 -0.08 -4.47
N SER A 36 6.44 0.63 -4.02
CA SER A 36 6.61 1.99 -3.60
C SER A 36 7.66 2.09 -2.49
N ALA A 37 7.65 1.09 -1.60
CA ALA A 37 8.64 1.00 -0.53
C ALA A 37 10.04 0.79 -1.10
N LYS A 38 10.14 0.21 -2.26
CA LYS A 38 11.39 0.05 -2.91
C LYS A 38 11.87 1.38 -3.52
N GLU A 39 10.98 2.03 -4.26
CA GLU A 39 11.31 3.25 -5.00
C GLU A 39 11.35 4.50 -4.10
N ALA A 40 10.60 4.51 -3.04
CA ALA A 40 10.55 5.66 -2.14
C ALA A 40 11.23 5.33 -0.83
N ASP A 41 11.88 4.17 -0.80
CA ASP A 41 12.58 3.62 0.39
C ASP A 41 11.58 3.11 1.41
N TYR A 42 12.07 2.38 2.38
CA TYR A 42 11.27 1.87 3.45
C TYR A 42 11.07 2.93 4.51
N PHE A 43 11.35 4.16 4.10
CA PHE A 43 11.10 5.38 4.83
C PHE A 43 11.96 5.42 6.06
N GLY A 44 13.10 4.75 5.96
CA GLY A 44 14.05 4.69 7.02
C GLY A 44 13.79 3.55 7.98
N ASP A 45 12.79 2.72 7.69
CA ASP A 45 12.46 1.65 8.61
C ASP A 45 12.56 0.29 7.88
N ALA A 46 13.65 0.15 7.18
CA ALA A 46 14.01 -1.00 6.38
C ALA A 46 14.20 -2.21 7.26
N ASP A 47 14.43 -1.95 8.54
CA ASP A 47 14.63 -3.00 9.55
C ASP A 47 13.43 -3.92 9.59
N LYS A 48 12.26 -3.39 9.29
CA LYS A 48 11.06 -4.19 9.27
C LYS A 48 10.47 -4.30 7.87
N ALA A 49 11.34 -4.23 6.86
CA ALA A 49 11.02 -4.38 5.46
C ALA A 49 10.08 -5.54 5.17
N THR A 50 10.29 -6.64 5.87
CA THR A 50 9.50 -7.82 5.64
C THR A 50 8.06 -7.55 6.04
N THR A 51 7.90 -6.91 7.18
CA THR A 51 6.62 -6.55 7.70
C THR A 51 5.99 -5.54 6.77
N ILE A 52 6.74 -4.47 6.45
CA ILE A 52 6.25 -3.38 5.60
C ILE A 52 5.71 -3.93 4.28
N ASP A 53 6.44 -4.85 3.68
CA ASP A 53 6.03 -5.47 2.43
C ASP A 53 4.69 -6.21 2.60
N GLU A 54 4.53 -6.90 3.71
CA GLU A 54 3.32 -7.66 3.99
C GLU A 54 2.17 -6.73 4.36
N GLN A 55 2.48 -5.65 5.07
CA GLN A 55 1.46 -4.68 5.49
C GLN A 55 0.84 -4.06 4.26
N VAL A 56 1.69 -3.63 3.34
CA VAL A 56 1.24 -3.07 2.08
C VAL A 56 0.46 -4.13 1.30
N GLY A 57 0.92 -5.37 1.39
CA GLY A 57 0.25 -6.46 0.72
C GLY A 57 -1.12 -6.74 1.28
N LEU A 58 -1.30 -6.51 2.58
CA LEU A 58 -2.61 -6.65 3.21
C LEU A 58 -3.51 -5.55 2.71
N ILE A 59 -2.92 -4.37 2.54
CA ILE A 59 -3.60 -3.21 2.02
C ILE A 59 -4.15 -3.49 0.61
N VAL A 60 -3.28 -3.90 -0.28
CA VAL A 60 -3.63 -4.14 -1.67
C VAL A 60 -4.64 -5.30 -1.83
N ASP A 61 -4.58 -6.24 -0.91
CA ASP A 61 -5.48 -7.40 -0.95
C ASP A 61 -6.87 -7.03 -0.44
N SER A 62 -6.92 -6.06 0.46
CA SER A 62 -8.18 -5.59 0.99
C SER A 62 -8.82 -4.53 0.08
N LEU A 63 -8.01 -3.96 -0.80
CA LEU A 63 -8.50 -2.99 -1.77
C LEU A 63 -8.90 -3.69 -3.04
N ASN A 64 -9.73 -3.06 -3.80
CA ASN A 64 -10.15 -3.57 -5.08
C ASN A 64 -9.27 -2.98 -6.16
N ASP A 65 -9.21 -3.65 -7.32
CA ASP A 65 -8.29 -3.27 -8.43
C ASP A 65 -8.41 -1.82 -8.84
N GLU A 66 -9.57 -1.27 -8.61
CA GLU A 66 -9.83 0.12 -8.95
C GLU A 66 -9.10 1.05 -8.01
N GLU A 67 -9.10 0.71 -6.75
CA GLU A 67 -8.45 1.53 -5.75
C GLU A 67 -6.96 1.36 -5.82
N LEU A 68 -6.54 0.16 -6.26
CA LEU A 68 -5.12 -0.17 -6.39
C LEU A 68 -4.43 0.79 -7.33
N VAL A 69 -5.04 0.99 -8.49
CA VAL A 69 -4.51 1.86 -9.49
C VAL A 69 -4.55 3.30 -9.00
N SER A 70 -5.60 3.63 -8.28
CA SER A 70 -5.77 4.96 -7.70
C SER A 70 -4.62 5.30 -6.73
N THR A 71 -4.33 4.40 -5.78
CA THR A 71 -3.23 4.60 -4.87
C THR A 71 -1.91 4.64 -5.63
N ALA A 72 -1.79 3.77 -6.61
CA ALA A 72 -0.62 3.72 -7.48
C ALA A 72 -0.35 5.06 -8.15
N ASP A 73 -1.37 5.63 -8.81
CA ASP A 73 -1.23 6.95 -9.47
C ASP A 73 -0.78 8.01 -8.48
N LYS A 74 -1.33 7.95 -7.27
CA LYS A 74 -0.92 8.89 -6.23
C LYS A 74 0.53 8.72 -5.87
N ILE A 75 1.03 7.50 -5.93
CA ILE A 75 2.43 7.23 -5.63
C ILE A 75 3.32 7.77 -6.74
N LYS A 76 2.87 7.67 -7.98
CA LYS A 76 3.63 8.18 -9.12
C LYS A 76 3.73 9.69 -9.10
N ALA A 77 2.69 10.33 -8.63
CA ALA A 77 2.64 11.78 -8.59
C ALA A 77 3.18 12.33 -7.27
N ASN A 78 3.33 11.49 -6.29
CA ASN A 78 3.77 11.91 -4.97
C ASN A 78 4.76 10.86 -4.49
N ALA A 79 5.72 10.55 -5.37
CA ALA A 79 6.71 9.48 -5.20
C ALA A 79 7.47 9.57 -3.90
N ALA A 80 7.83 10.76 -3.50
CA ALA A 80 8.61 10.95 -2.30
C ALA A 80 7.77 10.71 -1.05
N GLY A 81 6.46 10.65 -1.21
CA GLY A 81 5.60 10.42 -0.13
C GLY A 81 4.69 9.26 -0.38
N ALA A 82 5.25 8.16 -0.89
CA ALA A 82 4.46 6.92 -1.10
C ALA A 82 3.80 6.49 0.21
N LYS A 83 4.50 6.78 1.29
CA LYS A 83 4.08 6.48 2.65
C LYS A 83 2.76 7.17 2.95
N GLU A 84 2.59 8.38 2.45
CA GLU A 84 1.42 9.16 2.76
C GLU A 84 0.23 8.60 2.01
N VAL A 85 0.49 8.05 0.84
CA VAL A 85 -0.53 7.42 0.02
C VAL A 85 -0.92 6.10 0.68
N LEU A 86 0.07 5.41 1.19
CA LEU A 86 -0.14 4.16 1.86
C LEU A 86 -0.87 4.37 3.16
N LYS A 87 -0.56 5.45 3.86
CA LYS A 87 -1.32 5.80 5.05
C LYS A 87 -2.80 6.07 4.73
N GLU A 88 -3.08 6.54 3.50
CA GLU A 88 -4.45 6.85 3.12
C GLU A 88 -5.24 5.59 2.93
N SER A 89 -4.69 4.67 2.17
CA SER A 89 -5.34 3.44 1.88
C SER A 89 -5.48 2.58 3.14
N ALA A 90 -4.39 2.45 3.90
CA ALA A 90 -4.38 1.67 5.14
C ALA A 90 -5.49 2.10 6.09
N LYS A 91 -5.56 3.39 6.32
CA LYS A 91 -6.55 3.97 7.22
C LYS A 91 -7.97 3.72 6.71
N THR A 92 -8.15 3.87 5.40
CA THR A 92 -9.46 3.67 4.77
C THR A 92 -9.94 2.22 4.96
N ILE A 93 -9.01 1.31 4.85
CA ILE A 93 -9.27 -0.11 5.00
C ILE A 93 -9.74 -0.42 6.40
N VAL A 94 -9.06 0.15 7.37
CA VAL A 94 -9.40 -0.06 8.75
C VAL A 94 -10.77 0.54 9.06
N ASP A 95 -11.07 1.65 8.44
CA ASP A 95 -12.36 2.31 8.68
C ASP A 95 -13.51 1.56 7.98
N SER A 96 -13.19 0.87 6.89
CA SER A 96 -14.18 0.05 6.19
C SER A 96 -14.42 -1.28 6.92
N GLY A 97 -13.59 -1.57 7.90
CA GLY A 97 -13.76 -2.79 8.67
C GLY A 97 -13.13 -3.99 7.98
N LYS A 98 -12.18 -3.73 7.10
CA LYS A 98 -11.52 -4.79 6.38
C LYS A 98 -10.33 -5.33 7.16
N LEU A 99 -9.60 -4.43 7.80
CA LEU A 99 -8.47 -4.80 8.62
C LEU A 99 -8.47 -3.98 9.88
N PRO A 100 -8.06 -4.55 11.00
CA PRO A 100 -7.86 -3.80 12.23
C PRO A 100 -6.50 -3.07 12.17
N SER A 101 -6.40 -1.95 12.88
CA SER A 101 -5.17 -1.18 12.93
C SER A 101 -3.99 -2.02 13.42
N SER A 102 -4.27 -2.99 14.28
CA SER A 102 -3.25 -3.87 14.85
C SER A 102 -2.56 -4.74 13.77
N LEU A 103 -3.18 -4.88 12.60
CA LEU A 103 -2.60 -5.64 11.53
C LEU A 103 -1.67 -4.78 10.68
N LEU A 104 -1.82 -3.48 10.76
CA LEU A 104 -0.98 -2.61 10.02
C LEU A 104 -0.10 -1.87 11.01
N SER A 105 -0.64 -0.86 11.63
CA SER A 105 0.06 -0.08 12.68
C SER A 105 1.17 0.84 12.14
N TYR A 106 2.03 0.33 11.26
CA TYR A 106 3.07 1.16 10.65
C TYR A 106 2.45 2.34 9.91
N PHE A 107 1.35 2.08 9.19
CA PHE A 107 0.68 3.13 8.43
C PHE A 107 -0.59 3.65 9.12
N VAL A 108 -0.90 3.12 10.28
CA VAL A 108 -2.07 3.54 11.03
C VAL A 108 -1.74 3.72 12.51
N GLY A 21 -10.72 -9.06 -19.10
CA GLY A 21 -10.62 -7.77 -18.41
C GLY A 21 -9.18 -7.41 -18.16
N SER A 22 -8.94 -6.50 -17.25
CA SER A 22 -7.59 -6.01 -16.96
C SER A 22 -6.85 -6.93 -15.98
N LYS A 23 -6.89 -8.19 -16.29
CA LYS A 23 -6.33 -9.27 -15.51
C LYS A 23 -4.85 -9.07 -15.10
N ALA A 24 -4.03 -8.57 -16.01
CA ALA A 24 -2.63 -8.39 -15.73
C ALA A 24 -2.41 -7.18 -14.85
N ALA A 25 -3.22 -6.16 -15.05
CA ALA A 25 -3.10 -4.92 -14.29
C ALA A 25 -3.52 -5.13 -12.85
N LYS A 26 -4.50 -5.99 -12.63
CA LYS A 26 -5.03 -6.29 -11.29
C LYS A 26 -3.91 -6.75 -10.36
N LYS A 27 -3.17 -7.73 -10.83
CA LYS A 27 -2.08 -8.30 -10.07
C LYS A 27 -0.86 -7.37 -10.09
N LYS A 28 -0.61 -6.76 -11.24
CA LYS A 28 0.52 -5.84 -11.42
C LYS A 28 0.47 -4.66 -10.47
N ASN A 29 -0.69 -4.06 -10.33
CA ASN A 29 -0.85 -2.91 -9.47
C ASN A 29 -0.57 -3.24 -8.03
N LYS A 30 -0.90 -4.45 -7.63
CA LYS A 30 -0.65 -4.89 -6.27
C LYS A 30 0.84 -4.87 -5.94
N ARG A 31 1.67 -5.33 -6.87
CA ARG A 31 3.11 -5.30 -6.64
C ARG A 31 3.63 -3.88 -6.77
N ALA A 32 3.00 -3.09 -7.66
CA ALA A 32 3.41 -1.70 -7.92
C ALA A 32 3.24 -0.87 -6.66
N ILE A 33 2.19 -1.16 -5.92
CA ILE A 33 1.93 -0.51 -4.67
C ILE A 33 2.96 -0.93 -3.61
N ARG A 34 3.42 -2.19 -3.68
CA ARG A 34 4.46 -2.69 -2.77
C ARG A 34 5.79 -2.04 -3.10
N ASN A 35 5.96 -1.74 -4.38
CA ASN A 35 7.16 -1.08 -4.91
C ASN A 35 7.43 0.26 -4.25
N SER A 36 6.43 0.85 -3.58
CA SER A 36 6.59 2.11 -2.87
C SER A 36 7.79 2.08 -1.92
N ALA A 37 7.89 1.03 -1.12
CA ALA A 37 8.97 0.89 -0.16
C ALA A 37 10.31 0.63 -0.86
N LYS A 38 10.25 0.04 -2.01
CA LYS A 38 11.43 -0.20 -2.79
C LYS A 38 11.93 1.10 -3.43
N GLU A 39 11.03 1.76 -4.14
CA GLU A 39 11.33 2.93 -4.94
C GLU A 39 11.46 4.20 -4.12
N ALA A 40 10.76 4.29 -3.03
CA ALA A 40 10.77 5.49 -2.22
C ALA A 40 11.37 5.23 -0.86
N ASP A 41 12.08 4.10 -0.75
CA ASP A 41 12.80 3.68 0.47
C ASP A 41 11.81 3.13 1.51
N TYR A 42 12.31 2.36 2.46
CA TYR A 42 11.50 1.81 3.53
C TYR A 42 11.23 2.85 4.61
N PHE A 43 11.52 4.09 4.25
CA PHE A 43 11.21 5.30 5.01
C PHE A 43 11.98 5.34 6.33
N GLY A 44 13.07 4.60 6.38
CA GLY A 44 13.89 4.53 7.58
C GLY A 44 13.50 3.38 8.48
N ASP A 45 12.59 2.55 8.01
CA ASP A 45 12.10 1.40 8.76
C ASP A 45 12.42 0.11 8.03
N ALA A 46 13.58 0.08 7.44
CA ALA A 46 14.09 -1.05 6.68
C ALA A 46 14.22 -2.31 7.54
N ASP A 47 14.32 -2.13 8.84
CA ASP A 47 14.42 -3.26 9.77
C ASP A 47 13.10 -3.98 9.94
N LYS A 48 12.02 -3.34 9.51
CA LYS A 48 10.72 -3.97 9.57
C LYS A 48 10.19 -4.16 8.15
N ALA A 49 11.12 -4.20 7.17
CA ALA A 49 10.85 -4.43 5.77
C ALA A 49 9.87 -5.58 5.52
N THR A 50 10.02 -6.65 6.27
CA THR A 50 9.19 -7.80 6.09
C THR A 50 7.77 -7.50 6.55
N THR A 51 7.66 -6.77 7.64
CA THR A 51 6.41 -6.36 8.17
C THR A 51 5.74 -5.39 7.20
N ILE A 52 6.51 -4.39 6.75
CA ILE A 52 6.04 -3.40 5.78
C ILE A 52 5.50 -4.09 4.53
N ASP A 53 6.27 -5.05 4.02
CA ASP A 53 5.90 -5.82 2.83
C ASP A 53 4.54 -6.50 3.03
N GLU A 54 4.36 -7.14 4.19
CA GLU A 54 3.11 -7.82 4.50
C GLU A 54 1.96 -6.83 4.60
N GLN A 55 2.17 -5.75 5.33
CA GLN A 55 1.15 -4.73 5.56
C GLN A 55 0.66 -4.15 4.24
N VAL A 56 1.60 -3.75 3.38
CA VAL A 56 1.26 -3.19 2.08
C VAL A 56 0.48 -4.22 1.26
N GLY A 57 0.91 -5.46 1.32
CA GLY A 57 0.23 -6.51 0.60
C GLY A 57 -1.16 -6.75 1.12
N LEU A 58 -1.34 -6.62 2.43
CA LEU A 58 -2.65 -6.74 3.04
C LEU A 58 -3.54 -5.59 2.56
N ILE A 59 -2.96 -4.40 2.49
CA ILE A 59 -3.65 -3.21 1.99
C ILE A 59 -4.15 -3.43 0.57
N VAL A 60 -3.26 -3.85 -0.32
CA VAL A 60 -3.60 -4.03 -1.74
C VAL A 60 -4.64 -5.13 -1.93
N ASP A 61 -4.64 -6.11 -1.04
CA ASP A 61 -5.58 -7.20 -1.14
C ASP A 61 -6.94 -6.81 -0.58
N SER A 62 -6.96 -6.00 0.45
CA SER A 62 -8.21 -5.52 1.01
C SER A 62 -8.83 -4.48 0.06
N LEU A 63 -7.99 -3.83 -0.73
CA LEU A 63 -8.45 -2.90 -1.73
C LEU A 63 -8.92 -3.65 -2.96
N ASN A 64 -9.59 -2.96 -3.83
CA ASN A 64 -10.05 -3.51 -5.07
C ASN A 64 -9.20 -2.98 -6.21
N ASP A 65 -9.16 -3.71 -7.33
CA ASP A 65 -8.28 -3.38 -8.49
C ASP A 65 -8.42 -1.96 -8.97
N GLU A 66 -9.58 -1.40 -8.77
CA GLU A 66 -9.84 -0.04 -9.18
C GLU A 66 -9.07 0.95 -8.32
N GLU A 67 -9.12 0.74 -7.02
CA GLU A 67 -8.45 1.61 -6.06
C GLU A 67 -6.95 1.44 -6.16
N LEU A 68 -6.52 0.24 -6.53
CA LEU A 68 -5.10 -0.07 -6.67
C LEU A 68 -4.45 0.88 -7.66
N VAL A 69 -5.14 1.09 -8.78
CA VAL A 69 -4.68 1.97 -9.80
C VAL A 69 -4.61 3.39 -9.26
N SER A 70 -5.60 3.76 -8.46
CA SER A 70 -5.69 5.08 -7.90
C SER A 70 -4.54 5.38 -6.93
N THR A 71 -4.27 4.45 -6.02
CA THR A 71 -3.20 4.61 -5.06
C THR A 71 -1.86 4.59 -5.76
N ALA A 72 -1.71 3.68 -6.70
CA ALA A 72 -0.49 3.56 -7.48
C ALA A 72 -0.24 4.83 -8.29
N ASP A 73 -1.31 5.37 -8.85
CA ASP A 73 -1.27 6.62 -9.61
C ASP A 73 -0.78 7.77 -8.73
N LYS A 74 -1.13 7.72 -7.45
CA LYS A 74 -0.70 8.74 -6.53
C LYS A 74 0.78 8.59 -6.23
N ILE A 75 1.24 7.35 -6.10
CA ILE A 75 2.67 7.08 -5.85
C ILE A 75 3.48 7.43 -7.09
N LYS A 76 2.91 7.10 -8.22
CA LYS A 76 3.43 7.40 -9.52
C LYS A 76 3.63 8.91 -9.69
N ALA A 77 2.64 9.67 -9.28
CA ALA A 77 2.67 11.12 -9.46
C ALA A 77 3.40 11.80 -8.34
N ASN A 78 3.50 11.11 -7.24
CA ASN A 78 4.17 11.65 -6.08
C ASN A 78 4.87 10.55 -5.29
N ALA A 79 6.11 10.28 -5.67
CA ALA A 79 6.93 9.27 -4.98
C ALA A 79 7.22 9.70 -3.56
N ALA A 80 7.32 11.00 -3.36
CA ALA A 80 7.61 11.58 -2.07
C ALA A 80 6.50 11.26 -1.07
N GLY A 81 5.33 10.97 -1.56
CA GLY A 81 4.25 10.67 -0.71
C GLY A 81 3.76 9.28 -0.94
N ALA A 82 4.68 8.37 -1.18
CA ALA A 82 4.30 6.98 -1.36
C ALA A 82 3.64 6.46 -0.08
N LYS A 83 4.29 6.73 1.04
CA LYS A 83 3.82 6.28 2.33
C LYS A 83 2.49 6.90 2.66
N GLU A 84 2.30 8.17 2.29
CA GLU A 84 1.07 8.88 2.61
C GLU A 84 -0.10 8.24 1.87
N VAL A 85 0.18 7.69 0.70
CA VAL A 85 -0.84 7.02 -0.10
C VAL A 85 -1.20 5.70 0.58
N LEU A 86 -0.18 4.98 1.03
CA LEU A 86 -0.39 3.77 1.79
C LEU A 86 -1.13 4.07 3.06
N LYS A 87 -0.77 5.16 3.73
CA LYS A 87 -1.49 5.55 4.93
C LYS A 87 -2.95 5.93 4.65
N GLU A 88 -3.24 6.46 3.45
CA GLU A 88 -4.58 6.90 3.09
C GLU A 88 -5.45 5.64 2.96
N SER A 89 -4.95 4.69 2.22
CA SER A 89 -5.65 3.47 1.99
C SER A 89 -5.78 2.64 3.27
N ALA A 90 -4.69 2.54 4.03
CA ALA A 90 -4.68 1.82 5.30
C ALA A 90 -5.74 2.37 6.25
N LYS A 91 -5.76 3.68 6.39
CA LYS A 91 -6.72 4.35 7.25
C LYS A 91 -8.16 4.02 6.81
N THR A 92 -8.37 4.06 5.52
CA THR A 92 -9.67 3.73 4.93
C THR A 92 -10.09 2.29 5.29
N ILE A 93 -9.14 1.37 5.20
CA ILE A 93 -9.38 -0.04 5.46
C ILE A 93 -9.73 -0.29 6.93
N VAL A 94 -8.95 0.30 7.82
CA VAL A 94 -9.12 0.09 9.24
C VAL A 94 -10.38 0.76 9.73
N ASP A 95 -10.70 1.87 9.12
CA ASP A 95 -11.91 2.63 9.46
C ASP A 95 -13.13 1.85 9.05
N SER A 96 -12.93 0.91 8.16
CA SER A 96 -14.01 0.08 7.67
C SER A 96 -14.07 -1.24 8.44
N GLY A 97 -13.08 -1.46 9.31
CA GLY A 97 -13.03 -2.69 10.06
C GLY A 97 -12.66 -3.88 9.20
N LYS A 98 -12.03 -3.62 8.07
CA LYS A 98 -11.62 -4.67 7.18
C LYS A 98 -10.36 -5.31 7.67
N LEU A 99 -9.46 -4.47 8.12
CA LEU A 99 -8.25 -4.91 8.75
C LEU A 99 -8.06 -4.15 10.03
N PRO A 100 -7.67 -4.84 11.10
CA PRO A 100 -7.41 -4.19 12.37
C PRO A 100 -6.16 -3.33 12.27
N SER A 101 -6.13 -2.26 13.06
CA SER A 101 -5.02 -1.35 13.10
C SER A 101 -3.71 -2.07 13.43
N SER A 102 -3.82 -3.16 14.20
CA SER A 102 -2.68 -3.96 14.60
C SER A 102 -1.95 -4.56 13.37
N LEU A 103 -2.70 -4.86 12.31
CA LEU A 103 -2.11 -5.48 11.14
C LEU A 103 -1.48 -4.46 10.21
N LEU A 104 -1.88 -3.23 10.33
CA LEU A 104 -1.38 -2.18 9.46
C LEU A 104 -0.73 -1.10 10.30
N SER A 105 -0.17 -1.52 11.42
CA SER A 105 0.40 -0.64 12.46
C SER A 105 1.37 0.42 11.92
N TYR A 106 2.12 0.10 10.89
CA TYR A 106 3.09 1.03 10.36
C TYR A 106 2.43 2.14 9.54
N PHE A 107 1.28 1.85 8.98
CA PHE A 107 0.60 2.82 8.17
C PHE A 107 -0.61 3.40 8.88
N VAL A 108 -1.00 2.76 9.96
CA VAL A 108 -2.11 3.21 10.75
C VAL A 108 -1.61 3.51 12.15
N GLY A 21 -7.98 -5.33 -18.71
CA GLY A 21 -9.01 -5.38 -17.70
C GLY A 21 -8.44 -5.09 -16.33
N SER A 22 -9.31 -4.82 -15.38
CA SER A 22 -8.90 -4.47 -14.04
C SER A 22 -8.26 -5.66 -13.32
N LYS A 23 -8.71 -6.88 -13.62
CA LYS A 23 -8.19 -8.08 -12.95
C LYS A 23 -6.71 -8.28 -13.27
N ALA A 24 -6.33 -8.02 -14.51
CA ALA A 24 -4.95 -8.15 -14.95
C ALA A 24 -4.10 -7.06 -14.33
N ALA A 25 -4.72 -5.92 -14.13
CA ALA A 25 -4.09 -4.77 -13.55
C ALA A 25 -3.85 -4.99 -12.07
N LYS A 26 -4.76 -5.73 -11.41
CA LYS A 26 -4.65 -5.99 -9.98
C LYS A 26 -3.31 -6.59 -9.62
N LYS A 27 -2.93 -7.67 -10.29
CA LYS A 27 -1.68 -8.37 -10.03
C LYS A 27 -0.49 -7.44 -10.23
N LYS A 28 -0.60 -6.65 -11.27
CA LYS A 28 0.40 -5.66 -11.62
C LYS A 28 0.48 -4.57 -10.53
N ASN A 29 -0.66 -4.04 -10.15
CA ASN A 29 -0.76 -2.96 -9.17
C ASN A 29 -0.32 -3.41 -7.79
N LYS A 30 -0.75 -4.60 -7.37
CA LYS A 30 -0.39 -5.14 -6.04
C LYS A 30 1.13 -5.18 -5.88
N ARG A 31 1.79 -5.48 -6.97
CA ARG A 31 3.21 -5.53 -7.02
C ARG A 31 3.78 -4.11 -7.00
N ALA A 32 3.22 -3.25 -7.84
CA ALA A 32 3.66 -1.86 -7.98
C ALA A 32 3.56 -1.11 -6.66
N ILE A 33 2.51 -1.37 -5.93
CA ILE A 33 2.29 -0.72 -4.64
C ILE A 33 3.38 -1.16 -3.67
N ARG A 34 3.78 -2.42 -3.71
CA ARG A 34 4.85 -2.92 -2.83
C ARG A 34 6.20 -2.36 -3.28
N ASN A 35 6.34 -2.17 -4.58
CA ASN A 35 7.58 -1.67 -5.17
C ASN A 35 7.90 -0.25 -4.78
N SER A 36 6.90 0.50 -4.35
CA SER A 36 7.10 1.88 -3.97
C SER A 36 8.11 1.98 -2.82
N ALA A 37 8.02 1.05 -1.87
CA ALA A 37 8.90 0.99 -0.73
C ALA A 37 10.39 0.88 -1.14
N LYS A 38 10.66 0.32 -2.30
CA LYS A 38 12.03 0.22 -2.75
C LYS A 38 12.55 1.59 -3.20
N GLU A 39 11.82 2.19 -4.12
CA GLU A 39 12.22 3.45 -4.74
C GLU A 39 11.98 4.68 -3.86
N ALA A 40 11.02 4.61 -2.98
CA ALA A 40 10.72 5.71 -2.08
C ALA A 40 11.39 5.50 -0.74
N ASP A 41 12.14 4.40 -0.65
CA ASP A 41 12.80 3.94 0.57
C ASP A 41 11.82 3.38 1.56
N TYR A 42 12.33 2.67 2.53
CA TYR A 42 11.53 2.10 3.59
C TYR A 42 11.25 3.11 4.67
N PHE A 43 11.45 4.37 4.30
CA PHE A 43 11.08 5.53 5.10
C PHE A 43 11.88 5.58 6.41
N GLY A 44 13.02 4.89 6.42
CA GLY A 44 13.88 4.84 7.59
C GLY A 44 13.57 3.64 8.47
N ASP A 45 12.61 2.86 8.05
CA ASP A 45 12.18 1.68 8.79
C ASP A 45 12.52 0.41 8.03
N ALA A 46 13.70 0.39 7.47
CA ALA A 46 14.17 -0.74 6.70
C ALA A 46 14.34 -1.98 7.57
N ASP A 47 14.49 -1.79 8.87
CA ASP A 47 14.64 -2.91 9.81
C ASP A 47 13.34 -3.69 9.97
N LYS A 48 12.24 -3.11 9.54
CA LYS A 48 10.95 -3.78 9.60
C LYS A 48 10.43 -3.98 8.18
N ALA A 49 11.36 -4.00 7.23
CA ALA A 49 11.11 -4.19 5.79
C ALA A 49 10.13 -5.30 5.49
N THR A 50 10.27 -6.42 6.16
CA THR A 50 9.41 -7.55 5.91
C THR A 50 7.99 -7.23 6.39
N THR A 51 7.91 -6.59 7.53
CA THR A 51 6.66 -6.17 8.10
C THR A 51 6.01 -5.18 7.15
N ILE A 52 6.78 -4.18 6.70
CA ILE A 52 6.31 -3.17 5.77
C ILE A 52 5.75 -3.80 4.50
N ASP A 53 6.56 -4.65 3.83
CA ASP A 53 6.11 -5.31 2.59
C ASP A 53 4.88 -6.16 2.80
N GLU A 54 4.82 -6.82 3.93
CA GLU A 54 3.67 -7.64 4.26
C GLU A 54 2.42 -6.76 4.41
N GLN A 55 2.56 -5.68 5.18
CA GLN A 55 1.45 -4.75 5.44
C GLN A 55 0.90 -4.19 4.16
N VAL A 56 1.80 -3.81 3.25
CA VAL A 56 1.41 -3.27 1.96
C VAL A 56 0.53 -4.28 1.23
N GLY A 57 0.87 -5.54 1.32
CA GLY A 57 0.12 -6.57 0.68
C GLY A 57 -1.29 -6.71 1.24
N LEU A 58 -1.42 -6.71 2.58
CA LEU A 58 -2.72 -6.72 3.21
C LEU A 58 -3.56 -5.54 2.75
N ILE A 59 -2.91 -4.40 2.56
CA ILE A 59 -3.56 -3.20 2.06
C ILE A 59 -4.06 -3.43 0.63
N VAL A 60 -3.17 -3.85 -0.26
CA VAL A 60 -3.50 -4.01 -1.68
C VAL A 60 -4.52 -5.12 -1.93
N ASP A 61 -4.52 -6.13 -1.09
CA ASP A 61 -5.46 -7.22 -1.25
C ASP A 61 -6.84 -6.84 -0.73
N SER A 62 -6.86 -5.92 0.23
CA SER A 62 -8.11 -5.46 0.83
C SER A 62 -8.73 -4.31 0.02
N LEU A 63 -8.02 -3.83 -0.96
CA LEU A 63 -8.53 -2.82 -1.84
C LEU A 63 -9.05 -3.49 -3.09
N ASN A 64 -9.78 -2.75 -3.88
CA ASN A 64 -10.27 -3.22 -5.15
C ASN A 64 -9.30 -2.80 -6.22
N ASP A 65 -9.41 -3.45 -7.39
CA ASP A 65 -8.50 -3.23 -8.56
C ASP A 65 -8.38 -1.75 -8.90
N GLU A 66 -9.46 -1.06 -8.63
CA GLU A 66 -9.62 0.33 -8.97
C GLU A 66 -8.80 1.21 -8.06
N GLU A 67 -8.93 0.98 -6.77
CA GLU A 67 -8.16 1.71 -5.79
C GLU A 67 -6.69 1.40 -5.91
N LEU A 68 -6.38 0.17 -6.36
CA LEU A 68 -4.99 -0.27 -6.54
C LEU A 68 -4.27 0.62 -7.53
N VAL A 69 -4.90 0.85 -8.67
CA VAL A 69 -4.33 1.67 -9.68
C VAL A 69 -4.34 3.13 -9.24
N SER A 70 -5.35 3.48 -8.49
CA SER A 70 -5.49 4.84 -7.98
C SER A 70 -4.38 5.17 -6.97
N THR A 71 -4.06 4.24 -6.07
CA THR A 71 -2.98 4.44 -5.15
C THR A 71 -1.68 4.54 -5.91
N ALA A 72 -1.49 3.66 -6.86
CA ALA A 72 -0.33 3.70 -7.76
C ALA A 72 -0.26 5.03 -8.52
N ASP A 73 -1.42 5.51 -8.94
CA ASP A 73 -1.57 6.80 -9.65
C ASP A 73 -1.14 7.95 -8.76
N LYS A 74 -1.32 7.80 -7.49
CA LYS A 74 -0.83 8.75 -6.53
C LYS A 74 0.69 8.60 -6.33
N ILE A 75 1.14 7.36 -6.20
CA ILE A 75 2.56 7.04 -5.96
C ILE A 75 3.45 7.45 -7.16
N LYS A 76 2.93 7.35 -8.34
CA LYS A 76 3.69 7.71 -9.54
C LYS A 76 3.90 9.23 -9.62
N ALA A 77 2.90 9.98 -9.23
CA ALA A 77 2.95 11.43 -9.32
C ALA A 77 3.70 11.96 -8.15
N ASN A 78 3.76 11.16 -7.15
CA ASN A 78 4.46 11.51 -5.93
C ASN A 78 5.11 10.29 -5.31
N ALA A 79 6.33 10.01 -5.75
CA ALA A 79 7.09 8.87 -5.27
C ALA A 79 7.42 9.03 -3.82
N ALA A 80 7.75 10.25 -3.44
CA ALA A 80 8.13 10.57 -2.09
C ALA A 80 6.97 10.32 -1.14
N GLY A 81 5.76 10.42 -1.65
CA GLY A 81 4.61 10.25 -0.82
C GLY A 81 4.00 8.90 -0.98
N ALA A 82 4.79 7.89 -1.29
CA ALA A 82 4.28 6.54 -1.43
C ALA A 82 3.61 6.11 -0.12
N LYS A 83 4.23 6.47 0.98
CA LYS A 83 3.73 6.13 2.29
C LYS A 83 2.41 6.82 2.55
N GLU A 84 2.27 8.07 2.08
CA GLU A 84 1.07 8.86 2.35
C GLU A 84 -0.12 8.21 1.67
N VAL A 85 0.14 7.61 0.52
CA VAL A 85 -0.88 6.94 -0.23
C VAL A 85 -1.29 5.67 0.50
N LEU A 86 -0.30 4.89 0.88
CA LEU A 86 -0.51 3.67 1.63
C LEU A 86 -1.20 3.93 2.94
N LYS A 87 -0.78 4.97 3.65
CA LYS A 87 -1.46 5.34 4.88
C LYS A 87 -2.90 5.74 4.62
N GLU A 88 -3.17 6.31 3.44
CA GLU A 88 -4.49 6.78 3.12
C GLU A 88 -5.44 5.61 3.01
N SER A 89 -5.02 4.63 2.27
CA SER A 89 -5.78 3.44 2.10
C SER A 89 -5.84 2.64 3.39
N ALA A 90 -4.71 2.51 4.09
CA ALA A 90 -4.64 1.75 5.35
C ALA A 90 -5.70 2.20 6.35
N LYS A 91 -5.77 3.52 6.57
CA LYS A 91 -6.73 4.06 7.52
C LYS A 91 -8.16 3.79 7.04
N THR A 92 -8.36 3.85 5.74
CA THR A 92 -9.66 3.63 5.14
C THR A 92 -10.08 2.15 5.27
N ILE A 93 -9.11 1.27 5.14
CA ILE A 93 -9.33 -0.17 5.24
C ILE A 93 -9.73 -0.55 6.67
N VAL A 94 -9.10 0.08 7.65
CA VAL A 94 -9.43 -0.15 9.05
C VAL A 94 -10.79 0.48 9.34
N ASP A 95 -11.06 1.56 8.66
CA ASP A 95 -12.30 2.31 8.83
C ASP A 95 -13.49 1.55 8.27
N SER A 96 -13.29 0.91 7.14
CA SER A 96 -14.35 0.15 6.50
C SER A 96 -14.55 -1.22 7.19
N GLY A 97 -13.60 -1.60 8.02
CA GLY A 97 -13.71 -2.83 8.75
C GLY A 97 -13.14 -4.01 7.98
N LYS A 98 -12.24 -3.74 7.07
CA LYS A 98 -11.62 -4.79 6.32
C LYS A 98 -10.46 -5.40 7.08
N LEU A 99 -9.64 -4.56 7.67
CA LEU A 99 -8.50 -5.00 8.43
C LEU A 99 -8.47 -4.33 9.76
N PRO A 100 -8.10 -5.04 10.81
CA PRO A 100 -7.89 -4.46 12.12
C PRO A 100 -6.60 -3.63 12.10
N SER A 101 -6.54 -2.60 12.93
CA SER A 101 -5.40 -1.71 13.00
C SER A 101 -4.14 -2.48 13.40
N SER A 102 -4.33 -3.53 14.18
CA SER A 102 -3.27 -4.36 14.70
C SER A 102 -2.50 -5.11 13.57
N LEU A 103 -3.12 -5.22 12.39
CA LEU A 103 -2.47 -5.89 11.27
C LEU A 103 -1.57 -4.95 10.51
N LEU A 104 -1.65 -3.68 10.85
CA LEU A 104 -0.82 -2.70 10.22
C LEU A 104 -0.02 -1.97 11.31
N SER A 105 -0.66 -1.04 11.95
CA SER A 105 -0.09 -0.23 13.04
C SER A 105 0.92 0.81 12.51
N TYR A 106 1.75 0.39 11.56
CA TYR A 106 2.73 1.28 10.96
C TYR A 106 2.04 2.32 10.08
N PHE A 107 1.23 1.85 9.14
CA PHE A 107 0.53 2.76 8.22
C PHE A 107 -0.81 3.25 8.80
N VAL A 108 -1.14 2.77 9.97
CA VAL A 108 -2.40 3.09 10.57
C VAL A 108 -2.21 3.86 11.87
N GLY A 21 -7.72 -5.38 -18.55
CA GLY A 21 -8.49 -6.31 -17.73
C GLY A 21 -8.24 -6.06 -16.27
N SER A 22 -9.33 -5.98 -15.50
CA SER A 22 -9.31 -5.71 -14.08
C SER A 22 -8.31 -6.58 -13.32
N LYS A 23 -8.49 -7.88 -13.41
CA LYS A 23 -7.72 -8.81 -12.60
C LYS A 23 -6.28 -8.96 -13.07
N ALA A 24 -6.07 -8.77 -14.36
CA ALA A 24 -4.73 -8.85 -14.92
C ALA A 24 -3.91 -7.66 -14.47
N ALA A 25 -4.48 -6.48 -14.58
CA ALA A 25 -3.81 -5.25 -14.17
C ALA A 25 -3.70 -5.20 -12.66
N LYS A 26 -4.65 -5.84 -11.99
CA LYS A 26 -4.71 -5.92 -10.56
C LYS A 26 -3.46 -6.57 -10.02
N LYS A 27 -3.04 -7.66 -10.63
CA LYS A 27 -1.85 -8.37 -10.17
C LYS A 27 -0.61 -7.48 -10.28
N LYS A 28 -0.48 -6.80 -11.41
CA LYS A 28 0.62 -5.89 -11.65
C LYS A 28 0.61 -4.70 -10.68
N ASN A 29 -0.54 -4.05 -10.54
CA ASN A 29 -0.66 -2.88 -9.68
C ASN A 29 -0.50 -3.25 -8.22
N LYS A 30 -0.96 -4.43 -7.88
CA LYS A 30 -0.90 -4.94 -6.53
C LYS A 30 0.54 -5.01 -6.05
N ARG A 31 1.40 -5.54 -6.89
CA ARG A 31 2.80 -5.59 -6.54
C ARG A 31 3.43 -4.20 -6.67
N ALA A 32 2.95 -3.42 -7.62
CA ALA A 32 3.47 -2.06 -7.88
C ALA A 32 3.35 -1.17 -6.66
N ILE A 33 2.27 -1.35 -5.92
CA ILE A 33 2.04 -0.61 -4.68
C ILE A 33 3.12 -0.99 -3.66
N ARG A 34 3.42 -2.26 -3.61
CA ARG A 34 4.40 -2.81 -2.68
C ARG A 34 5.82 -2.38 -3.07
N ASN A 35 6.02 -2.19 -4.37
CA ASN A 35 7.29 -1.68 -4.91
C ASN A 35 7.62 -0.27 -4.42
N SER A 36 6.61 0.48 -3.95
CA SER A 36 6.82 1.82 -3.47
C SER A 36 7.82 1.83 -2.31
N ALA A 37 7.78 0.81 -1.49
CA ALA A 37 8.73 0.71 -0.37
C ALA A 37 10.16 0.52 -0.89
N LYS A 38 10.31 -0.07 -2.04
CA LYS A 38 11.59 -0.20 -2.65
C LYS A 38 12.03 1.14 -3.28
N GLU A 39 11.14 1.68 -4.09
CA GLU A 39 11.44 2.88 -4.89
C GLU A 39 11.38 4.19 -4.09
N ALA A 40 10.60 4.23 -3.05
CA ALA A 40 10.45 5.43 -2.25
C ALA A 40 11.01 5.20 -0.86
N ASP A 41 11.79 4.13 -0.73
CA ASP A 41 12.49 3.74 0.51
C ASP A 41 11.52 3.12 1.52
N TYR A 42 12.05 2.41 2.49
CA TYR A 42 11.27 1.82 3.56
C TYR A 42 10.99 2.82 4.65
N PHE A 43 11.22 4.09 4.31
CA PHE A 43 10.89 5.24 5.11
C PHE A 43 11.70 5.24 6.40
N GLY A 44 12.90 4.67 6.31
CA GLY A 44 13.80 4.58 7.43
C GLY A 44 13.65 3.28 8.20
N ASP A 45 12.67 2.50 7.84
CA ASP A 45 12.42 1.22 8.49
C ASP A 45 12.75 0.06 7.59
N ALA A 46 13.90 0.16 6.95
CA ALA A 46 14.40 -0.83 6.01
C ALA A 46 14.65 -2.20 6.66
N ASP A 47 14.85 -2.19 7.97
CA ASP A 47 15.07 -3.44 8.72
C ASP A 47 13.76 -4.13 8.97
N LYS A 48 12.69 -3.38 8.85
CA LYS A 48 11.37 -3.82 9.07
C LYS A 48 10.73 -4.13 7.71
N ALA A 49 11.58 -4.19 6.67
CA ALA A 49 11.22 -4.49 5.30
C ALA A 49 10.25 -5.64 5.16
N THR A 50 10.52 -6.73 5.83
CA THR A 50 9.69 -7.90 5.68
C THR A 50 8.29 -7.64 6.26
N THR A 51 8.25 -6.87 7.34
CA THR A 51 7.01 -6.47 7.93
C THR A 51 6.29 -5.51 6.98
N ILE A 52 6.99 -4.45 6.58
CA ILE A 52 6.43 -3.40 5.71
C ILE A 52 5.92 -3.97 4.40
N ASP A 53 6.65 -4.90 3.81
CA ASP A 53 6.23 -5.50 2.55
C ASP A 53 4.91 -6.26 2.73
N GLU A 54 4.74 -6.82 3.92
CA GLU A 54 3.52 -7.53 4.31
C GLU A 54 2.42 -6.48 4.60
N GLN A 55 2.83 -5.38 5.23
CA GLN A 55 1.93 -4.27 5.61
C GLN A 55 1.26 -3.75 4.36
N VAL A 56 2.06 -3.47 3.35
CA VAL A 56 1.56 -2.96 2.10
C VAL A 56 0.74 -4.03 1.39
N GLY A 57 1.18 -5.26 1.52
CA GLY A 57 0.50 -6.37 0.91
C GLY A 57 -0.90 -6.58 1.48
N LEU A 58 -1.07 -6.32 2.75
CA LEU A 58 -2.38 -6.41 3.40
C LEU A 58 -3.27 -5.29 2.89
N ILE A 59 -2.65 -4.14 2.66
CA ILE A 59 -3.32 -2.98 2.11
C ILE A 59 -3.84 -3.29 0.72
N VAL A 60 -2.94 -3.73 -0.15
CA VAL A 60 -3.28 -4.04 -1.54
C VAL A 60 -4.29 -5.19 -1.63
N ASP A 61 -4.25 -6.08 -0.66
CA ASP A 61 -5.17 -7.23 -0.59
C ASP A 61 -6.58 -6.78 -0.25
N SER A 62 -6.67 -5.75 0.56
CA SER A 62 -7.95 -5.22 0.99
C SER A 62 -8.51 -4.20 -0.02
N LEU A 63 -7.74 -3.95 -1.05
CA LEU A 63 -8.14 -3.05 -2.09
C LEU A 63 -8.45 -3.86 -3.33
N ASN A 64 -9.17 -3.27 -4.25
CA ASN A 64 -9.43 -3.96 -5.50
C ASN A 64 -8.60 -3.35 -6.57
N ASP A 65 -8.70 -3.92 -7.74
CA ASP A 65 -7.96 -3.53 -8.94
C ASP A 65 -8.03 -2.02 -9.18
N GLU A 66 -9.17 -1.45 -8.90
CA GLU A 66 -9.39 -0.04 -9.11
C GLU A 66 -8.79 0.82 -8.04
N GLU A 67 -8.74 0.31 -6.85
CA GLU A 67 -8.15 1.00 -5.74
C GLU A 67 -6.64 0.96 -5.84
N LEU A 68 -6.13 -0.12 -6.42
CA LEU A 68 -4.69 -0.31 -6.57
C LEU A 68 -4.13 0.75 -7.52
N VAL A 69 -4.81 0.93 -8.63
CA VAL A 69 -4.41 1.91 -9.62
C VAL A 69 -4.59 3.32 -9.07
N SER A 70 -5.58 3.46 -8.23
CA SER A 70 -5.89 4.73 -7.58
C SER A 70 -4.73 5.16 -6.66
N THR A 71 -4.29 4.28 -5.78
CA THR A 71 -3.19 4.60 -4.90
C THR A 71 -1.90 4.77 -5.70
N ALA A 72 -1.71 3.90 -6.67
CA ALA A 72 -0.54 3.95 -7.57
C ALA A 72 -0.47 5.28 -8.32
N ASP A 73 -1.62 5.79 -8.69
CA ASP A 73 -1.74 7.07 -9.39
C ASP A 73 -1.25 8.22 -8.52
N LYS A 74 -1.42 8.06 -7.24
CA LYS A 74 -0.91 9.04 -6.32
C LYS A 74 0.62 8.84 -6.17
N ILE A 75 1.04 7.60 -5.98
CA ILE A 75 2.46 7.24 -5.73
C ILE A 75 3.37 7.63 -6.91
N LYS A 76 2.88 7.46 -8.12
CA LYS A 76 3.66 7.78 -9.32
C LYS A 76 4.06 9.26 -9.37
N ALA A 77 3.15 10.13 -8.99
CA ALA A 77 3.39 11.55 -9.05
C ALA A 77 3.93 12.03 -7.74
N ASN A 78 3.72 11.23 -6.74
CA ASN A 78 4.14 11.56 -5.42
C ASN A 78 4.91 10.42 -4.78
N ALA A 79 6.14 10.24 -5.25
CA ALA A 79 7.04 9.20 -4.72
C ALA A 79 7.41 9.55 -3.30
N ALA A 80 7.49 10.84 -3.05
CA ALA A 80 7.84 11.37 -1.76
C ALA A 80 6.78 11.01 -0.73
N GLY A 81 5.58 10.72 -1.20
CA GLY A 81 4.55 10.38 -0.32
C GLY A 81 3.97 9.03 -0.60
N ALA A 82 4.82 8.05 -0.87
CA ALA A 82 4.32 6.69 -1.07
C ALA A 82 3.69 6.21 0.22
N LYS A 83 4.30 6.60 1.34
CA LYS A 83 3.83 6.23 2.65
C LYS A 83 2.48 6.86 2.91
N GLU A 84 2.34 8.13 2.51
CA GLU A 84 1.12 8.89 2.81
C GLU A 84 -0.06 8.31 2.05
N VAL A 85 0.20 7.77 0.87
CA VAL A 85 -0.84 7.14 0.07
C VAL A 85 -1.25 5.83 0.73
N LEU A 86 -0.28 5.06 1.13
CA LEU A 86 -0.50 3.85 1.88
C LEU A 86 -1.20 4.12 3.19
N LYS A 87 -0.81 5.18 3.90
CA LYS A 87 -1.51 5.56 5.11
C LYS A 87 -2.95 5.96 4.82
N GLU A 88 -3.19 6.53 3.64
CA GLU A 88 -4.48 6.98 3.26
C GLU A 88 -5.36 5.77 3.07
N SER A 89 -4.80 4.79 2.38
CA SER A 89 -5.47 3.57 2.10
C SER A 89 -5.68 2.78 3.40
N ALA A 90 -4.64 2.69 4.23
CA ALA A 90 -4.69 1.97 5.52
C ALA A 90 -5.86 2.45 6.36
N LYS A 91 -5.98 3.77 6.50
CA LYS A 91 -7.08 4.34 7.24
C LYS A 91 -8.41 4.00 6.58
N THR A 92 -8.45 4.04 5.27
CA THR A 92 -9.66 3.72 4.51
C THR A 92 -10.05 2.22 4.73
N ILE A 93 -9.05 1.37 4.86
CA ILE A 93 -9.23 -0.06 5.05
C ILE A 93 -9.83 -0.37 6.41
N VAL A 94 -9.28 0.26 7.44
CA VAL A 94 -9.75 0.02 8.78
C VAL A 94 -11.09 0.69 8.99
N ASP A 95 -11.27 1.79 8.29
CA ASP A 95 -12.52 2.54 8.33
C ASP A 95 -13.62 1.73 7.66
N SER A 96 -13.22 0.84 6.79
CA SER A 96 -14.16 0.00 6.07
C SER A 96 -14.43 -1.28 6.86
N GLY A 97 -13.59 -1.55 7.86
CA GLY A 97 -13.73 -2.74 8.64
C GLY A 97 -13.17 -3.96 7.92
N LYS A 98 -12.22 -3.74 7.02
CA LYS A 98 -11.60 -4.84 6.31
C LYS A 98 -10.52 -5.48 7.14
N LEU A 99 -9.70 -4.66 7.74
CA LEU A 99 -8.60 -5.11 8.58
C LEU A 99 -8.55 -4.28 9.84
N PRO A 100 -8.09 -4.87 10.95
CA PRO A 100 -7.93 -4.15 12.21
C PRO A 100 -6.71 -3.23 12.16
N SER A 101 -6.75 -2.21 13.00
CA SER A 101 -5.68 -1.21 13.11
C SER A 101 -4.34 -1.88 13.42
N SER A 102 -4.40 -2.96 14.18
CA SER A 102 -3.22 -3.68 14.63
C SER A 102 -2.43 -4.25 13.44
N LEU A 103 -3.13 -4.61 12.38
CA LEU A 103 -2.49 -5.23 11.25
C LEU A 103 -1.81 -4.22 10.33
N LEU A 104 -2.20 -2.96 10.42
CA LEU A 104 -1.61 -1.95 9.59
C LEU A 104 -0.97 -0.90 10.46
N SER A 105 -0.60 -1.28 11.68
CA SER A 105 -0.11 -0.37 12.72
C SER A 105 1.04 0.55 12.22
N TYR A 106 1.83 0.06 11.28
CA TYR A 106 2.92 0.87 10.70
C TYR A 106 2.35 2.11 9.96
N PHE A 107 1.16 1.97 9.40
CA PHE A 107 0.55 3.05 8.64
C PHE A 107 -0.64 3.67 9.38
N VAL A 108 -1.25 2.89 10.24
CA VAL A 108 -2.38 3.36 11.01
C VAL A 108 -2.12 3.15 12.52
N GLY A 21 -11.59 -3.85 -13.10
CA GLY A 21 -10.57 -3.99 -14.14
C GLY A 21 -10.08 -5.42 -14.25
N SER A 22 -9.13 -5.63 -15.15
CA SER A 22 -8.60 -6.96 -15.41
C SER A 22 -7.76 -7.45 -14.23
N LYS A 23 -7.94 -8.72 -13.86
CA LYS A 23 -7.16 -9.33 -12.78
C LYS A 23 -5.63 -9.26 -13.00
N ALA A 24 -5.19 -9.23 -14.25
CA ALA A 24 -3.77 -9.10 -14.54
C ALA A 24 -3.29 -7.70 -14.17
N ALA A 25 -4.11 -6.71 -14.53
CA ALA A 25 -3.86 -5.33 -14.16
C ALA A 25 -3.87 -5.18 -12.64
N LYS A 26 -4.80 -5.90 -12.00
CA LYS A 26 -4.90 -5.93 -10.57
C LYS A 26 -3.60 -6.48 -9.95
N LYS A 27 -3.13 -7.60 -10.49
CA LYS A 27 -1.91 -8.24 -10.02
C LYS A 27 -0.74 -7.28 -10.11
N LYS A 28 -0.63 -6.61 -11.25
CA LYS A 28 0.42 -5.67 -11.49
C LYS A 28 0.34 -4.51 -10.50
N ASN A 29 -0.85 -3.92 -10.38
CA ASN A 29 -1.04 -2.79 -9.48
C ASN A 29 -0.72 -3.13 -8.05
N LYS A 30 -1.14 -4.31 -7.59
CA LYS A 30 -0.84 -4.75 -6.22
C LYS A 30 0.64 -4.76 -5.94
N ARG A 31 1.43 -5.31 -6.86
CA ARG A 31 2.81 -5.36 -6.66
C ARG A 31 3.44 -3.98 -6.85
N ALA A 32 2.86 -3.20 -7.73
CA ALA A 32 3.39 -1.88 -8.07
C ALA A 32 3.33 -0.98 -6.87
N ILE A 33 2.24 -1.07 -6.16
CA ILE A 33 2.04 -0.34 -4.95
C ILE A 33 3.06 -0.79 -3.89
N ARG A 34 3.32 -2.10 -3.81
CA ARG A 34 4.24 -2.59 -2.80
C ARG A 34 5.68 -2.25 -3.12
N ASN A 35 6.01 -2.18 -4.41
CA ASN A 35 7.35 -1.84 -4.89
C ASN A 35 7.78 -0.47 -4.38
N SER A 36 6.81 0.35 -4.00
CA SER A 36 7.07 1.68 -3.52
C SER A 36 8.00 1.65 -2.31
N ALA A 37 7.82 0.67 -1.45
CA ALA A 37 8.64 0.55 -0.26
C ALA A 37 10.11 0.28 -0.62
N LYS A 38 10.32 -0.39 -1.73
CA LYS A 38 11.66 -0.66 -2.19
C LYS A 38 12.30 0.57 -2.83
N GLU A 39 11.63 1.11 -3.84
CA GLU A 39 12.16 2.21 -4.63
C GLU A 39 12.00 3.60 -4.01
N ALA A 40 10.99 3.78 -3.19
CA ALA A 40 10.75 5.07 -2.53
C ALA A 40 11.26 5.03 -1.11
N ASP A 41 11.99 3.94 -0.83
CA ASP A 41 12.60 3.64 0.48
C ASP A 41 11.56 3.15 1.46
N TYR A 42 12.01 2.50 2.50
CA TYR A 42 11.13 2.03 3.56
C TYR A 42 10.86 3.15 4.54
N PHE A 43 11.08 4.36 4.07
CA PHE A 43 10.74 5.60 4.73
C PHE A 43 11.50 5.73 6.04
N GLY A 44 12.68 5.14 6.06
CA GLY A 44 13.53 5.20 7.22
C GLY A 44 13.33 4.05 8.16
N ASP A 45 12.50 3.11 7.78
CA ASP A 45 12.24 1.95 8.61
C ASP A 45 12.49 0.66 7.86
N ALA A 46 13.64 0.65 7.21
CA ALA A 46 14.11 -0.45 6.38
C ALA A 46 14.32 -1.73 7.18
N ASP A 47 14.51 -1.62 8.48
CA ASP A 47 14.67 -2.82 9.33
C ASP A 47 13.34 -3.53 9.52
N LYS A 48 12.29 -2.87 9.09
CA LYS A 48 10.98 -3.44 9.09
C LYS A 48 10.55 -3.83 7.71
N ALA A 49 11.51 -3.91 6.81
CA ALA A 49 11.31 -4.31 5.42
C ALA A 49 10.40 -5.51 5.26
N THR A 50 10.53 -6.50 6.11
CA THR A 50 9.75 -7.70 5.95
C THR A 50 8.32 -7.41 6.36
N THR A 51 8.18 -6.73 7.47
CA THR A 51 6.91 -6.34 7.98
C THR A 51 6.22 -5.43 6.97
N ILE A 52 6.91 -4.36 6.58
CA ILE A 52 6.38 -3.35 5.67
C ILE A 52 6.01 -3.97 4.32
N ASP A 53 6.80 -4.92 3.85
CA ASP A 53 6.50 -5.61 2.59
C ASP A 53 5.12 -6.30 2.70
N GLU A 54 4.85 -6.87 3.87
CA GLU A 54 3.56 -7.49 4.14
C GLU A 54 2.50 -6.43 4.33
N GLN A 55 2.87 -5.35 5.02
CA GLN A 55 1.96 -4.25 5.36
C GLN A 55 1.34 -3.67 4.12
N VAL A 56 2.16 -3.34 3.15
CA VAL A 56 1.67 -2.76 1.93
C VAL A 56 0.87 -3.78 1.14
N GLY A 57 1.32 -5.03 1.17
CA GLY A 57 0.62 -6.09 0.47
C GLY A 57 -0.75 -6.37 1.07
N LEU A 58 -0.85 -6.27 2.39
CA LEU A 58 -2.12 -6.41 3.08
C LEU A 58 -3.06 -5.31 2.65
N ILE A 59 -2.50 -4.10 2.51
CA ILE A 59 -3.24 -2.94 2.04
C ILE A 59 -3.80 -3.19 0.64
N VAL A 60 -2.93 -3.54 -0.28
CA VAL A 60 -3.32 -3.68 -1.68
C VAL A 60 -4.30 -4.85 -1.89
N ASP A 61 -4.17 -5.88 -1.09
CA ASP A 61 -5.03 -7.03 -1.26
C ASP A 61 -6.41 -6.83 -0.63
N SER A 62 -6.48 -6.01 0.40
CA SER A 62 -7.77 -5.74 1.01
C SER A 62 -8.54 -4.69 0.21
N LEU A 63 -7.81 -3.92 -0.57
CA LEU A 63 -8.39 -2.96 -1.48
C LEU A 63 -8.84 -3.69 -2.75
N ASN A 64 -9.58 -3.00 -3.57
CA ASN A 64 -10.00 -3.55 -4.85
C ASN A 64 -9.18 -2.93 -5.95
N ASP A 65 -9.12 -3.58 -7.10
CA ASP A 65 -8.26 -3.16 -8.24
C ASP A 65 -8.48 -1.71 -8.65
N GLU A 66 -9.67 -1.23 -8.43
CA GLU A 66 -10.05 0.09 -8.81
C GLU A 66 -9.36 1.11 -7.85
N GLU A 67 -9.35 0.75 -6.57
CA GLU A 67 -8.71 1.57 -5.53
C GLU A 67 -7.19 1.55 -5.69
N LEU A 68 -6.68 0.44 -6.21
CA LEU A 68 -5.24 0.24 -6.41
C LEU A 68 -4.74 1.28 -7.39
N VAL A 69 -5.53 1.51 -8.42
CA VAL A 69 -5.25 2.49 -9.43
C VAL A 69 -5.22 3.89 -8.81
N SER A 70 -6.01 4.09 -7.79
CA SER A 70 -6.08 5.37 -7.13
C SER A 70 -4.81 5.65 -6.32
N THR A 71 -4.41 4.70 -5.49
CA THR A 71 -3.24 4.85 -4.66
C THR A 71 -1.98 4.89 -5.53
N ALA A 72 -1.94 4.03 -6.54
CA ALA A 72 -0.80 3.94 -7.44
C ALA A 72 -0.63 5.22 -8.27
N ASP A 73 -1.75 5.82 -8.64
CA ASP A 73 -1.77 7.09 -9.41
C ASP A 73 -1.08 8.19 -8.63
N LYS A 74 -1.19 8.11 -7.32
CA LYS A 74 -0.52 9.06 -6.45
C LYS A 74 0.97 8.71 -6.36
N ILE A 75 1.27 7.44 -6.09
CA ILE A 75 2.66 6.98 -5.89
C ILE A 75 3.54 7.22 -7.13
N LYS A 76 2.99 7.01 -8.30
CA LYS A 76 3.73 7.20 -9.54
C LYS A 76 4.14 8.66 -9.74
N ALA A 77 3.28 9.58 -9.36
CA ALA A 77 3.54 10.99 -9.56
C ALA A 77 4.43 11.50 -8.47
N ASN A 78 4.42 10.78 -7.39
CA ASN A 78 5.20 11.16 -6.23
C ASN A 78 5.64 9.97 -5.41
N ALA A 79 6.83 9.47 -5.68
CA ALA A 79 7.40 8.35 -4.96
C ALA A 79 7.65 8.72 -3.52
N ALA A 80 8.06 9.97 -3.32
CA ALA A 80 8.37 10.49 -2.01
C ALA A 80 7.17 10.46 -1.08
N GLY A 81 5.97 10.41 -1.66
CA GLY A 81 4.80 10.37 -0.88
C GLY A 81 4.11 9.04 -0.96
N ALA A 82 4.86 7.97 -1.22
CA ALA A 82 4.25 6.64 -1.26
C ALA A 82 3.60 6.31 0.08
N LYS A 83 4.27 6.71 1.15
CA LYS A 83 3.79 6.47 2.51
C LYS A 83 2.55 7.32 2.76
N GLU A 84 2.54 8.56 2.22
CA GLU A 84 1.44 9.49 2.47
C GLU A 84 0.16 8.98 1.81
N VAL A 85 0.33 8.19 0.76
CA VAL A 85 -0.76 7.54 0.09
C VAL A 85 -1.19 6.33 0.90
N LEU A 86 -0.20 5.57 1.31
CA LEU A 86 -0.43 4.32 2.04
C LEU A 86 -1.06 4.54 3.40
N LYS A 87 -0.71 5.64 4.05
CA LYS A 87 -1.37 5.96 5.32
C LYS A 87 -2.88 6.14 5.10
N GLU A 88 -3.26 6.63 3.92
CA GLU A 88 -4.64 6.94 3.68
C GLU A 88 -5.42 5.70 3.41
N SER A 89 -4.84 4.82 2.62
CA SER A 89 -5.47 3.59 2.31
C SER A 89 -5.62 2.75 3.58
N ALA A 90 -4.56 2.69 4.39
CA ALA A 90 -4.56 1.91 5.64
C ALA A 90 -5.70 2.34 6.56
N LYS A 91 -5.81 3.63 6.80
CA LYS A 91 -6.85 4.17 7.67
C LYS A 91 -8.24 3.84 7.13
N THR A 92 -8.38 3.93 5.81
CA THR A 92 -9.64 3.64 5.15
C THR A 92 -9.99 2.14 5.29
N ILE A 93 -8.97 1.31 5.15
CA ILE A 93 -9.12 -0.14 5.28
C ILE A 93 -9.65 -0.52 6.65
N VAL A 94 -9.09 0.08 7.67
CA VAL A 94 -9.51 -0.15 9.04
C VAL A 94 -10.94 0.38 9.26
N ASP A 95 -11.21 1.51 8.64
CA ASP A 95 -12.51 2.18 8.78
C ASP A 95 -13.61 1.37 8.11
N SER A 96 -13.30 0.81 6.97
CA SER A 96 -14.24 -0.02 6.23
C SER A 96 -14.27 -1.44 6.82
N GLY A 97 -13.38 -1.73 7.76
CA GLY A 97 -13.37 -3.03 8.42
C GLY A 97 -12.84 -4.15 7.56
N LYS A 98 -11.99 -3.83 6.61
CA LYS A 98 -11.45 -4.84 5.71
C LYS A 98 -10.42 -5.64 6.49
N LEU A 99 -9.60 -4.92 7.18
CA LEU A 99 -8.58 -5.47 8.04
C LEU A 99 -8.59 -4.76 9.37
N PRO A 100 -8.21 -5.46 10.45
CA PRO A 100 -8.08 -4.85 11.75
C PRO A 100 -6.90 -3.90 11.79
N SER A 101 -6.98 -2.89 12.63
CA SER A 101 -5.91 -1.92 12.79
C SER A 101 -4.59 -2.59 13.17
N SER A 102 -4.70 -3.70 13.89
CA SER A 102 -3.58 -4.47 14.37
C SER A 102 -2.66 -4.92 13.23
N LEU A 103 -3.25 -5.21 12.08
CA LEU A 103 -2.52 -5.74 10.96
C LEU A 103 -1.85 -4.65 10.14
N LEU A 104 -2.13 -3.39 10.45
CA LEU A 104 -1.63 -2.30 9.65
C LEU A 104 -1.16 -1.18 10.53
N SER A 105 -0.86 -1.51 11.78
CA SER A 105 -0.44 -0.57 12.81
C SER A 105 0.71 0.36 12.34
N TYR A 106 1.51 -0.12 11.40
CA TYR A 106 2.60 0.67 10.84
C TYR A 106 2.05 1.91 10.10
N PHE A 107 1.02 1.72 9.31
CA PHE A 107 0.45 2.80 8.50
C PHE A 107 -0.78 3.41 9.15
N VAL A 108 -1.33 2.72 10.11
CA VAL A 108 -2.49 3.19 10.80
C VAL A 108 -2.07 3.93 12.07
N GLY A 21 -10.46 -2.13 -13.21
CA GLY A 21 -9.66 -2.06 -14.43
C GLY A 21 -9.48 -3.42 -15.06
N SER A 22 -8.38 -3.58 -15.76
CA SER A 22 -8.08 -4.80 -16.47
C SER A 22 -7.61 -5.91 -15.52
N LYS A 23 -7.83 -7.16 -15.91
CA LYS A 23 -7.55 -8.30 -15.06
C LYS A 23 -6.06 -8.62 -14.91
N ALA A 24 -5.26 -8.33 -15.91
CA ALA A 24 -3.82 -8.52 -15.77
C ALA A 24 -3.24 -7.36 -14.98
N ALA A 25 -3.86 -6.20 -15.14
CA ALA A 25 -3.47 -4.99 -14.45
C ALA A 25 -3.69 -5.13 -12.95
N LYS A 26 -4.69 -5.92 -12.55
CA LYS A 26 -5.00 -6.18 -11.12
C LYS A 26 -3.72 -6.65 -10.41
N LYS A 27 -3.13 -7.66 -10.99
CA LYS A 27 -1.93 -8.29 -10.47
C LYS A 27 -0.75 -7.32 -10.50
N LYS A 28 -0.65 -6.59 -11.61
CA LYS A 28 0.43 -5.66 -11.83
C LYS A 28 0.42 -4.53 -10.81
N ASN A 29 -0.73 -3.92 -10.65
CA ASN A 29 -0.87 -2.77 -9.75
C ASN A 29 -0.73 -3.18 -8.32
N LYS A 30 -1.27 -4.34 -7.99
CA LYS A 30 -1.23 -4.85 -6.64
C LYS A 30 0.21 -5.01 -6.14
N ARG A 31 1.09 -5.56 -6.96
CA ARG A 31 2.49 -5.69 -6.58
C ARG A 31 3.20 -4.32 -6.66
N ALA A 32 2.75 -3.49 -7.61
CA ALA A 32 3.35 -2.17 -7.87
C ALA A 32 3.27 -1.28 -6.64
N ILE A 33 2.24 -1.50 -5.86
CA ILE A 33 2.05 -0.78 -4.62
C ILE A 33 3.21 -1.07 -3.66
N ARG A 34 3.62 -2.34 -3.60
CA ARG A 34 4.72 -2.75 -2.72
C ARG A 34 6.04 -2.18 -3.22
N ASN A 35 6.17 -2.07 -4.52
CA ASN A 35 7.39 -1.56 -5.15
C ASN A 35 7.75 -0.14 -4.75
N SER A 36 6.77 0.62 -4.25
CA SER A 36 7.01 1.97 -3.83
C SER A 36 8.02 2.01 -2.68
N ALA A 37 7.95 1.00 -1.79
CA ALA A 37 8.86 0.90 -0.67
C ALA A 37 10.31 0.71 -1.15
N LYS A 38 10.50 0.13 -2.31
CA LYS A 38 11.82 0.03 -2.85
C LYS A 38 12.29 1.38 -3.40
N GLU A 39 11.47 1.92 -4.27
CA GLU A 39 11.78 3.16 -5.02
C GLU A 39 11.79 4.42 -4.12
N ALA A 40 11.02 4.41 -3.07
CA ALA A 40 10.92 5.57 -2.20
C ALA A 40 11.52 5.31 -0.83
N ASP A 41 12.20 4.16 -0.72
CA ASP A 41 12.84 3.68 0.54
C ASP A 41 11.80 3.14 1.49
N TYR A 42 12.23 2.43 2.49
CA TYR A 42 11.37 1.90 3.51
C TYR A 42 11.11 2.94 4.58
N PHE A 43 11.44 4.17 4.21
CA PHE A 43 11.13 5.39 4.94
C PHE A 43 11.91 5.47 6.23
N GLY A 44 13.04 4.76 6.24
CA GLY A 44 13.89 4.71 7.42
C GLY A 44 13.54 3.54 8.31
N ASP A 45 12.73 2.66 7.80
CA ASP A 45 12.30 1.48 8.54
C ASP A 45 12.60 0.22 7.77
N ALA A 46 13.73 0.22 7.14
CA ALA A 46 14.19 -0.87 6.30
C ALA A 46 14.47 -2.12 7.12
N ASP A 47 14.71 -1.94 8.41
CA ASP A 47 14.97 -3.06 9.30
C ASP A 47 13.74 -3.91 9.53
N LYS A 48 12.56 -3.34 9.31
CA LYS A 48 11.37 -4.13 9.43
C LYS A 48 10.69 -4.23 8.08
N ALA A 49 11.53 -4.22 7.04
CA ALA A 49 11.14 -4.39 5.65
C ALA A 49 10.12 -5.51 5.45
N THR A 50 10.29 -6.59 6.17
CA THR A 50 9.40 -7.72 6.02
C THR A 50 8.01 -7.34 6.53
N THR A 51 7.99 -6.70 7.69
CA THR A 51 6.78 -6.24 8.33
C THR A 51 6.09 -5.21 7.43
N ILE A 52 6.88 -4.33 6.84
CA ILE A 52 6.37 -3.31 5.96
C ILE A 52 5.73 -3.92 4.72
N ASP A 53 6.44 -4.81 4.03
CA ASP A 53 5.87 -5.43 2.83
C ASP A 53 4.63 -6.25 3.14
N GLU A 54 4.60 -6.89 4.30
CA GLU A 54 3.44 -7.65 4.70
C GLU A 54 2.23 -6.75 4.91
N GLN A 55 2.44 -5.60 5.58
CA GLN A 55 1.36 -4.65 5.81
C GLN A 55 0.88 -4.04 4.49
N VAL A 56 1.82 -3.66 3.63
CA VAL A 56 1.45 -3.10 2.31
C VAL A 56 0.63 -4.13 1.54
N GLY A 57 1.03 -5.38 1.62
CA GLY A 57 0.31 -6.43 0.95
C GLY A 57 -1.07 -6.63 1.52
N LEU A 58 -1.22 -6.47 2.83
CA LEU A 58 -2.52 -6.56 3.48
C LEU A 58 -3.43 -5.43 3.01
N ILE A 59 -2.81 -4.27 2.80
CA ILE A 59 -3.52 -3.12 2.28
C ILE A 59 -4.06 -3.44 0.90
N VAL A 60 -3.18 -3.85 0.00
CA VAL A 60 -3.56 -4.11 -1.37
C VAL A 60 -4.53 -5.27 -1.49
N ASP A 61 -4.44 -6.20 -0.58
CA ASP A 61 -5.29 -7.38 -0.56
C ASP A 61 -6.72 -7.01 -0.14
N SER A 62 -6.84 -6.04 0.75
CA SER A 62 -8.12 -5.60 1.23
C SER A 62 -8.74 -4.59 0.26
N LEU A 63 -7.91 -4.04 -0.62
CA LEU A 63 -8.35 -3.11 -1.62
C LEU A 63 -8.83 -3.86 -2.85
N ASN A 64 -9.39 -3.15 -3.76
CA ASN A 64 -9.81 -3.69 -5.03
C ASN A 64 -8.91 -3.11 -6.10
N ASP A 65 -8.85 -3.78 -7.25
CA ASP A 65 -7.91 -3.39 -8.35
C ASP A 65 -8.06 -1.94 -8.78
N GLU A 66 -9.24 -1.44 -8.59
CA GLU A 66 -9.54 -0.07 -8.96
C GLU A 66 -8.90 0.91 -7.99
N GLU A 67 -8.87 0.55 -6.72
CA GLU A 67 -8.24 1.35 -5.71
C GLU A 67 -6.74 1.20 -5.80
N LEU A 68 -6.28 0.02 -6.23
CA LEU A 68 -4.85 -0.29 -6.35
C LEU A 68 -4.21 0.69 -7.31
N VAL A 69 -4.81 0.83 -8.48
CA VAL A 69 -4.31 1.70 -9.50
C VAL A 69 -4.41 3.15 -9.05
N SER A 70 -5.42 3.43 -8.28
CA SER A 70 -5.67 4.76 -7.76
C SER A 70 -4.54 5.19 -6.80
N THR A 71 -4.20 4.36 -5.82
CA THR A 71 -3.13 4.66 -4.91
C THR A 71 -1.80 4.69 -5.66
N ALA A 72 -1.66 3.74 -6.56
CA ALA A 72 -0.47 3.63 -7.42
C ALA A 72 -0.26 4.91 -8.24
N ASP A 73 -1.33 5.41 -8.84
CA ASP A 73 -1.30 6.68 -9.60
C ASP A 73 -0.74 7.82 -8.79
N LYS A 74 -1.12 7.86 -7.52
CA LYS A 74 -0.63 8.89 -6.62
C LYS A 74 0.88 8.72 -6.39
N ILE A 75 1.31 7.47 -6.36
CA ILE A 75 2.73 7.13 -6.14
C ILE A 75 3.62 7.58 -7.31
N LYS A 76 3.10 7.55 -8.54
CA LYS A 76 3.88 8.05 -9.69
C LYS A 76 4.00 9.54 -9.62
N ALA A 77 2.95 10.17 -9.17
CA ALA A 77 2.93 11.61 -9.06
C ALA A 77 3.79 12.06 -7.91
N ASN A 78 3.75 11.30 -6.84
CA ASN A 78 4.45 11.66 -5.63
C ASN A 78 5.03 10.43 -4.96
N ALA A 79 6.22 10.04 -5.40
CA ALA A 79 6.92 8.89 -4.85
C ALA A 79 7.31 9.16 -3.41
N ALA A 80 7.61 10.42 -3.11
CA ALA A 80 7.99 10.85 -1.78
C ALA A 80 6.83 10.69 -0.80
N GLY A 81 5.66 10.47 -1.32
CA GLY A 81 4.52 10.28 -0.53
C GLY A 81 3.94 8.91 -0.73
N ALA A 82 4.79 7.94 -0.97
CA ALA A 82 4.32 6.58 -1.13
C ALA A 82 3.64 6.10 0.14
N LYS A 83 4.27 6.39 1.28
CA LYS A 83 3.76 5.99 2.55
C LYS A 83 2.48 6.74 2.85
N GLU A 84 2.45 8.04 2.50
CA GLU A 84 1.30 8.89 2.83
C GLU A 84 0.04 8.38 2.13
N VAL A 85 0.18 7.98 0.88
CA VAL A 85 -0.93 7.44 0.12
C VAL A 85 -1.35 6.10 0.73
N LEU A 86 -0.37 5.32 1.12
CA LEU A 86 -0.63 4.03 1.76
C LEU A 86 -1.30 4.20 3.08
N LYS A 87 -0.92 5.25 3.80
CA LYS A 87 -1.56 5.55 5.04
C LYS A 87 -3.04 5.87 4.84
N GLU A 88 -3.38 6.44 3.70
CA GLU A 88 -4.77 6.76 3.42
C GLU A 88 -5.55 5.52 3.10
N SER A 89 -4.96 4.65 2.32
CA SER A 89 -5.59 3.39 2.01
C SER A 89 -5.72 2.53 3.27
N ALA A 90 -4.71 2.57 4.13
CA ALA A 90 -4.73 1.85 5.40
C ALA A 90 -5.90 2.29 6.26
N LYS A 91 -6.03 3.61 6.42
CA LYS A 91 -7.12 4.18 7.22
C LYS A 91 -8.46 3.75 6.70
N THR A 92 -8.62 3.79 5.39
CA THR A 92 -9.87 3.43 4.80
C THR A 92 -10.20 1.93 4.99
N ILE A 93 -9.17 1.11 5.10
CA ILE A 93 -9.34 -0.32 5.34
C ILE A 93 -9.83 -0.56 6.77
N VAL A 94 -9.18 0.09 7.71
CA VAL A 94 -9.52 -0.04 9.12
C VAL A 94 -10.88 0.59 9.38
N ASP A 95 -11.16 1.66 8.68
CA ASP A 95 -12.38 2.43 8.86
C ASP A 95 -13.60 1.63 8.44
N SER A 96 -13.44 0.84 7.40
CA SER A 96 -14.52 0.02 6.91
C SER A 96 -14.60 -1.30 7.68
N GLY A 97 -13.60 -1.55 8.52
CA GLY A 97 -13.58 -2.76 9.31
C GLY A 97 -13.07 -3.97 8.56
N LYS A 98 -12.25 -3.75 7.55
CA LYS A 98 -11.70 -4.86 6.79
C LYS A 98 -10.59 -5.54 7.53
N LEU A 99 -9.71 -4.75 8.08
CA LEU A 99 -8.61 -5.26 8.86
C LEU A 99 -8.45 -4.42 10.10
N PRO A 100 -7.98 -5.02 11.19
CA PRO A 100 -7.72 -4.28 12.40
C PRO A 100 -6.56 -3.33 12.20
N SER A 101 -6.58 -2.23 12.92
CA SER A 101 -5.52 -1.24 12.90
C SER A 101 -4.17 -1.88 13.23
N SER A 102 -4.23 -2.93 14.04
CA SER A 102 -3.09 -3.69 14.48
C SER A 102 -2.29 -4.25 13.29
N LEU A 103 -2.99 -4.62 12.23
CA LEU A 103 -2.36 -5.24 11.10
C LEU A 103 -1.75 -4.24 10.13
N LEU A 104 -2.00 -2.96 10.32
CA LEU A 104 -1.51 -1.94 9.41
C LEU A 104 -0.86 -0.84 10.21
N SER A 105 -0.42 -1.19 11.40
CA SER A 105 0.09 -0.23 12.37
C SER A 105 1.29 0.64 11.92
N TYR A 106 1.92 0.33 10.80
CA TYR A 106 2.97 1.19 10.29
C TYR A 106 2.34 2.37 9.57
N PHE A 107 1.14 2.15 9.07
CA PHE A 107 0.45 3.15 8.29
C PHE A 107 -0.74 3.73 9.08
N VAL A 108 -1.25 2.97 10.00
CA VAL A 108 -2.35 3.38 10.84
C VAL A 108 -2.03 3.16 12.33
N GLY A 21 -12.27 -1.79 -17.04
CA GLY A 21 -11.08 -2.15 -16.27
C GLY A 21 -10.24 -3.12 -17.02
N SER A 22 -9.14 -3.52 -16.45
CA SER A 22 -8.23 -4.43 -17.05
C SER A 22 -7.87 -5.51 -16.05
N LYS A 23 -7.91 -6.74 -16.47
CA LYS A 23 -7.68 -7.87 -15.59
C LYS A 23 -6.21 -8.02 -15.22
N ALA A 24 -5.34 -7.65 -16.14
CA ALA A 24 -3.92 -7.70 -15.93
C ALA A 24 -3.51 -6.64 -14.93
N ALA A 25 -4.26 -5.54 -14.92
CA ALA A 25 -4.01 -4.43 -14.03
C ALA A 25 -4.12 -4.86 -12.57
N LYS A 26 -5.05 -5.79 -12.30
CA LYS A 26 -5.24 -6.30 -10.93
C LYS A 26 -3.94 -6.91 -10.43
N LYS A 27 -3.45 -7.82 -11.23
CA LYS A 27 -2.24 -8.56 -10.93
C LYS A 27 -1.03 -7.62 -10.84
N LYS A 28 -0.96 -6.70 -11.76
CA LYS A 28 0.14 -5.78 -11.86
C LYS A 28 0.14 -4.78 -10.71
N ASN A 29 -1.00 -4.18 -10.43
CA ASN A 29 -1.10 -3.15 -9.41
C ASN A 29 -0.79 -3.66 -8.02
N LYS A 30 -1.28 -4.87 -7.68
CA LYS A 30 -1.00 -5.45 -6.36
C LYS A 30 0.50 -5.55 -6.12
N ARG A 31 1.22 -5.89 -7.17
CA ARG A 31 2.63 -5.98 -7.10
C ARG A 31 3.25 -4.58 -7.06
N ALA A 32 2.80 -3.71 -7.96
CA ALA A 32 3.35 -2.36 -8.12
C ALA A 32 3.28 -1.57 -6.82
N ILE A 33 2.15 -1.66 -6.13
CA ILE A 33 1.97 -0.95 -4.89
C ILE A 33 3.00 -1.39 -3.84
N ARG A 34 3.29 -2.69 -3.80
CA ARG A 34 4.28 -3.23 -2.83
C ARG A 34 5.67 -2.72 -3.13
N ASN A 35 5.94 -2.50 -4.39
CA ASN A 35 7.22 -2.03 -4.87
C ASN A 35 7.53 -0.59 -4.49
N SER A 36 6.49 0.18 -4.14
CA SER A 36 6.69 1.54 -3.75
C SER A 36 7.65 1.63 -2.56
N ALA A 37 7.49 0.72 -1.60
CA ALA A 37 8.36 0.71 -0.44
C ALA A 37 9.82 0.43 -0.83
N LYS A 38 10.01 -0.26 -1.93
CA LYS A 38 11.32 -0.57 -2.39
C LYS A 38 11.95 0.66 -3.03
N GLU A 39 11.26 1.23 -4.02
CA GLU A 39 11.80 2.35 -4.79
C GLU A 39 11.70 3.69 -4.06
N ALA A 40 10.72 3.85 -3.20
CA ALA A 40 10.52 5.09 -2.46
C ALA A 40 11.15 5.01 -1.10
N ASP A 41 11.83 3.87 -0.87
CA ASP A 41 12.54 3.55 0.36
C ASP A 41 11.57 3.11 1.45
N TYR A 42 12.08 2.44 2.45
CA TYR A 42 11.29 1.97 3.58
C TYR A 42 11.05 3.09 4.58
N PHE A 43 11.35 4.30 4.13
CA PHE A 43 11.05 5.55 4.81
C PHE A 43 11.81 5.66 6.14
N GLY A 44 12.96 5.01 6.19
CA GLY A 44 13.78 5.01 7.40
C GLY A 44 13.47 3.83 8.30
N ASP A 45 12.53 3.01 7.89
CA ASP A 45 12.14 1.84 8.66
C ASP A 45 12.49 0.57 7.91
N ALA A 46 13.67 0.56 7.35
CA ALA A 46 14.17 -0.56 6.55
C ALA A 46 14.40 -1.81 7.40
N ASP A 47 14.61 -1.63 8.69
CA ASP A 47 14.80 -2.77 9.60
C ASP A 47 13.46 -3.39 9.96
N LYS A 48 12.41 -2.73 9.52
CA LYS A 48 11.06 -3.09 9.74
C LYS A 48 10.46 -3.52 8.40
N ALA A 49 11.36 -3.76 7.45
CA ALA A 49 11.07 -4.17 6.09
C ALA A 49 10.03 -5.26 5.99
N THR A 50 10.23 -6.35 6.71
CA THR A 50 9.34 -7.48 6.61
C THR A 50 7.91 -7.12 7.01
N THR A 51 7.80 -6.31 8.03
CA THR A 51 6.52 -5.83 8.47
C THR A 51 5.92 -4.93 7.38
N ILE A 52 6.73 -3.98 6.91
CA ILE A 52 6.29 -3.02 5.90
C ILE A 52 5.86 -3.74 4.60
N ASP A 53 6.68 -4.68 4.13
CA ASP A 53 6.39 -5.42 2.89
C ASP A 53 5.05 -6.12 3.00
N GLU A 54 4.79 -6.68 4.17
CA GLU A 54 3.57 -7.40 4.40
C GLU A 54 2.38 -6.46 4.49
N GLN A 55 2.56 -5.37 5.22
CA GLN A 55 1.52 -4.37 5.41
C GLN A 55 1.03 -3.80 4.10
N VAL A 56 1.95 -3.47 3.21
CA VAL A 56 1.58 -2.91 1.91
C VAL A 56 0.73 -3.94 1.13
N GLY A 57 1.10 -5.20 1.25
CA GLY A 57 0.34 -6.24 0.59
C GLY A 57 -1.02 -6.43 1.23
N LEU A 58 -1.07 -6.34 2.55
CA LEU A 58 -2.33 -6.42 3.29
C LEU A 58 -3.26 -5.29 2.84
N ILE A 59 -2.66 -4.14 2.57
CA ILE A 59 -3.37 -2.99 2.07
C ILE A 59 -3.98 -3.29 0.70
N VAL A 60 -3.17 -3.72 -0.25
CA VAL A 60 -3.65 -3.96 -1.61
C VAL A 60 -4.67 -5.09 -1.66
N ASP A 61 -4.55 -6.01 -0.73
CA ASP A 61 -5.43 -7.16 -0.65
C ASP A 61 -6.82 -6.74 -0.23
N SER A 62 -6.88 -5.78 0.64
CA SER A 62 -8.13 -5.29 1.17
C SER A 62 -8.73 -4.22 0.25
N LEU A 63 -7.92 -3.76 -0.68
CA LEU A 63 -8.36 -2.81 -1.67
C LEU A 63 -8.83 -3.57 -2.90
N ASN A 64 -9.02 -2.85 -3.97
CA ASN A 64 -9.38 -3.43 -5.24
C ASN A 64 -8.56 -2.77 -6.29
N ASP A 65 -8.42 -3.39 -7.46
CA ASP A 65 -7.55 -2.88 -8.56
C ASP A 65 -7.82 -1.44 -8.93
N GLU A 66 -9.05 -1.02 -8.73
CA GLU A 66 -9.46 0.33 -9.03
C GLU A 66 -8.95 1.32 -7.99
N GLU A 67 -8.84 0.86 -6.76
CA GLU A 67 -8.21 1.64 -5.70
C GLU A 67 -6.70 1.60 -5.89
N LEU A 68 -6.22 0.43 -6.32
CA LEU A 68 -4.78 0.18 -6.50
C LEU A 68 -4.20 1.11 -7.54
N VAL A 69 -4.90 1.25 -8.66
CA VAL A 69 -4.45 2.10 -9.74
C VAL A 69 -4.46 3.56 -9.30
N SER A 70 -5.38 3.86 -8.44
CA SER A 70 -5.54 5.18 -7.87
C SER A 70 -4.37 5.51 -6.93
N THR A 71 -4.07 4.60 -6.01
CA THR A 71 -2.98 4.79 -5.10
C THR A 71 -1.67 4.80 -5.87
N ALA A 72 -1.55 3.89 -6.83
CA ALA A 72 -0.38 3.77 -7.71
C ALA A 72 -0.10 5.08 -8.42
N ASP A 73 -1.15 5.72 -8.91
CA ASP A 73 -1.05 7.00 -9.60
C ASP A 73 -0.48 8.05 -8.68
N LYS A 74 -0.89 8.03 -7.43
CA LYS A 74 -0.39 8.99 -6.45
C LYS A 74 1.07 8.67 -6.13
N ILE A 75 1.42 7.40 -6.19
CA ILE A 75 2.78 6.98 -5.93
C ILE A 75 3.70 7.37 -7.09
N LYS A 76 3.23 7.17 -8.31
CA LYS A 76 4.06 7.53 -9.45
C LYS A 76 4.12 9.02 -9.68
N ALA A 77 3.16 9.72 -9.14
CA ALA A 77 3.16 11.16 -9.16
C ALA A 77 4.13 11.70 -8.12
N ASN A 78 4.42 10.89 -7.11
CA ASN A 78 5.28 11.30 -6.00
C ASN A 78 5.69 10.08 -5.16
N ALA A 79 6.93 9.65 -5.34
CA ALA A 79 7.47 8.51 -4.61
C ALA A 79 7.51 8.79 -3.12
N ALA A 80 7.80 10.04 -2.79
CA ALA A 80 7.91 10.46 -1.40
C ALA A 80 6.55 10.48 -0.70
N GLY A 81 5.50 10.15 -1.43
CA GLY A 81 4.20 10.08 -0.90
C GLY A 81 3.59 8.72 -1.11
N ALA A 82 4.43 7.70 -1.21
CA ALA A 82 3.92 6.35 -1.32
C ALA A 82 3.31 5.94 0.00
N LYS A 83 3.99 6.27 1.07
CA LYS A 83 3.55 5.94 2.40
C LYS A 83 2.27 6.70 2.71
N GLU A 84 2.20 7.93 2.24
CA GLU A 84 1.06 8.77 2.54
C GLU A 84 -0.19 8.23 1.87
N VAL A 85 -0.05 7.72 0.64
CA VAL A 85 -1.20 7.19 -0.06
C VAL A 85 -1.63 5.87 0.60
N LEU A 86 -0.63 5.15 1.10
CA LEU A 86 -0.85 3.92 1.80
C LEU A 86 -1.54 4.15 3.09
N LYS A 87 -1.14 5.19 3.82
CA LYS A 87 -1.83 5.53 5.07
C LYS A 87 -3.30 5.84 4.81
N GLU A 88 -3.61 6.39 3.62
CA GLU A 88 -4.99 6.78 3.33
C GLU A 88 -5.83 5.55 3.14
N SER A 89 -5.25 4.62 2.43
CA SER A 89 -5.87 3.38 2.15
C SER A 89 -6.01 2.58 3.45
N ALA A 90 -4.91 2.47 4.20
CA ALA A 90 -4.85 1.73 5.46
C ALA A 90 -5.93 2.16 6.42
N LYS A 91 -6.02 3.47 6.64
CA LYS A 91 -7.02 4.03 7.55
C LYS A 91 -8.41 3.62 7.13
N THR A 92 -8.67 3.70 5.85
CA THR A 92 -9.97 3.35 5.31
C THR A 92 -10.21 1.84 5.47
N ILE A 93 -9.20 1.04 5.20
CA ILE A 93 -9.26 -0.41 5.35
C ILE A 93 -9.65 -0.81 6.77
N VAL A 94 -8.96 -0.22 7.72
CA VAL A 94 -9.21 -0.46 9.13
C VAL A 94 -10.63 -0.06 9.48
N ASP A 95 -11.01 1.11 9.03
CA ASP A 95 -12.30 1.68 9.39
C ASP A 95 -13.45 0.93 8.74
N SER A 96 -13.21 0.40 7.56
CA SER A 96 -14.20 -0.39 6.86
C SER A 96 -14.26 -1.84 7.40
N GLY A 97 -13.47 -2.11 8.43
CA GLY A 97 -13.50 -3.41 9.07
C GLY A 97 -12.86 -4.50 8.25
N LYS A 98 -11.93 -4.12 7.38
CA LYS A 98 -11.26 -5.08 6.56
C LYS A 98 -10.06 -5.67 7.28
N LEU A 99 -9.32 -4.81 7.94
CA LEU A 99 -8.16 -5.21 8.69
C LEU A 99 -8.13 -4.50 10.02
N PRO A 100 -7.56 -5.14 11.03
CA PRO A 100 -7.32 -4.50 12.31
C PRO A 100 -6.16 -3.51 12.19
N SER A 101 -6.23 -2.43 12.95
CA SER A 101 -5.21 -1.41 12.91
C SER A 101 -3.84 -1.95 13.30
N SER A 102 -3.84 -2.95 14.16
CA SER A 102 -2.62 -3.53 14.66
C SER A 102 -1.82 -4.27 13.55
N LEU A 103 -2.47 -4.55 12.41
CA LEU A 103 -1.79 -5.19 11.31
C LEU A 103 -1.20 -4.17 10.35
N LEU A 104 -1.61 -2.93 10.51
CA LEU A 104 -1.18 -1.86 9.64
C LEU A 104 -0.71 -0.69 10.50
N SER A 105 -0.28 -0.98 11.71
CA SER A 105 0.05 0.04 12.72
C SER A 105 1.16 0.99 12.26
N TYR A 106 1.92 0.60 11.26
CA TYR A 106 2.95 1.44 10.70
C TYR A 106 2.32 2.58 9.88
N PHE A 107 1.20 2.29 9.26
CA PHE A 107 0.51 3.27 8.44
C PHE A 107 -0.69 3.84 9.18
N VAL A 108 -1.16 3.11 10.14
CA VAL A 108 -2.31 3.49 10.91
C VAL A 108 -1.88 3.83 12.32
N GLY A 21 -4.12 -4.53 -20.02
CA GLY A 21 -5.16 -5.52 -19.82
C GLY A 21 -5.66 -5.49 -18.40
N SER A 22 -6.95 -5.72 -18.23
CA SER A 22 -7.62 -5.66 -16.95
C SER A 22 -7.03 -6.64 -15.93
N LYS A 23 -6.77 -7.83 -16.38
CA LYS A 23 -6.37 -8.92 -15.50
C LYS A 23 -4.93 -8.76 -15.02
N ALA A 24 -4.06 -8.35 -15.91
CA ALA A 24 -2.66 -8.17 -15.57
C ALA A 24 -2.43 -6.86 -14.83
N ALA A 25 -3.23 -5.85 -15.12
CA ALA A 25 -3.05 -4.54 -14.50
C ALA A 25 -3.26 -4.58 -13.02
N LYS A 26 -4.36 -5.20 -12.58
CA LYS A 26 -4.69 -5.26 -11.15
C LYS A 26 -3.58 -5.90 -10.32
N LYS A 27 -3.07 -6.98 -10.82
CA LYS A 27 -1.99 -7.69 -10.18
C LYS A 27 -0.72 -6.85 -10.16
N LYS A 28 -0.44 -6.21 -11.29
CA LYS A 28 0.69 -5.32 -11.41
C LYS A 28 0.53 -4.16 -10.43
N ASN A 29 -0.70 -3.66 -10.32
CA ASN A 29 -1.04 -2.59 -9.36
C ASN A 29 -0.62 -3.01 -7.98
N LYS A 30 -1.07 -4.20 -7.56
CA LYS A 30 -0.76 -4.75 -6.25
C LYS A 30 0.74 -4.80 -6.03
N ARG A 31 1.45 -5.24 -7.04
CA ARG A 31 2.87 -5.34 -6.99
C ARG A 31 3.50 -3.93 -6.94
N ALA A 32 2.95 -2.99 -7.73
CA ALA A 32 3.47 -1.63 -7.81
C ALA A 32 3.30 -0.90 -6.49
N ILE A 33 2.19 -1.17 -5.83
CA ILE A 33 1.91 -0.60 -4.53
C ILE A 33 2.96 -1.06 -3.52
N ARG A 34 3.35 -2.32 -3.59
CA ARG A 34 4.35 -2.87 -2.68
C ARG A 34 5.74 -2.36 -3.02
N ASN A 35 6.00 -2.17 -4.31
CA ASN A 35 7.28 -1.64 -4.79
C ASN A 35 7.56 -0.21 -4.35
N SER A 36 6.53 0.52 -3.95
CA SER A 36 6.71 1.89 -3.54
C SER A 36 7.64 1.99 -2.33
N ALA A 37 7.54 1.00 -1.42
CA ALA A 37 8.41 0.96 -0.25
C ALA A 37 9.86 0.77 -0.69
N LYS A 38 10.06 0.11 -1.79
CA LYS A 38 11.35 -0.06 -2.34
C LYS A 38 11.85 1.22 -3.02
N GLU A 39 11.02 1.76 -3.90
CA GLU A 39 11.39 2.92 -4.73
C GLU A 39 11.46 4.24 -3.96
N ALA A 40 10.66 4.36 -2.91
CA ALA A 40 10.61 5.59 -2.13
C ALA A 40 11.27 5.38 -0.78
N ASP A 41 11.98 4.27 -0.67
CA ASP A 41 12.71 3.86 0.53
C ASP A 41 11.75 3.34 1.59
N TYR A 42 12.26 2.52 2.51
CA TYR A 42 11.46 2.00 3.60
C TYR A 42 11.26 3.02 4.69
N PHE A 43 11.56 4.27 4.36
CA PHE A 43 11.27 5.45 5.16
C PHE A 43 12.07 5.45 6.46
N GLY A 44 13.17 4.71 6.46
CA GLY A 44 14.01 4.60 7.62
C GLY A 44 13.64 3.42 8.48
N ASP A 45 12.67 2.67 8.02
CA ASP A 45 12.20 1.51 8.69
C ASP A 45 12.55 0.26 7.90
N ALA A 46 13.70 0.30 7.23
CA ALA A 46 14.18 -0.83 6.41
C ALA A 46 14.46 -2.05 7.26
N ASP A 47 14.67 -1.81 8.54
CA ASP A 47 14.90 -2.88 9.52
C ASP A 47 13.65 -3.74 9.67
N LYS A 48 12.49 -3.17 9.37
CA LYS A 48 11.22 -3.87 9.46
C LYS A 48 10.59 -4.02 8.08
N ALA A 49 11.43 -4.00 7.03
CA ALA A 49 11.06 -4.15 5.65
C ALA A 49 10.05 -5.27 5.41
N THR A 50 10.24 -6.38 6.10
CA THR A 50 9.38 -7.49 5.91
C THR A 50 7.98 -7.19 6.50
N THR A 51 7.96 -6.61 7.69
CA THR A 51 6.73 -6.25 8.35
C THR A 51 5.98 -5.20 7.49
N ILE A 52 6.73 -4.24 6.96
CA ILE A 52 6.20 -3.20 6.08
C ILE A 52 5.59 -3.82 4.84
N ASP A 53 6.37 -4.64 4.15
CA ASP A 53 5.94 -5.28 2.90
C ASP A 53 4.70 -6.14 3.11
N GLU A 54 4.66 -6.87 4.22
CA GLU A 54 3.49 -7.69 4.53
C GLU A 54 2.25 -6.82 4.68
N GLN A 55 2.40 -5.68 5.36
CA GLN A 55 1.29 -4.76 5.55
C GLN A 55 0.85 -4.15 4.25
N VAL A 56 1.79 -3.75 3.42
CA VAL A 56 1.45 -3.19 2.11
C VAL A 56 0.73 -4.25 1.27
N GLY A 57 1.19 -5.49 1.39
CA GLY A 57 0.54 -6.59 0.71
C GLY A 57 -0.87 -6.82 1.24
N LEU A 58 -1.06 -6.63 2.53
CA LEU A 58 -2.39 -6.71 3.12
C LEU A 58 -3.25 -5.59 2.59
N ILE A 59 -2.66 -4.40 2.46
CA ILE A 59 -3.34 -3.24 1.90
C ILE A 59 -3.85 -3.55 0.50
N VAL A 60 -2.97 -4.04 -0.38
CA VAL A 60 -3.33 -4.31 -1.77
C VAL A 60 -4.42 -5.38 -1.88
N ASP A 61 -4.41 -6.33 -0.97
CA ASP A 61 -5.40 -7.39 -0.99
C ASP A 61 -6.73 -6.95 -0.40
N SER A 62 -6.65 -6.16 0.66
CA SER A 62 -7.83 -5.67 1.33
C SER A 62 -8.54 -4.62 0.48
N LEU A 63 -7.79 -3.96 -0.39
CA LEU A 63 -8.37 -2.95 -1.27
C LEU A 63 -9.10 -3.61 -2.41
N ASN A 64 -9.81 -2.83 -3.15
CA ASN A 64 -10.52 -3.29 -4.30
C ASN A 64 -9.77 -2.92 -5.54
N ASP A 65 -10.05 -3.63 -6.60
CA ASP A 65 -9.34 -3.53 -7.91
C ASP A 65 -9.27 -2.11 -8.42
N GLU A 66 -10.26 -1.34 -8.06
CA GLU A 66 -10.33 0.05 -8.47
C GLU A 66 -9.34 0.91 -7.71
N GLU A 67 -9.32 0.73 -6.40
CA GLU A 67 -8.45 1.51 -5.54
C GLU A 67 -6.99 1.18 -5.76
N LEU A 68 -6.72 -0.08 -6.13
CA LEU A 68 -5.34 -0.54 -6.39
C LEU A 68 -4.69 0.36 -7.41
N VAL A 69 -5.39 0.52 -8.54
CA VAL A 69 -5.01 1.39 -9.61
C VAL A 69 -4.78 2.79 -9.08
N SER A 70 -5.74 3.28 -8.31
CA SER A 70 -5.73 4.63 -7.79
C SER A 70 -4.57 4.93 -6.83
N THR A 71 -4.35 4.08 -5.84
CA THR A 71 -3.27 4.31 -4.91
C THR A 71 -1.94 4.24 -5.61
N ALA A 72 -1.79 3.26 -6.47
CA ALA A 72 -0.57 3.10 -7.25
C ALA A 72 -0.35 4.30 -8.14
N ASP A 73 -1.43 4.74 -8.76
CA ASP A 73 -1.45 5.91 -9.65
C ASP A 73 -0.91 7.13 -8.94
N LYS A 74 -1.39 7.35 -7.74
CA LYS A 74 -0.99 8.46 -6.92
C LYS A 74 0.48 8.36 -6.50
N ILE A 75 0.96 7.13 -6.35
CA ILE A 75 2.36 6.92 -6.00
C ILE A 75 3.28 7.34 -7.18
N LYS A 76 2.83 7.12 -8.41
CA LYS A 76 3.60 7.58 -9.58
C LYS A 76 3.50 9.09 -9.71
N ALA A 77 2.43 9.64 -9.18
CA ALA A 77 2.21 11.06 -9.21
C ALA A 77 3.07 11.75 -8.16
N ASN A 78 3.40 11.02 -7.12
CA ASN A 78 4.21 11.53 -6.03
C ASN A 78 4.92 10.39 -5.31
N ALA A 79 6.09 10.04 -5.80
CA ALA A 79 6.87 8.96 -5.24
C ALA A 79 7.33 9.29 -3.83
N ALA A 80 7.59 10.58 -3.61
CA ALA A 80 8.03 11.07 -2.30
C ALA A 80 6.97 10.82 -1.24
N GLY A 81 5.74 10.64 -1.68
CA GLY A 81 4.68 10.39 -0.81
C GLY A 81 4.12 9.01 -1.02
N ALA A 82 4.98 8.03 -1.22
CA ALA A 82 4.51 6.65 -1.33
C ALA A 82 3.83 6.25 -0.03
N LYS A 83 4.43 6.65 1.07
CA LYS A 83 3.93 6.33 2.38
C LYS A 83 2.62 7.05 2.63
N GLU A 84 2.51 8.28 2.15
CA GLU A 84 1.30 9.07 2.41
C GLU A 84 0.10 8.43 1.72
N VAL A 85 0.35 7.80 0.58
CA VAL A 85 -0.69 7.11 -0.16
C VAL A 85 -0.97 5.75 0.50
N LEU A 86 0.06 5.14 1.04
CA LEU A 86 -0.09 3.88 1.75
C LEU A 86 -0.82 4.09 3.04
N LYS A 87 -0.51 5.17 3.74
CA LYS A 87 -1.26 5.53 4.92
C LYS A 87 -2.70 5.90 4.55
N GLU A 88 -2.88 6.46 3.35
CA GLU A 88 -4.18 6.94 2.90
C GLU A 88 -5.11 5.75 2.76
N SER A 89 -4.61 4.72 2.13
CA SER A 89 -5.36 3.52 1.96
C SER A 89 -5.52 2.78 3.29
N ALA A 90 -4.42 2.61 4.03
CA ALA A 90 -4.44 1.92 5.33
C ALA A 90 -5.49 2.50 6.29
N LYS A 91 -5.50 3.82 6.44
CA LYS A 91 -6.44 4.48 7.35
C LYS A 91 -7.87 4.26 6.89
N THR A 92 -8.06 4.17 5.59
CA THR A 92 -9.37 3.98 5.02
C THR A 92 -9.82 2.50 5.18
N ILE A 93 -8.88 1.58 5.15
CA ILE A 93 -9.13 0.16 5.30
C ILE A 93 -9.67 -0.13 6.70
N VAL A 94 -9.01 0.40 7.69
CA VAL A 94 -9.40 0.17 9.07
C VAL A 94 -10.68 0.93 9.38
N ASP A 95 -10.84 2.06 8.73
CA ASP A 95 -12.02 2.91 8.91
C ASP A 95 -13.23 2.26 8.26
N SER A 96 -12.98 1.29 7.42
CA SER A 96 -14.04 0.56 6.76
C SER A 96 -14.20 -0.83 7.39
N GLY A 97 -13.39 -1.12 8.40
CA GLY A 97 -13.47 -2.38 9.10
C GLY A 97 -13.01 -3.57 8.25
N LYS A 98 -12.14 -3.31 7.29
CA LYS A 98 -11.67 -4.38 6.42
C LYS A 98 -10.63 -5.16 7.18
N LEU A 99 -9.74 -4.42 7.77
CA LEU A 99 -8.66 -4.98 8.57
C LEU A 99 -8.53 -4.22 9.87
N PRO A 100 -8.14 -4.90 10.94
CA PRO A 100 -7.89 -4.27 12.21
C PRO A 100 -6.60 -3.45 12.16
N SER A 101 -6.54 -2.44 12.99
CA SER A 101 -5.38 -1.55 13.09
C SER A 101 -4.10 -2.36 13.43
N SER A 102 -4.28 -3.46 14.16
CA SER A 102 -3.18 -4.31 14.56
C SER A 102 -2.46 -4.94 13.35
N LEU A 103 -3.19 -5.17 12.26
CA LEU A 103 -2.61 -5.82 11.10
C LEU A 103 -1.87 -4.86 10.20
N LEU A 104 -2.18 -3.60 10.32
CA LEU A 104 -1.56 -2.55 9.51
C LEU A 104 -0.96 -1.52 10.44
N SER A 105 -0.38 -2.02 11.51
CA SER A 105 0.15 -1.26 12.63
C SER A 105 1.18 -0.17 12.24
N TYR A 106 1.83 -0.31 11.10
CA TYR A 106 2.83 0.67 10.69
C TYR A 106 2.18 1.84 9.96
N PHE A 107 1.19 1.55 9.16
CA PHE A 107 0.57 2.59 8.34
C PHE A 107 -0.69 3.17 8.96
N VAL A 108 -1.28 2.46 9.89
CA VAL A 108 -2.49 2.90 10.53
C VAL A 108 -2.21 3.65 11.83
N GLY A 21 -12.00 -4.13 -14.81
CA GLY A 21 -10.61 -4.42 -14.47
C GLY A 21 -10.16 -5.71 -15.11
N SER A 22 -9.13 -6.32 -14.57
CA SER A 22 -8.57 -7.55 -15.06
C SER A 22 -7.70 -8.13 -13.97
N LYS A 23 -7.45 -9.39 -14.05
CA LYS A 23 -6.72 -10.08 -13.03
C LYS A 23 -5.25 -9.80 -13.09
N ALA A 24 -4.72 -9.73 -14.29
CA ALA A 24 -3.33 -9.39 -14.48
C ALA A 24 -3.09 -7.94 -14.06
N ALA A 25 -4.14 -7.13 -14.19
CA ALA A 25 -4.09 -5.75 -13.78
C ALA A 25 -4.06 -5.65 -12.27
N LYS A 26 -4.91 -6.46 -11.59
CA LYS A 26 -4.94 -6.53 -10.13
C LYS A 26 -3.55 -6.79 -9.59
N LYS A 27 -2.95 -7.85 -10.11
CA LYS A 27 -1.63 -8.30 -9.68
C LYS A 27 -0.56 -7.25 -9.94
N LYS A 28 -0.65 -6.64 -11.11
CA LYS A 28 0.31 -5.63 -11.52
C LYS A 28 0.22 -4.40 -10.62
N ASN A 29 -0.98 -3.97 -10.33
CA ASN A 29 -1.17 -2.81 -9.48
C ASN A 29 -0.74 -3.11 -8.07
N LYS A 30 -1.01 -4.32 -7.62
CA LYS A 30 -0.61 -4.74 -6.29
C LYS A 30 0.90 -4.69 -6.12
N ARG A 31 1.63 -5.15 -7.13
CA ARG A 31 3.08 -5.12 -7.05
C ARG A 31 3.56 -3.68 -7.16
N ALA A 32 2.87 -2.87 -7.96
CA ALA A 32 3.23 -1.48 -8.18
C ALA A 32 3.21 -0.72 -6.86
N ILE A 33 2.17 -0.95 -6.11
CA ILE A 33 1.98 -0.36 -4.82
C ILE A 33 3.08 -0.83 -3.85
N ARG A 34 3.28 -2.15 -3.77
CA ARG A 34 4.28 -2.74 -2.85
C ARG A 34 5.69 -2.29 -3.19
N ASN A 35 5.99 -2.21 -4.48
CA ASN A 35 7.32 -1.83 -4.97
C ASN A 35 7.74 -0.42 -4.59
N SER A 36 6.77 0.44 -4.26
CA SER A 36 7.05 1.78 -3.86
C SER A 36 8.00 1.81 -2.66
N ALA A 37 7.84 0.85 -1.76
CA ALA A 37 8.69 0.76 -0.57
C ALA A 37 10.16 0.55 -0.94
N LYS A 38 10.41 -0.04 -2.10
CA LYS A 38 11.76 -0.21 -2.55
C LYS A 38 12.33 1.09 -3.10
N GLU A 39 11.62 1.65 -4.06
CA GLU A 39 12.08 2.82 -4.80
C GLU A 39 11.94 4.13 -4.04
N ALA A 40 10.97 4.21 -3.17
CA ALA A 40 10.76 5.42 -2.39
C ALA A 40 11.39 5.26 -1.03
N ASP A 41 12.15 4.17 -0.90
CA ASP A 41 12.86 3.77 0.32
C ASP A 41 11.87 3.22 1.33
N TYR A 42 12.37 2.49 2.29
CA TYR A 42 11.56 1.96 3.35
C TYR A 42 11.29 2.99 4.43
N PHE A 43 11.61 4.24 4.09
CA PHE A 43 11.27 5.43 4.86
C PHE A 43 12.02 5.43 6.21
N GLY A 44 13.16 4.75 6.22
CA GLY A 44 13.96 4.66 7.43
C GLY A 44 13.62 3.46 8.25
N ASP A 45 12.79 2.62 7.70
CA ASP A 45 12.35 1.42 8.37
C ASP A 45 12.63 0.20 7.52
N ALA A 46 13.78 0.21 6.90
CA ALA A 46 14.23 -0.84 6.01
C ALA A 46 14.49 -2.13 6.75
N ASP A 47 14.74 -2.03 8.04
CA ASP A 47 15.00 -3.20 8.86
C ASP A 47 13.72 -3.97 9.17
N LYS A 48 12.58 -3.35 8.91
CA LYS A 48 11.29 -3.98 9.13
C LYS A 48 10.60 -4.13 7.78
N ALA A 49 11.43 -4.16 6.73
CA ALA A 49 11.04 -4.34 5.34
C ALA A 49 10.00 -5.43 5.15
N THR A 50 10.18 -6.56 5.78
CA THR A 50 9.28 -7.67 5.62
C THR A 50 7.90 -7.31 6.20
N THR A 51 7.94 -6.66 7.33
CA THR A 51 6.76 -6.20 8.02
C THR A 51 6.04 -5.15 7.15
N ILE A 52 6.82 -4.22 6.59
CA ILE A 52 6.30 -3.18 5.73
C ILE A 52 5.64 -3.78 4.49
N ASP A 53 6.36 -4.65 3.77
CA ASP A 53 5.84 -5.28 2.55
C ASP A 53 4.59 -6.06 2.85
N GLU A 54 4.58 -6.75 3.99
CA GLU A 54 3.44 -7.52 4.40
C GLU A 54 2.22 -6.63 4.59
N GLN A 55 2.39 -5.54 5.33
CA GLN A 55 1.30 -4.59 5.57
C GLN A 55 0.82 -3.95 4.27
N VAL A 56 1.75 -3.56 3.40
CA VAL A 56 1.38 -2.97 2.11
C VAL A 56 0.59 -3.99 1.30
N GLY A 57 1.00 -5.25 1.39
CA GLY A 57 0.29 -6.29 0.70
C GLY A 57 -1.10 -6.49 1.26
N LEU A 58 -1.22 -6.44 2.57
CA LEU A 58 -2.52 -6.53 3.24
C LEU A 58 -3.42 -5.43 2.73
N ILE A 59 -2.84 -4.26 2.53
CA ILE A 59 -3.54 -3.12 1.98
C ILE A 59 -4.07 -3.43 0.58
N VAL A 60 -3.17 -3.81 -0.31
CA VAL A 60 -3.53 -4.02 -1.71
C VAL A 60 -4.51 -5.18 -1.91
N ASP A 61 -4.43 -6.18 -1.04
CA ASP A 61 -5.32 -7.32 -1.13
C ASP A 61 -6.69 -7.04 -0.55
N SER A 62 -6.77 -6.13 0.42
CA SER A 62 -8.03 -5.74 0.97
C SER A 62 -8.72 -4.71 0.06
N LEU A 63 -7.92 -4.01 -0.72
CA LEU A 63 -8.44 -3.04 -1.67
C LEU A 63 -8.97 -3.72 -2.92
N ASN A 64 -9.55 -2.94 -3.79
CA ASN A 64 -10.06 -3.40 -5.07
C ASN A 64 -9.24 -2.77 -6.17
N ASP A 65 -9.27 -3.39 -7.35
CA ASP A 65 -8.48 -2.94 -8.54
C ASP A 65 -8.65 -1.48 -8.86
N GLU A 66 -9.80 -0.95 -8.53
CA GLU A 66 -10.15 0.38 -8.82
C GLU A 66 -9.34 1.33 -7.97
N GLU A 67 -9.31 1.05 -6.70
CA GLU A 67 -8.56 1.83 -5.76
C GLU A 67 -7.07 1.56 -5.85
N LEU A 68 -6.70 0.32 -6.27
CA LEU A 68 -5.29 -0.03 -6.46
C LEU A 68 -4.63 0.95 -7.42
N VAL A 69 -5.31 1.20 -8.55
CA VAL A 69 -4.84 2.12 -9.56
C VAL A 69 -4.69 3.51 -8.94
N SER A 70 -5.67 3.89 -8.15
CA SER A 70 -5.71 5.19 -7.54
C SER A 70 -4.54 5.43 -6.59
N THR A 71 -4.30 4.50 -5.67
CA THR A 71 -3.24 4.66 -4.70
C THR A 71 -1.88 4.60 -5.37
N ALA A 72 -1.76 3.73 -6.35
CA ALA A 72 -0.51 3.58 -7.08
C ALA A 72 -0.20 4.84 -7.87
N ASP A 73 -1.23 5.37 -8.50
CA ASP A 73 -1.12 6.58 -9.32
C ASP A 73 -0.59 7.75 -8.52
N LYS A 74 -1.07 7.87 -7.28
CA LYS A 74 -0.63 8.96 -6.40
C LYS A 74 0.85 8.81 -6.06
N ILE A 75 1.32 7.57 -6.02
CA ILE A 75 2.71 7.29 -5.70
C ILE A 75 3.64 7.77 -6.83
N LYS A 76 3.17 7.69 -8.07
CA LYS A 76 3.95 8.19 -9.20
C LYS A 76 3.95 9.71 -9.21
N ALA A 77 2.90 10.28 -8.67
CA ALA A 77 2.78 11.72 -8.57
C ALA A 77 3.64 12.24 -7.43
N ASN A 78 3.87 11.41 -6.43
CA ASN A 78 4.69 11.79 -5.28
C ASN A 78 5.32 10.56 -4.62
N ALA A 79 6.51 10.22 -5.08
CA ALA A 79 7.22 9.06 -4.55
C ALA A 79 7.60 9.26 -3.08
N ALA A 80 7.90 10.50 -2.73
CA ALA A 80 8.27 10.84 -1.36
C ALA A 80 7.10 10.66 -0.39
N GLY A 81 5.93 10.46 -0.94
CA GLY A 81 4.79 10.24 -0.17
C GLY A 81 4.14 8.92 -0.50
N ALA A 82 4.94 7.92 -0.84
CA ALA A 82 4.40 6.60 -1.12
C ALA A 82 3.71 6.06 0.11
N LYS A 83 4.32 6.31 1.27
CA LYS A 83 3.81 5.87 2.52
C LYS A 83 2.55 6.63 2.86
N GLU A 84 2.54 7.95 2.59
CA GLU A 84 1.40 8.80 2.95
C GLU A 84 0.15 8.37 2.19
N VAL A 85 0.34 7.90 0.97
CA VAL A 85 -0.76 7.39 0.17
C VAL A 85 -1.25 6.08 0.80
N LEU A 86 -0.29 5.25 1.18
CA LEU A 86 -0.58 3.97 1.81
C LEU A 86 -1.26 4.16 3.15
N LYS A 87 -0.87 5.20 3.86
CA LYS A 87 -1.52 5.53 5.10
C LYS A 87 -3.01 5.85 4.89
N GLU A 88 -3.36 6.35 3.72
CA GLU A 88 -4.75 6.70 3.44
C GLU A 88 -5.56 5.47 3.18
N SER A 89 -5.03 4.60 2.35
CA SER A 89 -5.69 3.39 2.04
C SER A 89 -5.80 2.49 3.27
N ALA A 90 -4.73 2.43 4.06
CA ALA A 90 -4.72 1.67 5.31
C ALA A 90 -5.86 2.11 6.22
N LYS A 91 -5.95 3.42 6.43
CA LYS A 91 -7.01 4.00 7.24
C LYS A 91 -8.38 3.63 6.68
N THR A 92 -8.52 3.74 5.38
CA THR A 92 -9.76 3.43 4.69
C THR A 92 -10.14 1.93 4.88
N ILE A 93 -9.13 1.09 4.89
CA ILE A 93 -9.32 -0.35 5.11
C ILE A 93 -9.83 -0.62 6.51
N VAL A 94 -9.24 0.04 7.49
CA VAL A 94 -9.66 -0.07 8.88
C VAL A 94 -11.06 0.52 9.05
N ASP A 95 -11.34 1.55 8.27
CA ASP A 95 -12.65 2.22 8.28
C ASP A 95 -13.71 1.31 7.68
N SER A 96 -13.35 0.62 6.63
CA SER A 96 -14.24 -0.31 5.95
C SER A 96 -14.35 -1.64 6.72
N GLY A 97 -13.62 -1.73 7.83
CA GLY A 97 -13.68 -2.90 8.68
C GLY A 97 -13.07 -4.12 8.04
N LYS A 98 -12.22 -3.91 7.05
CA LYS A 98 -11.58 -5.00 6.36
C LYS A 98 -10.47 -5.58 7.17
N LEU A 99 -9.69 -4.72 7.76
CA LEU A 99 -8.60 -5.11 8.61
C LEU A 99 -8.54 -4.23 9.83
N PRO A 100 -8.02 -4.76 10.95
CA PRO A 100 -7.81 -3.98 12.16
C PRO A 100 -6.57 -3.09 12.02
N SER A 101 -6.52 -2.04 12.81
CA SER A 101 -5.43 -1.08 12.77
C SER A 101 -4.09 -1.75 13.10
N SER A 102 -4.12 -2.76 13.95
CA SER A 102 -2.94 -3.46 14.37
C SER A 102 -2.28 -4.26 13.23
N LEU A 103 -3.00 -4.45 12.13
CA LEU A 103 -2.46 -5.17 11.02
C LEU A 103 -1.85 -4.24 9.98
N LEU A 104 -2.09 -2.96 10.16
CA LEU A 104 -1.56 -1.92 9.29
C LEU A 104 -0.89 -0.89 10.17
N SER A 105 -0.39 -1.36 11.29
CA SER A 105 0.15 -0.54 12.37
C SER A 105 1.23 0.48 11.93
N TYR A 106 1.93 0.21 10.85
CA TYR A 106 2.96 1.12 10.38
C TYR A 106 2.33 2.29 9.61
N PHE A 107 1.20 2.05 9.04
CA PHE A 107 0.52 3.05 8.23
C PHE A 107 -0.63 3.68 8.98
N VAL A 108 -1.17 2.96 9.91
CA VAL A 108 -2.24 3.43 10.71
C VAL A 108 -1.67 3.79 12.08
N GLY A 21 -3.56 -5.61 -20.20
CA GLY A 21 -4.86 -6.24 -19.97
C GLY A 21 -5.23 -6.21 -18.51
N SER A 22 -6.51 -6.25 -18.23
CA SER A 22 -7.02 -6.12 -16.88
C SER A 22 -6.56 -7.23 -15.93
N LYS A 23 -6.39 -8.43 -16.42
CA LYS A 23 -6.00 -9.55 -15.56
C LYS A 23 -4.54 -9.43 -15.14
N ALA A 24 -3.75 -8.82 -16.00
CA ALA A 24 -2.36 -8.54 -15.68
C ALA A 24 -2.31 -7.32 -14.78
N ALA A 25 -3.17 -6.34 -15.06
CA ALA A 25 -3.26 -5.10 -14.30
C ALA A 25 -3.58 -5.35 -12.84
N LYS A 26 -4.47 -6.31 -12.58
CA LYS A 26 -4.86 -6.67 -11.21
C LYS A 26 -3.63 -7.01 -10.37
N LYS A 27 -2.79 -7.84 -10.92
CA LYS A 27 -1.60 -8.29 -10.24
C LYS A 27 -0.55 -7.21 -10.23
N LYS A 28 -0.44 -6.50 -11.34
CA LYS A 28 0.54 -5.45 -11.46
C LYS A 28 0.27 -4.35 -10.46
N ASN A 29 -1.00 -3.98 -10.30
CA ASN A 29 -1.35 -2.95 -9.35
C ASN A 29 -1.01 -3.37 -7.93
N LYS A 30 -1.27 -4.64 -7.60
CA LYS A 30 -0.95 -5.15 -6.26
C LYS A 30 0.52 -5.02 -5.94
N ARG A 31 1.37 -5.38 -6.90
CA ARG A 31 2.78 -5.26 -6.67
C ARG A 31 3.22 -3.79 -6.72
N ALA A 32 2.55 -3.00 -7.56
CA ALA A 32 2.90 -1.59 -7.74
C ALA A 32 2.75 -0.83 -6.45
N ILE A 33 1.77 -1.23 -5.67
CA ILE A 33 1.53 -0.63 -4.39
C ILE A 33 2.66 -1.02 -3.41
N ARG A 34 3.11 -2.28 -3.48
CA ARG A 34 4.19 -2.76 -2.61
C ARG A 34 5.53 -2.14 -3.00
N ASN A 35 5.69 -1.84 -4.30
CA ASN A 35 6.91 -1.20 -4.83
C ASN A 35 7.21 0.15 -4.20
N SER A 36 6.21 0.74 -3.56
CA SER A 36 6.34 2.02 -2.91
C SER A 36 7.54 2.05 -1.95
N ALA A 37 7.67 1.02 -1.15
CA ALA A 37 8.76 0.92 -0.19
C ALA A 37 10.13 0.84 -0.88
N LYS A 38 10.16 0.35 -2.08
CA LYS A 38 11.39 0.27 -2.82
C LYS A 38 11.78 1.65 -3.34
N GLU A 39 10.87 2.28 -4.07
CA GLU A 39 11.14 3.56 -4.73
C GLU A 39 11.09 4.77 -3.81
N ALA A 40 10.28 4.71 -2.78
CA ALA A 40 10.17 5.82 -1.83
C ALA A 40 10.99 5.54 -0.61
N ASP A 41 11.72 4.43 -0.67
CA ASP A 41 12.59 3.95 0.41
C ASP A 41 11.76 3.29 1.51
N TYR A 42 12.40 2.49 2.33
CA TYR A 42 11.76 1.85 3.45
C TYR A 42 11.61 2.80 4.63
N PHE A 43 11.76 4.08 4.33
CA PHE A 43 11.50 5.20 5.21
C PHE A 43 12.47 5.16 6.40
N GLY A 44 13.63 4.56 6.16
CA GLY A 44 14.65 4.46 7.17
C GLY A 44 14.33 3.43 8.23
N ASP A 45 13.42 2.53 7.91
CA ASP A 45 12.98 1.53 8.86
C ASP A 45 12.90 0.18 8.12
N ALA A 46 13.90 -0.01 7.27
CA ALA A 46 14.10 -1.14 6.39
C ALA A 46 14.27 -2.42 7.14
N ASP A 47 14.64 -2.34 8.39
CA ASP A 47 14.85 -3.55 9.19
C ASP A 47 13.54 -4.29 9.44
N LYS A 48 12.41 -3.65 9.14
CA LYS A 48 11.14 -4.35 9.17
C LYS A 48 10.53 -4.40 7.77
N ALA A 49 11.40 -4.35 6.74
CA ALA A 49 11.03 -4.43 5.33
C ALA A 49 10.01 -5.53 5.04
N THR A 50 10.16 -6.66 5.67
CA THR A 50 9.24 -7.78 5.43
C THR A 50 7.83 -7.42 5.93
N THR A 51 7.76 -6.73 7.06
CA THR A 51 6.51 -6.33 7.61
C THR A 51 5.92 -5.24 6.75
N ILE A 52 6.77 -4.31 6.33
CA ILE A 52 6.36 -3.22 5.47
C ILE A 52 5.77 -3.78 4.17
N ASP A 53 6.47 -4.71 3.54
CA ASP A 53 6.01 -5.27 2.24
C ASP A 53 4.71 -6.06 2.43
N GLU A 54 4.67 -6.84 3.50
CA GLU A 54 3.52 -7.67 3.81
C GLU A 54 2.30 -6.83 4.20
N GLN A 55 2.51 -5.78 4.99
CA GLN A 55 1.41 -4.88 5.38
C GLN A 55 0.83 -4.19 4.18
N VAL A 56 1.69 -3.78 3.27
CA VAL A 56 1.22 -3.17 2.05
C VAL A 56 0.43 -4.19 1.23
N GLY A 57 0.86 -5.43 1.32
CA GLY A 57 0.15 -6.51 0.67
C GLY A 57 -1.22 -6.71 1.29
N LEU A 58 -1.32 -6.52 2.61
CA LEU A 58 -2.62 -6.60 3.30
C LEU A 58 -3.53 -5.48 2.80
N ILE A 59 -2.93 -4.32 2.56
CA ILE A 59 -3.61 -3.17 2.01
C ILE A 59 -4.20 -3.52 0.64
N VAL A 60 -3.35 -3.97 -0.27
CA VAL A 60 -3.78 -4.30 -1.65
C VAL A 60 -4.78 -5.47 -1.65
N ASP A 61 -4.65 -6.33 -0.68
CA ASP A 61 -5.51 -7.51 -0.55
C ASP A 61 -6.92 -7.13 -0.10
N SER A 62 -7.02 -6.07 0.66
CA SER A 62 -8.30 -5.63 1.15
C SER A 62 -8.96 -4.67 0.15
N LEU A 63 -8.17 -4.19 -0.76
CA LEU A 63 -8.65 -3.30 -1.78
C LEU A 63 -8.94 -4.08 -3.04
N ASN A 64 -9.68 -3.49 -3.93
CA ASN A 64 -9.95 -4.05 -5.23
C ASN A 64 -9.03 -3.39 -6.23
N ASP A 65 -8.80 -4.02 -7.39
CA ASP A 65 -7.83 -3.51 -8.40
C ASP A 65 -8.07 -2.06 -8.80
N GLU A 66 -9.30 -1.63 -8.68
CA GLU A 66 -9.68 -0.26 -9.01
C GLU A 66 -9.11 0.71 -7.97
N GLU A 67 -9.21 0.31 -6.73
CA GLU A 67 -8.65 1.07 -5.62
C GLU A 67 -7.14 1.03 -5.67
N LEU A 68 -6.62 -0.09 -6.13
CA LEU A 68 -5.19 -0.31 -6.23
C LEU A 68 -4.57 0.71 -7.17
N VAL A 69 -5.13 0.81 -8.37
CA VAL A 69 -4.61 1.72 -9.35
C VAL A 69 -4.77 3.16 -8.89
N SER A 70 -5.83 3.39 -8.16
CA SER A 70 -6.11 4.69 -7.57
C SER A 70 -4.98 5.12 -6.61
N THR A 71 -4.62 4.23 -5.66
CA THR A 71 -3.54 4.51 -4.73
C THR A 71 -2.20 4.52 -5.45
N ALA A 72 -2.07 3.64 -6.41
CA ALA A 72 -0.87 3.56 -7.24
C ALA A 72 -0.62 4.88 -7.94
N ASP A 73 -1.67 5.41 -8.54
CA ASP A 73 -1.64 6.69 -9.25
C ASP A 73 -1.12 7.80 -8.34
N LYS A 74 -1.50 7.74 -7.08
CA LYS A 74 -1.08 8.73 -6.09
C LYS A 74 0.42 8.60 -5.85
N ILE A 75 0.92 7.37 -5.90
CA ILE A 75 2.35 7.08 -5.70
C ILE A 75 3.16 7.60 -6.89
N LYS A 76 2.61 7.55 -8.07
CA LYS A 76 3.32 8.08 -9.22
C LYS A 76 3.40 9.58 -9.15
N ALA A 77 2.39 10.19 -8.55
CA ALA A 77 2.39 11.62 -8.33
C ALA A 77 3.40 11.96 -7.25
N ASN A 78 3.43 11.12 -6.23
CA ASN A 78 4.33 11.30 -5.11
C ASN A 78 5.22 10.12 -4.91
N ALA A 79 6.25 10.08 -5.71
CA ALA A 79 7.23 9.02 -5.64
C ALA A 79 7.97 9.10 -4.31
N ALA A 80 8.13 10.31 -3.82
CA ALA A 80 8.79 10.55 -2.54
C ALA A 80 7.85 10.28 -1.38
N GLY A 81 6.55 10.52 -1.59
CA GLY A 81 5.61 10.35 -0.55
C GLY A 81 4.72 9.21 -0.84
N ALA A 82 5.29 8.08 -1.13
CA ALA A 82 4.48 6.90 -1.36
C ALA A 82 3.82 6.48 -0.07
N LYS A 83 4.55 6.64 1.03
CA LYS A 83 4.10 6.28 2.38
C LYS A 83 2.81 6.99 2.70
N GLU A 84 2.71 8.22 2.25
CA GLU A 84 1.57 9.04 2.56
C GLU A 84 0.32 8.46 1.92
N VAL A 85 0.48 7.87 0.76
CA VAL A 85 -0.61 7.24 0.07
C VAL A 85 -1.00 5.98 0.79
N LEU A 86 0.02 5.20 1.19
CA LEU A 86 -0.21 4.01 1.96
C LEU A 86 -0.94 4.33 3.25
N LYS A 87 -0.59 5.45 3.91
CA LYS A 87 -1.30 5.86 5.10
C LYS A 87 -2.80 6.02 4.85
N GLU A 88 -3.15 6.61 3.71
CA GLU A 88 -4.52 6.92 3.42
C GLU A 88 -5.32 5.69 3.08
N SER A 89 -4.70 4.80 2.36
CA SER A 89 -5.34 3.60 1.98
C SER A 89 -5.55 2.73 3.23
N ALA A 90 -4.51 2.65 4.05
CA ALA A 90 -4.53 1.84 5.26
C ALA A 90 -5.62 2.29 6.21
N LYS A 91 -5.66 3.59 6.48
CA LYS A 91 -6.65 4.17 7.36
C LYS A 91 -8.07 3.87 6.85
N THR A 92 -8.25 4.04 5.55
CA THR A 92 -9.54 3.79 4.90
C THR A 92 -9.97 2.31 5.06
N ILE A 93 -9.02 1.40 4.91
CA ILE A 93 -9.27 -0.02 5.07
C ILE A 93 -9.71 -0.33 6.49
N VAL A 94 -9.01 0.23 7.45
CA VAL A 94 -9.33 0.07 8.86
C VAL A 94 -10.69 0.68 9.15
N ASP A 95 -10.96 1.81 8.52
CA ASP A 95 -12.22 2.54 8.72
C ASP A 95 -13.39 1.71 8.19
N SER A 96 -13.13 0.97 7.13
CA SER A 96 -14.12 0.13 6.51
C SER A 96 -14.29 -1.18 7.28
N GLY A 97 -13.40 -1.42 8.22
CA GLY A 97 -13.46 -2.62 9.03
C GLY A 97 -12.97 -3.84 8.30
N LYS A 98 -12.12 -3.63 7.30
CA LYS A 98 -11.55 -4.74 6.58
C LYS A 98 -10.39 -5.32 7.32
N LEU A 99 -9.60 -4.44 7.88
CA LEU A 99 -8.48 -4.82 8.69
C LEU A 99 -8.44 -3.96 9.91
N PRO A 100 -8.29 -4.56 11.09
CA PRO A 100 -8.08 -3.81 12.31
C PRO A 100 -6.78 -3.03 12.23
N SER A 101 -6.73 -1.89 12.87
CA SER A 101 -5.58 -1.01 12.86
C SER A 101 -4.28 -1.72 13.24
N SER A 102 -4.37 -2.64 14.18
CA SER A 102 -3.23 -3.38 14.70
C SER A 102 -2.60 -4.31 13.65
N LEU A 103 -3.34 -4.64 12.58
CA LEU A 103 -2.81 -5.51 11.53
C LEU A 103 -1.80 -4.77 10.68
N LEU A 104 -1.88 -3.46 10.70
CA LEU A 104 -0.95 -2.66 9.98
C LEU A 104 -0.11 -1.87 10.97
N SER A 105 -0.74 -0.98 11.66
CA SER A 105 -0.14 -0.11 12.69
C SER A 105 0.83 0.91 12.08
N TYR A 106 1.84 0.44 11.36
CA TYR A 106 2.88 1.27 10.75
C TYR A 106 2.29 2.36 9.85
N PHE A 107 1.15 2.09 9.24
CA PHE A 107 0.51 3.04 8.35
C PHE A 107 -0.71 3.72 8.95
N VAL A 108 -1.03 3.38 10.18
CA VAL A 108 -2.17 3.99 10.85
C VAL A 108 -1.77 4.48 12.25
N GLY A 21 -10.69 -1.69 -13.20
CA GLY A 21 -9.66 -2.08 -14.15
C GLY A 21 -9.84 -3.49 -14.64
N SER A 22 -8.89 -4.35 -14.32
CA SER A 22 -8.88 -5.73 -14.79
C SER A 22 -7.89 -6.52 -13.94
N LYS A 23 -7.91 -7.81 -14.08
CA LYS A 23 -7.16 -8.69 -13.21
C LYS A 23 -5.68 -8.72 -13.50
N ALA A 24 -5.31 -8.55 -14.75
CA ALA A 24 -3.91 -8.48 -15.13
C ALA A 24 -3.33 -7.19 -14.59
N ALA A 25 -4.14 -6.14 -14.68
CA ALA A 25 -3.79 -4.83 -14.18
C ALA A 25 -3.69 -4.87 -12.66
N LYS A 26 -4.64 -5.55 -12.02
CA LYS A 26 -4.67 -5.73 -10.59
C LYS A 26 -3.37 -6.34 -10.08
N LYS A 27 -2.90 -7.36 -10.79
CA LYS A 27 -1.65 -8.03 -10.43
C LYS A 27 -0.48 -7.06 -10.50
N LYS A 28 -0.46 -6.26 -11.55
CA LYS A 28 0.57 -5.28 -11.77
C LYS A 28 0.51 -4.20 -10.69
N ASN A 29 -0.67 -3.67 -10.49
CA ASN A 29 -0.88 -2.58 -9.55
C ASN A 29 -0.59 -2.99 -8.13
N LYS A 30 -1.07 -4.16 -7.70
CA LYS A 30 -0.81 -4.63 -6.34
C LYS A 30 0.68 -4.72 -6.08
N ARG A 31 1.42 -5.17 -7.06
CA ARG A 31 2.82 -5.28 -6.97
C ARG A 31 3.47 -3.89 -6.98
N ALA A 32 2.97 -3.00 -7.84
CA ALA A 32 3.51 -1.64 -7.97
C ALA A 32 3.37 -0.89 -6.65
N ILE A 33 2.25 -1.11 -5.99
CA ILE A 33 1.97 -0.52 -4.69
C ILE A 33 3.02 -0.98 -3.68
N ARG A 34 3.29 -2.29 -3.65
CA ARG A 34 4.26 -2.84 -2.71
C ARG A 34 5.67 -2.37 -3.02
N ASN A 35 5.93 -2.18 -4.30
CA ASN A 35 7.23 -1.69 -4.79
C ASN A 35 7.59 -0.30 -4.31
N SER A 36 6.60 0.48 -3.84
CA SER A 36 6.86 1.81 -3.38
C SER A 36 7.85 1.82 -2.22
N ALA A 37 7.80 0.80 -1.37
CA ALA A 37 8.73 0.72 -0.26
C ALA A 37 10.16 0.48 -0.76
N LYS A 38 10.28 -0.14 -1.91
CA LYS A 38 11.56 -0.32 -2.54
C LYS A 38 12.04 0.99 -3.17
N GLU A 39 11.19 1.56 -4.01
CA GLU A 39 11.52 2.72 -4.84
C GLU A 39 11.52 4.05 -4.08
N ALA A 40 10.71 4.15 -3.06
CA ALA A 40 10.59 5.39 -2.31
C ALA A 40 11.21 5.24 -0.94
N ASP A 41 11.91 4.12 -0.77
CA ASP A 41 12.61 3.74 0.48
C ASP A 41 11.63 3.22 1.51
N TYR A 42 12.14 2.55 2.51
CA TYR A 42 11.33 2.04 3.61
C TYR A 42 11.10 3.10 4.64
N PHE A 43 11.40 4.33 4.24
CA PHE A 43 11.10 5.55 4.95
C PHE A 43 11.85 5.62 6.28
N GLY A 44 12.97 4.89 6.35
CA GLY A 44 13.77 4.84 7.56
C GLY A 44 13.40 3.67 8.46
N ASP A 45 12.59 2.77 7.94
CA ASP A 45 12.17 1.57 8.67
C ASP A 45 12.52 0.33 7.87
N ALA A 46 13.67 0.37 7.23
CA ALA A 46 14.15 -0.69 6.37
C ALA A 46 14.39 -1.99 7.14
N ASP A 47 14.62 -1.88 8.43
CA ASP A 47 14.86 -3.07 9.25
C ASP A 47 13.59 -3.84 9.52
N LYS A 48 12.46 -3.22 9.23
CA LYS A 48 11.19 -3.89 9.39
C LYS A 48 10.55 -4.03 8.03
N ALA A 49 11.41 -4.04 6.98
CA ALA A 49 11.05 -4.22 5.60
C ALA A 49 10.06 -5.32 5.39
N THR A 50 10.28 -6.43 6.06
CA THR A 50 9.42 -7.58 5.92
C THR A 50 8.01 -7.27 6.47
N THR A 51 7.96 -6.63 7.63
CA THR A 51 6.72 -6.22 8.24
C THR A 51 5.99 -5.21 7.35
N ILE A 52 6.77 -4.28 6.80
CA ILE A 52 6.23 -3.29 5.89
C ILE A 52 5.69 -3.98 4.63
N ASP A 53 6.51 -4.86 4.06
CA ASP A 53 6.17 -5.61 2.85
C ASP A 53 4.86 -6.37 3.04
N GLU A 54 4.75 -7.06 4.18
CA GLU A 54 3.55 -7.82 4.51
C GLU A 54 2.35 -6.91 4.65
N GLN A 55 2.49 -5.84 5.41
CA GLN A 55 1.41 -4.90 5.63
C GLN A 55 0.98 -4.18 4.36
N VAL A 56 1.92 -3.85 3.48
CA VAL A 56 1.56 -3.23 2.21
C VAL A 56 0.82 -4.26 1.34
N GLY A 57 1.25 -5.51 1.45
CA GLY A 57 0.57 -6.58 0.75
C GLY A 57 -0.82 -6.81 1.29
N LEU A 58 -1.00 -6.60 2.59
CA LEU A 58 -2.32 -6.67 3.20
C LEU A 58 -3.17 -5.52 2.68
N ILE A 59 -2.52 -4.38 2.48
CA ILE A 59 -3.17 -3.21 1.93
C ILE A 59 -3.73 -3.51 0.55
N VAL A 60 -2.87 -3.95 -0.35
CA VAL A 60 -3.27 -4.20 -1.73
C VAL A 60 -4.35 -5.28 -1.85
N ASP A 61 -4.37 -6.21 -0.92
CA ASP A 61 -5.36 -7.28 -0.93
C ASP A 61 -6.70 -6.82 -0.38
N SER A 62 -6.65 -5.97 0.62
CA SER A 62 -7.86 -5.46 1.25
C SER A 62 -8.50 -4.35 0.42
N LEU A 63 -7.74 -3.77 -0.47
CA LEU A 63 -8.24 -2.74 -1.33
C LEU A 63 -8.89 -3.34 -2.55
N ASN A 64 -9.83 -2.64 -3.09
CA ASN A 64 -10.51 -3.05 -4.27
C ASN A 64 -9.74 -2.61 -5.48
N ASP A 65 -10.00 -3.25 -6.60
CA ASP A 65 -9.26 -3.04 -7.87
C ASP A 65 -9.15 -1.57 -8.24
N GLU A 66 -10.16 -0.81 -7.93
CA GLU A 66 -10.25 0.55 -8.27
C GLU A 66 -9.29 1.39 -7.41
N GLU A 67 -9.16 1.02 -6.16
CA GLU A 67 -8.26 1.73 -5.26
C GLU A 67 -6.83 1.38 -5.55
N LEU A 68 -6.60 0.16 -6.02
CA LEU A 68 -5.24 -0.33 -6.30
C LEU A 68 -4.57 0.58 -7.32
N VAL A 69 -5.24 0.81 -8.44
CA VAL A 69 -4.73 1.63 -9.49
C VAL A 69 -4.62 3.07 -9.01
N SER A 70 -5.58 3.46 -8.23
CA SER A 70 -5.63 4.80 -7.69
C SER A 70 -4.44 5.11 -6.79
N THR A 71 -4.17 4.26 -5.83
CA THR A 71 -3.07 4.48 -4.95
C THR A 71 -1.75 4.36 -5.69
N ALA A 72 -1.67 3.38 -6.55
CA ALA A 72 -0.46 3.12 -7.31
C ALA A 72 -0.10 4.30 -8.19
N ASP A 73 -1.06 4.83 -8.91
CA ASP A 73 -0.81 5.93 -9.81
C ASP A 73 -0.46 7.20 -9.03
N LYS A 74 -1.05 7.34 -7.83
CA LYS A 74 -0.72 8.44 -6.95
C LYS A 74 0.73 8.36 -6.48
N ILE A 75 1.25 7.14 -6.37
CA ILE A 75 2.65 6.95 -6.00
C ILE A 75 3.56 7.44 -7.13
N LYS A 76 3.09 7.29 -8.35
CA LYS A 76 3.81 7.79 -9.53
C LYS A 76 3.69 9.29 -9.64
N ALA A 77 2.68 9.83 -9.02
CA ALA A 77 2.48 11.26 -8.98
C ALA A 77 3.33 11.84 -7.88
N ASN A 78 3.48 11.10 -6.81
CA ASN A 78 4.22 11.54 -5.66
C ASN A 78 4.92 10.39 -4.97
N ALA A 79 6.13 10.10 -5.44
CA ALA A 79 6.96 9.04 -4.87
C ALA A 79 7.37 9.40 -3.45
N ALA A 80 7.58 10.68 -3.22
CA ALA A 80 7.98 11.20 -1.92
C ALA A 80 6.89 10.97 -0.88
N GLY A 81 5.69 10.76 -1.35
CA GLY A 81 4.60 10.56 -0.46
C GLY A 81 4.01 9.19 -0.62
N ALA A 82 4.82 8.20 -1.00
CA ALA A 82 4.30 6.84 -1.11
C ALA A 82 3.71 6.41 0.23
N LYS A 83 4.41 6.75 1.30
CA LYS A 83 3.99 6.43 2.66
C LYS A 83 2.63 7.07 2.94
N GLU A 84 2.42 8.28 2.42
CA GLU A 84 1.20 9.01 2.69
C GLU A 84 0.06 8.38 1.89
N VAL A 85 0.40 7.88 0.70
CA VAL A 85 -0.56 7.17 -0.13
C VAL A 85 -0.97 5.91 0.58
N LEU A 86 0.00 5.17 1.06
CA LEU A 86 -0.26 3.98 1.81
C LEU A 86 -1.01 4.25 3.11
N LYS A 87 -0.74 5.39 3.77
CA LYS A 87 -1.55 5.75 4.95
C LYS A 87 -3.02 5.98 4.57
N GLU A 88 -3.26 6.48 3.36
CA GLU A 88 -4.59 6.75 2.86
C GLU A 88 -5.29 5.41 2.61
N SER A 89 -4.54 4.48 2.05
CA SER A 89 -5.00 3.15 1.80
C SER A 89 -5.35 2.47 3.13
N ALA A 90 -4.40 2.53 4.06
CA ALA A 90 -4.53 1.90 5.38
C ALA A 90 -5.77 2.37 6.11
N LYS A 91 -5.95 3.67 6.17
CA LYS A 91 -7.10 4.26 6.83
C LYS A 91 -8.39 3.75 6.20
N THR A 92 -8.42 3.73 4.89
CA THR A 92 -9.57 3.24 4.13
C THR A 92 -9.90 1.78 4.51
N ILE A 93 -8.86 0.98 4.66
CA ILE A 93 -8.97 -0.42 5.04
C ILE A 93 -9.61 -0.56 6.42
N VAL A 94 -9.04 0.13 7.38
CA VAL A 94 -9.50 0.09 8.75
C VAL A 94 -10.91 0.66 8.87
N ASP A 95 -11.13 1.77 8.19
CA ASP A 95 -12.43 2.48 8.23
C ASP A 95 -13.55 1.67 7.58
N SER A 96 -13.18 0.82 6.65
CA SER A 96 -14.15 -0.04 5.99
C SER A 96 -14.31 -1.36 6.75
N GLY A 97 -13.46 -1.57 7.75
CA GLY A 97 -13.52 -2.78 8.55
C GLY A 97 -12.91 -3.96 7.85
N LYS A 98 -12.00 -3.69 6.94
CA LYS A 98 -11.33 -4.73 6.20
C LYS A 98 -10.30 -5.44 7.09
N LEU A 99 -9.52 -4.65 7.78
CA LEU A 99 -8.51 -5.15 8.70
C LEU A 99 -8.50 -4.31 9.95
N PRO A 100 -8.11 -4.90 11.08
CA PRO A 100 -7.92 -4.16 12.30
C PRO A 100 -6.63 -3.36 12.20
N SER A 101 -6.61 -2.21 12.84
CA SER A 101 -5.46 -1.32 12.82
C SER A 101 -4.18 -2.02 13.34
N SER A 102 -4.36 -2.98 14.25
CA SER A 102 -3.25 -3.72 14.81
C SER A 102 -2.50 -4.56 13.74
N LEU A 103 -3.14 -4.80 12.60
CA LEU A 103 -2.53 -5.59 11.56
C LEU A 103 -1.92 -4.73 10.46
N LEU A 104 -2.01 -3.42 10.60
CA LEU A 104 -1.51 -2.54 9.57
C LEU A 104 -0.83 -1.34 10.28
N SER A 105 -0.28 -1.64 11.43
CA SER A 105 0.25 -0.66 12.37
C SER A 105 1.33 0.30 11.82
N TYR A 106 1.97 -0.03 10.70
CA TYR A 106 3.00 0.87 10.18
C TYR A 106 2.38 2.10 9.53
N PHE A 107 1.26 1.93 8.88
CA PHE A 107 0.61 3.03 8.20
C PHE A 107 -0.54 3.57 9.01
N VAL A 108 -1.14 2.71 9.78
CA VAL A 108 -2.20 3.10 10.65
C VAL A 108 -1.86 2.69 12.07
N GLY A 21 -8.28 -6.46 -19.70
CA GLY A 21 -9.04 -7.06 -18.60
C GLY A 21 -8.53 -6.58 -17.27
N SER A 22 -9.39 -6.59 -16.27
CA SER A 22 -9.07 -6.08 -14.97
C SER A 22 -8.05 -6.91 -14.20
N LYS A 23 -7.97 -8.19 -14.49
CA LYS A 23 -7.14 -9.10 -13.69
C LYS A 23 -5.66 -8.93 -13.96
N ALA A 24 -5.31 -8.69 -15.21
CA ALA A 24 -3.92 -8.48 -15.58
C ALA A 24 -3.41 -7.18 -14.98
N ALA A 25 -4.25 -6.16 -15.04
CA ALA A 25 -3.92 -4.86 -14.49
C ALA A 25 -3.82 -4.93 -12.98
N LYS A 26 -4.79 -5.59 -12.37
CA LYS A 26 -4.85 -5.77 -10.94
C LYS A 26 -3.61 -6.50 -10.46
N LYS A 27 -3.21 -7.51 -11.22
CA LYS A 27 -2.02 -8.30 -10.93
C LYS A 27 -0.79 -7.40 -10.81
N LYS A 28 -0.64 -6.50 -11.76
CA LYS A 28 0.47 -5.61 -11.80
C LYS A 28 0.39 -4.55 -10.72
N ASN A 29 -0.75 -3.90 -10.62
CA ASN A 29 -0.96 -2.82 -9.63
C ASN A 29 -0.75 -3.31 -8.22
N LYS A 30 -1.24 -4.51 -7.95
CA LYS A 30 -1.21 -5.10 -6.63
C LYS A 30 0.24 -5.22 -6.13
N ARG A 31 1.13 -5.71 -7.00
CA ARG A 31 2.53 -5.78 -6.64
C ARG A 31 3.21 -4.40 -6.71
N ALA A 32 2.75 -3.55 -7.65
CA ALA A 32 3.34 -2.24 -7.89
C ALA A 32 3.26 -1.36 -6.67
N ILE A 33 2.15 -1.44 -5.99
CA ILE A 33 1.94 -0.68 -4.78
C ILE A 33 2.92 -1.14 -3.70
N ARG A 34 3.24 -2.45 -3.69
CA ARG A 34 4.18 -3.01 -2.71
C ARG A 34 5.57 -2.50 -2.98
N ASN A 35 5.87 -2.33 -4.25
CA ASN A 35 7.19 -1.86 -4.70
C ASN A 35 7.55 -0.46 -4.23
N SER A 36 6.56 0.33 -3.80
CA SER A 36 6.80 1.65 -3.32
C SER A 36 7.80 1.64 -2.16
N ALA A 37 7.66 0.69 -1.25
CA ALA A 37 8.57 0.60 -0.11
C ALA A 37 10.01 0.33 -0.56
N LYS A 38 10.17 -0.38 -1.64
CA LYS A 38 11.46 -0.63 -2.17
C LYS A 38 12.05 0.56 -2.92
N GLU A 39 11.31 1.06 -3.90
CA GLU A 39 11.77 2.14 -4.77
C GLU A 39 11.71 3.52 -4.15
N ALA A 40 10.80 3.71 -3.24
CA ALA A 40 10.62 4.99 -2.61
C ALA A 40 11.21 5.00 -1.24
N ASP A 41 12.04 3.98 -0.97
CA ASP A 41 12.72 3.78 0.32
C ASP A 41 11.74 3.26 1.35
N TYR A 42 12.25 2.53 2.33
CA TYR A 42 11.44 2.04 3.42
C TYR A 42 11.15 3.14 4.44
N PHE A 43 11.38 4.37 3.99
CA PHE A 43 11.03 5.60 4.66
C PHE A 43 11.86 5.81 5.92
N GLY A 44 12.96 5.09 6.01
CA GLY A 44 13.80 5.17 7.19
C GLY A 44 13.42 4.11 8.19
N ASP A 45 12.62 3.16 7.76
CA ASP A 45 12.19 2.07 8.59
C ASP A 45 12.53 0.74 7.92
N ALA A 46 13.66 0.72 7.23
CA ALA A 46 14.15 -0.42 6.47
C ALA A 46 14.38 -1.64 7.35
N ASP A 47 14.58 -1.42 8.63
CA ASP A 47 14.79 -2.53 9.60
C ASP A 47 13.52 -3.34 9.76
N LYS A 48 12.39 -2.75 9.41
CA LYS A 48 11.13 -3.45 9.52
C LYS A 48 10.54 -3.66 8.12
N ALA A 49 11.43 -3.69 7.13
CA ALA A 49 11.13 -3.96 5.74
C ALA A 49 10.18 -5.12 5.54
N THR A 50 10.40 -6.19 6.27
CA THR A 50 9.60 -7.37 6.13
C THR A 50 8.17 -7.08 6.57
N THR A 51 8.05 -6.39 7.69
CA THR A 51 6.80 -6.01 8.25
C THR A 51 6.06 -5.07 7.29
N ILE A 52 6.79 -4.05 6.81
CA ILE A 52 6.26 -3.06 5.88
C ILE A 52 5.74 -3.72 4.61
N ASP A 53 6.54 -4.62 4.05
CA ASP A 53 6.15 -5.34 2.82
C ASP A 53 4.84 -6.09 3.00
N GLU A 54 4.70 -6.74 4.15
CA GLU A 54 3.48 -7.47 4.45
C GLU A 54 2.31 -6.53 4.51
N GLN A 55 2.44 -5.48 5.29
CA GLN A 55 1.38 -4.50 5.52
C GLN A 55 0.89 -3.90 4.22
N VAL A 56 1.82 -3.50 3.35
CA VAL A 56 1.43 -2.93 2.06
C VAL A 56 0.66 -3.98 1.25
N GLY A 57 1.07 -5.23 1.37
CA GLY A 57 0.40 -6.31 0.68
C GLY A 57 -1.02 -6.50 1.19
N LEU A 58 -1.20 -6.49 2.50
CA LEU A 58 -2.54 -6.54 3.09
C LEU A 58 -3.38 -5.36 2.60
N ILE A 59 -2.77 -4.19 2.51
CA ILE A 59 -3.45 -3.00 2.01
C ILE A 59 -3.96 -3.23 0.59
N VAL A 60 -3.07 -3.63 -0.30
CA VAL A 60 -3.41 -3.83 -1.71
C VAL A 60 -4.43 -4.96 -1.89
N ASP A 61 -4.39 -5.91 -0.99
CA ASP A 61 -5.25 -7.07 -1.07
C ASP A 61 -6.67 -6.72 -0.65
N SER A 62 -6.80 -5.82 0.29
CA SER A 62 -8.09 -5.40 0.74
C SER A 62 -8.69 -4.42 -0.29
N LEU A 63 -7.83 -3.76 -1.04
CA LEU A 63 -8.25 -2.78 -2.04
C LEU A 63 -8.63 -3.49 -3.35
N ASN A 64 -9.38 -2.79 -4.18
CA ASN A 64 -9.83 -3.33 -5.48
C ASN A 64 -8.93 -2.77 -6.54
N ASP A 65 -8.94 -3.33 -7.75
CA ASP A 65 -8.09 -2.82 -8.89
C ASP A 65 -8.26 -1.31 -9.07
N GLU A 66 -9.46 -0.84 -8.82
CA GLU A 66 -9.78 0.58 -8.94
C GLU A 66 -9.05 1.37 -7.87
N GLU A 67 -9.14 0.86 -6.68
CA GLU A 67 -8.52 1.44 -5.53
C GLU A 67 -7.00 1.32 -5.62
N LEU A 68 -6.53 0.25 -6.28
CA LEU A 68 -5.10 0.01 -6.46
C LEU A 68 -4.53 1.11 -7.31
N VAL A 69 -5.20 1.41 -8.41
CA VAL A 69 -4.78 2.45 -9.30
C VAL A 69 -4.80 3.78 -8.59
N SER A 70 -5.82 3.99 -7.77
CA SER A 70 -5.98 5.22 -7.03
C SER A 70 -4.76 5.51 -6.13
N THR A 71 -4.29 4.49 -5.43
CA THR A 71 -3.15 4.66 -4.59
C THR A 71 -1.86 4.68 -5.40
N ALA A 72 -1.79 3.83 -6.39
CA ALA A 72 -0.58 3.70 -7.21
C ALA A 72 -0.31 4.94 -8.04
N ASP A 73 -1.37 5.47 -8.63
CA ASP A 73 -1.31 6.69 -9.47
C ASP A 73 -0.67 7.83 -8.73
N LYS A 74 -1.00 7.97 -7.45
CA LYS A 74 -0.37 8.98 -6.64
C LYS A 74 1.06 8.70 -6.39
N ILE A 75 1.38 7.44 -6.15
CA ILE A 75 2.77 7.02 -5.95
C ILE A 75 3.59 7.29 -7.22
N LYS A 76 2.94 7.16 -8.37
CA LYS A 76 3.59 7.42 -9.64
C LYS A 76 4.03 8.88 -9.70
N ALA A 77 3.24 9.74 -9.10
CA ALA A 77 3.51 11.15 -9.07
C ALA A 77 4.30 11.53 -7.81
N ASN A 78 4.32 10.65 -6.84
CA ASN A 78 4.98 10.89 -5.57
C ASN A 78 5.69 9.67 -5.08
N ALA A 79 6.94 9.53 -5.42
CA ALA A 79 7.72 8.45 -4.88
C ALA A 79 7.89 8.64 -3.39
N ALA A 80 8.36 9.81 -3.01
CA ALA A 80 8.60 10.13 -1.62
C ALA A 80 7.30 10.16 -0.83
N GLY A 81 6.20 10.41 -1.52
CA GLY A 81 4.92 10.45 -0.88
C GLY A 81 4.15 9.18 -1.14
N ALA A 82 4.84 8.07 -1.21
CA ALA A 82 4.17 6.80 -1.35
C ALA A 82 3.44 6.47 -0.07
N LYS A 83 4.12 6.66 1.04
CA LYS A 83 3.61 6.33 2.34
C LYS A 83 2.37 7.14 2.66
N GLU A 84 2.36 8.41 2.22
CA GLU A 84 1.24 9.32 2.48
C GLU A 84 -0.03 8.70 1.91
N VAL A 85 0.15 7.96 0.83
CA VAL A 85 -0.93 7.30 0.14
C VAL A 85 -1.33 6.05 0.90
N LEU A 86 -0.35 5.18 1.18
CA LEU A 86 -0.59 3.96 1.93
C LEU A 86 -1.24 4.22 3.28
N LYS A 87 -0.84 5.29 3.95
CA LYS A 87 -1.46 5.63 5.22
C LYS A 87 -2.96 5.94 5.07
N GLU A 88 -3.35 6.51 3.93
CA GLU A 88 -4.75 6.87 3.72
C GLU A 88 -5.58 5.65 3.39
N SER A 89 -5.03 4.79 2.58
CA SER A 89 -5.71 3.59 2.20
C SER A 89 -5.85 2.65 3.38
N ALA A 90 -4.79 2.53 4.19
CA ALA A 90 -4.81 1.71 5.40
C ALA A 90 -5.91 2.18 6.33
N LYS A 91 -6.02 3.49 6.46
CA LYS A 91 -7.04 4.12 7.28
C LYS A 91 -8.44 3.77 6.75
N THR A 92 -8.57 3.66 5.45
CA THR A 92 -9.85 3.36 4.80
C THR A 92 -10.23 1.87 5.00
N ILE A 93 -9.21 1.03 5.02
CA ILE A 93 -9.37 -0.41 5.20
C ILE A 93 -9.84 -0.72 6.61
N VAL A 94 -9.20 -0.11 7.58
CA VAL A 94 -9.56 -0.33 8.97
C VAL A 94 -10.90 0.32 9.25
N ASP A 95 -11.15 1.41 8.57
CA ASP A 95 -12.39 2.19 8.66
C ASP A 95 -13.57 1.35 8.19
N SER A 96 -13.26 0.32 7.45
CA SER A 96 -14.27 -0.54 6.88
C SER A 96 -14.31 -1.89 7.60
N GLY A 97 -13.48 -2.05 8.63
CA GLY A 97 -13.43 -3.30 9.38
C GLY A 97 -12.82 -4.45 8.59
N LYS A 98 -12.05 -4.10 7.57
CA LYS A 98 -11.43 -5.07 6.69
C LYS A 98 -10.25 -5.71 7.38
N LEU A 99 -9.46 -4.89 8.00
CA LEU A 99 -8.31 -5.33 8.71
C LEU A 99 -8.24 -4.61 10.02
N PRO A 100 -7.82 -5.31 11.08
CA PRO A 100 -7.59 -4.68 12.35
C PRO A 100 -6.42 -3.73 12.24
N SER A 101 -6.50 -2.62 12.94
CA SER A 101 -5.48 -1.58 12.91
C SER A 101 -4.08 -2.12 13.21
N SER A 102 -4.02 -3.13 14.06
CA SER A 102 -2.77 -3.71 14.46
C SER A 102 -2.07 -4.47 13.32
N LEU A 103 -2.78 -4.74 12.22
CA LEU A 103 -2.17 -5.41 11.09
C LEU A 103 -1.55 -4.42 10.12
N LEU A 104 -1.89 -3.16 10.28
CA LEU A 104 -1.39 -2.12 9.40
C LEU A 104 -0.79 -1.01 10.23
N SER A 105 -0.36 -1.38 11.42
CA SER A 105 0.10 -0.46 12.48
C SER A 105 1.14 0.60 12.02
N TYR A 106 1.92 0.31 10.99
CA TYR A 106 2.89 1.30 10.51
C TYR A 106 2.19 2.43 9.77
N PHE A 107 1.11 2.11 9.11
CA PHE A 107 0.40 3.05 8.31
C PHE A 107 -0.81 3.61 9.07
N VAL A 108 -1.29 2.85 10.01
CA VAL A 108 -2.40 3.22 10.83
C VAL A 108 -2.11 2.91 12.32
N GLY A 21 -8.09 -5.16 -18.79
CA GLY A 21 -8.36 -6.26 -17.88
C GLY A 21 -7.96 -5.95 -16.47
N SER A 22 -8.84 -5.28 -15.74
CA SER A 22 -8.59 -4.87 -14.37
C SER A 22 -8.29 -6.05 -13.45
N LYS A 23 -8.92 -7.18 -13.71
CA LYS A 23 -8.67 -8.39 -12.91
C LYS A 23 -7.23 -8.86 -13.09
N ALA A 24 -6.70 -8.72 -14.29
CA ALA A 24 -5.33 -9.08 -14.56
C ALA A 24 -4.39 -8.00 -14.06
N ALA A 25 -4.79 -6.75 -14.31
CA ALA A 25 -4.03 -5.58 -13.90
C ALA A 25 -3.81 -5.55 -12.40
N LYS A 26 -4.78 -6.08 -11.64
CA LYS A 26 -4.70 -6.14 -10.21
C LYS A 26 -3.42 -6.84 -9.77
N LYS A 27 -3.14 -7.98 -10.37
CA LYS A 27 -1.97 -8.80 -10.04
C LYS A 27 -0.68 -7.98 -10.15
N LYS A 28 -0.60 -7.22 -11.22
CA LYS A 28 0.54 -6.41 -11.51
C LYS A 28 0.60 -5.17 -10.62
N ASN A 29 -0.54 -4.52 -10.44
CA ASN A 29 -0.65 -3.31 -9.61
C ASN A 29 -0.36 -3.57 -8.16
N LYS A 30 -0.80 -4.72 -7.64
CA LYS A 30 -0.55 -5.09 -6.24
C LYS A 30 0.95 -5.05 -5.94
N ARG A 31 1.74 -5.53 -6.88
CA ARG A 31 3.15 -5.53 -6.75
C ARG A 31 3.70 -4.12 -6.92
N ALA A 32 3.15 -3.38 -7.87
CA ALA A 32 3.57 -2.00 -8.15
C ALA A 32 3.42 -1.13 -6.91
N ILE A 33 2.38 -1.41 -6.13
CA ILE A 33 2.14 -0.69 -4.89
C ILE A 33 3.25 -1.02 -3.89
N ARG A 34 3.65 -2.29 -3.84
CA ARG A 34 4.70 -2.73 -2.91
C ARG A 34 6.04 -2.10 -3.28
N ASN A 35 6.25 -1.95 -4.58
CA ASN A 35 7.49 -1.39 -5.13
C ASN A 35 7.78 0.02 -4.65
N SER A 36 6.76 0.73 -4.17
CA SER A 36 6.95 2.07 -3.72
C SER A 36 7.89 2.11 -2.51
N ALA A 37 7.81 1.10 -1.65
CA ALA A 37 8.67 1.00 -0.48
C ALA A 37 10.13 0.77 -0.92
N LYS A 38 10.29 0.16 -2.06
CA LYS A 38 11.59 -0.06 -2.61
C LYS A 38 12.15 1.23 -3.21
N GLU A 39 11.35 1.85 -4.07
CA GLU A 39 11.79 3.03 -4.81
C GLU A 39 11.76 4.33 -4.00
N ALA A 40 10.89 4.40 -3.04
CA ALA A 40 10.75 5.61 -2.23
C ALA A 40 11.39 5.42 -0.87
N ASP A 41 12.08 4.28 -0.72
CA ASP A 41 12.81 3.88 0.51
C ASP A 41 11.83 3.31 1.53
N TYR A 42 12.36 2.55 2.48
CA TYR A 42 11.56 1.99 3.55
C TYR A 42 11.28 3.03 4.63
N PHE A 43 11.56 4.29 4.28
CA PHE A 43 11.23 5.47 5.05
C PHE A 43 12.01 5.51 6.36
N GLY A 44 13.14 4.82 6.37
CA GLY A 44 13.95 4.76 7.57
C GLY A 44 13.61 3.57 8.42
N ASP A 45 12.70 2.75 7.95
CA ASP A 45 12.26 1.56 8.67
C ASP A 45 12.66 0.30 7.93
N ALA A 46 13.83 0.36 7.34
CA ALA A 46 14.38 -0.74 6.54
C ALA A 46 14.57 -2.00 7.39
N ASP A 47 14.72 -1.83 8.67
CA ASP A 47 14.91 -2.97 9.56
C ASP A 47 13.61 -3.68 9.86
N LYS A 48 12.50 -3.04 9.54
CA LYS A 48 11.21 -3.68 9.69
C LYS A 48 10.58 -3.88 8.32
N ALA A 49 11.44 -3.94 7.31
CA ALA A 49 11.11 -4.20 5.93
C ALA A 49 10.12 -5.35 5.76
N THR A 50 10.32 -6.42 6.51
CA THR A 50 9.47 -7.57 6.39
C THR A 50 8.07 -7.21 6.86
N THR A 51 7.99 -6.51 7.98
CA THR A 51 6.73 -6.06 8.54
C THR A 51 6.04 -5.08 7.58
N ILE A 52 6.83 -4.23 6.94
CA ILE A 52 6.33 -3.28 5.98
C ILE A 52 5.72 -3.99 4.77
N ASP A 53 6.48 -4.93 4.17
CA ASP A 53 5.99 -5.71 3.02
C ASP A 53 4.71 -6.48 3.33
N GLU A 54 4.60 -7.02 4.55
CA GLU A 54 3.39 -7.75 4.96
C GLU A 54 2.16 -6.85 4.87
N GLN A 55 2.25 -5.71 5.53
CA GLN A 55 1.16 -4.74 5.61
C GLN A 55 0.75 -4.23 4.25
N VAL A 56 1.72 -3.83 3.43
CA VAL A 56 1.43 -3.29 2.11
C VAL A 56 0.64 -4.30 1.27
N GLY A 57 1.04 -5.56 1.34
CA GLY A 57 0.35 -6.59 0.61
C GLY A 57 -1.06 -6.85 1.14
N LEU A 58 -1.25 -6.65 2.44
CA LEU A 58 -2.57 -6.78 3.05
C LEU A 58 -3.44 -5.61 2.58
N ILE A 59 -2.82 -4.43 2.47
CA ILE A 59 -3.49 -3.24 1.99
C ILE A 59 -4.02 -3.46 0.57
N VAL A 60 -3.13 -3.84 -0.33
CA VAL A 60 -3.46 -4.00 -1.74
C VAL A 60 -4.53 -5.09 -1.97
N ASP A 61 -4.57 -6.08 -1.11
CA ASP A 61 -5.55 -7.16 -1.25
C ASP A 61 -6.92 -6.75 -0.75
N SER A 62 -6.93 -5.89 0.25
CA SER A 62 -8.17 -5.40 0.81
C SER A 62 -8.75 -4.31 -0.08
N LEU A 63 -7.92 -3.78 -0.94
CA LEU A 63 -8.32 -2.79 -1.89
C LEU A 63 -8.76 -3.47 -3.18
N ASN A 64 -9.53 -2.76 -3.95
CA ASN A 64 -9.98 -3.24 -5.24
C ASN A 64 -9.04 -2.75 -6.30
N ASP A 65 -9.10 -3.36 -7.49
CA ASP A 65 -8.18 -3.04 -8.61
C ASP A 65 -8.15 -1.55 -8.94
N GLU A 66 -9.23 -0.88 -8.67
CA GLU A 66 -9.36 0.52 -9.00
C GLU A 66 -8.60 1.36 -7.99
N GLU A 67 -8.59 0.90 -6.76
CA GLU A 67 -7.88 1.56 -5.69
C GLU A 67 -6.41 1.41 -5.92
N LEU A 68 -6.04 0.28 -6.47
CA LEU A 68 -4.65 -0.03 -6.74
C LEU A 68 -4.13 0.93 -7.80
N VAL A 69 -4.99 1.22 -8.78
CA VAL A 69 -4.67 2.17 -9.80
C VAL A 69 -4.61 3.58 -9.19
N SER A 70 -5.51 3.86 -8.26
CA SER A 70 -5.60 5.16 -7.62
C SER A 70 -4.39 5.46 -6.71
N THR A 71 -3.99 4.49 -5.92
CA THR A 71 -2.86 4.67 -5.04
C THR A 71 -1.58 4.79 -5.87
N ALA A 72 -1.49 3.98 -6.89
CA ALA A 72 -0.36 4.03 -7.81
C ALA A 72 -0.33 5.36 -8.56
N ASP A 73 -1.52 5.90 -8.84
CA ASP A 73 -1.69 7.21 -9.49
C ASP A 73 -1.09 8.28 -8.63
N LYS A 74 -1.26 8.13 -7.34
CA LYS A 74 -0.71 9.05 -6.40
C LYS A 74 0.81 8.88 -6.33
N ILE A 75 1.27 7.63 -6.15
CA ILE A 75 2.72 7.32 -6.03
C ILE A 75 3.48 7.74 -7.30
N LYS A 76 2.80 7.60 -8.40
CA LYS A 76 3.28 7.97 -9.72
C LYS A 76 3.74 9.42 -9.78
N ALA A 77 2.93 10.30 -9.23
CA ALA A 77 3.22 11.72 -9.26
C ALA A 77 3.91 12.14 -8.00
N ASN A 78 3.63 11.43 -6.96
CA ASN A 78 4.15 11.74 -5.66
C ASN A 78 4.89 10.56 -5.09
N ALA A 79 6.13 10.41 -5.51
CA ALA A 79 7.01 9.34 -5.06
C ALA A 79 7.30 9.51 -3.59
N ALA A 80 7.52 10.76 -3.22
CA ALA A 80 7.86 11.12 -1.86
C ALA A 80 6.71 10.82 -0.91
N GLY A 81 5.52 10.68 -1.44
CA GLY A 81 4.41 10.40 -0.61
C GLY A 81 3.89 9.03 -0.81
N ALA A 82 4.77 8.08 -1.08
CA ALA A 82 4.32 6.69 -1.22
C ALA A 82 3.66 6.23 0.09
N LYS A 83 4.28 6.59 1.19
CA LYS A 83 3.81 6.20 2.50
C LYS A 83 2.50 6.89 2.81
N GLU A 84 2.36 8.16 2.39
CA GLU A 84 1.16 8.93 2.71
C GLU A 84 -0.06 8.32 2.04
N VAL A 85 0.18 7.77 0.85
CA VAL A 85 -0.87 7.12 0.09
C VAL A 85 -1.25 5.82 0.76
N LEU A 86 -0.24 5.00 1.03
CA LEU A 86 -0.44 3.74 1.73
C LEU A 86 -1.10 3.94 3.09
N LYS A 87 -0.72 4.99 3.82
CA LYS A 87 -1.40 5.29 5.06
C LYS A 87 -2.87 5.68 4.81
N GLU A 88 -3.15 6.28 3.66
CA GLU A 88 -4.48 6.78 3.38
C GLU A 88 -5.35 5.56 3.07
N SER A 89 -4.77 4.62 2.34
CA SER A 89 -5.40 3.38 2.02
C SER A 89 -5.66 2.58 3.30
N ALA A 90 -4.61 2.46 4.13
CA ALA A 90 -4.69 1.72 5.40
C ALA A 90 -5.85 2.20 6.25
N LYS A 91 -5.92 3.51 6.43
CA LYS A 91 -7.00 4.13 7.20
C LYS A 91 -8.36 3.81 6.61
N THR A 92 -8.42 3.82 5.29
CA THR A 92 -9.65 3.51 4.56
C THR A 92 -10.08 2.05 4.83
N ILE A 93 -9.12 1.16 4.79
CA ILE A 93 -9.32 -0.26 5.01
C ILE A 93 -9.84 -0.53 6.42
N VAL A 94 -9.16 0.04 7.40
CA VAL A 94 -9.53 -0.11 8.80
C VAL A 94 -10.92 0.45 9.02
N ASP A 95 -11.20 1.56 8.38
CA ASP A 95 -12.49 2.26 8.52
C ASP A 95 -13.65 1.41 8.04
N SER A 96 -13.45 0.70 6.94
CA SER A 96 -14.49 -0.15 6.39
C SER A 96 -14.59 -1.48 7.17
N GLY A 97 -13.64 -1.71 8.06
CA GLY A 97 -13.66 -2.92 8.85
C GLY A 97 -13.06 -4.09 8.14
N LYS A 98 -12.21 -3.83 7.15
CA LYS A 98 -11.56 -4.89 6.42
C LYS A 98 -10.41 -5.48 7.19
N LEU A 99 -9.59 -4.61 7.73
CA LEU A 99 -8.44 -5.00 8.52
C LEU A 99 -8.34 -4.11 9.73
N PRO A 100 -7.95 -4.66 10.88
CA PRO A 100 -7.71 -3.87 12.07
C PRO A 100 -6.40 -3.13 11.98
N SER A 101 -6.24 -2.13 12.82
CA SER A 101 -5.04 -1.36 12.91
C SER A 101 -3.84 -2.27 13.27
N SER A 102 -4.14 -3.33 14.01
CA SER A 102 -3.15 -4.32 14.45
C SER A 102 -2.46 -5.02 13.24
N LEU A 103 -3.10 -4.98 12.08
CA LEU A 103 -2.57 -5.61 10.89
C LEU A 103 -1.89 -4.63 9.95
N LEU A 104 -1.96 -3.36 10.26
CA LEU A 104 -1.41 -2.33 9.39
C LEU A 104 -0.75 -1.31 10.27
N SER A 105 -0.21 -1.79 11.37
CA SER A 105 0.33 -0.98 12.46
C SER A 105 1.47 -0.01 12.08
N TYR A 106 2.05 -0.16 10.91
CA TYR A 106 3.09 0.76 10.50
C TYR A 106 2.47 1.97 9.78
N PHE A 107 1.34 1.76 9.17
CA PHE A 107 0.69 2.80 8.42
C PHE A 107 -0.44 3.45 9.22
N VAL A 108 -1.14 2.64 9.96
CA VAL A 108 -2.23 3.10 10.77
C VAL A 108 -1.89 2.98 12.27
N GLY A 21 -9.78 -1.84 -13.23
CA GLY A 21 -8.57 -2.20 -13.95
C GLY A 21 -8.70 -3.56 -14.59
N SER A 22 -7.88 -3.83 -15.58
CA SER A 22 -7.94 -5.08 -16.28
C SER A 22 -7.28 -6.20 -15.46
N LYS A 23 -7.43 -7.43 -15.92
CA LYS A 23 -7.06 -8.65 -15.19
C LYS A 23 -5.59 -8.66 -14.78
N ALA A 24 -4.71 -8.39 -15.72
CA ALA A 24 -3.28 -8.41 -15.47
C ALA A 24 -2.88 -7.23 -14.61
N ALA A 25 -3.54 -6.11 -14.86
CA ALA A 25 -3.26 -4.88 -14.14
C ALA A 25 -3.60 -5.02 -12.66
N LYS A 26 -4.61 -5.81 -12.35
CA LYS A 26 -5.04 -6.04 -10.97
C LYS A 26 -3.88 -6.60 -10.14
N LYS A 27 -3.22 -7.59 -10.70
CA LYS A 27 -2.12 -8.27 -10.01
C LYS A 27 -0.92 -7.38 -10.01
N LYS A 28 -0.72 -6.74 -11.14
CA LYS A 28 0.39 -5.86 -11.35
C LYS A 28 0.41 -4.70 -10.37
N ASN A 29 -0.72 -4.02 -10.19
CA ASN A 29 -0.80 -2.91 -9.25
C ASN A 29 -0.49 -3.32 -7.85
N LYS A 30 -0.91 -4.53 -7.46
CA LYS A 30 -0.63 -5.03 -6.12
C LYS A 30 0.86 -5.01 -5.81
N ARG A 31 1.66 -5.54 -6.71
CA ARG A 31 3.09 -5.54 -6.49
C ARG A 31 3.68 -4.15 -6.72
N ALA A 32 3.09 -3.39 -7.65
CA ALA A 32 3.56 -2.03 -7.93
C ALA A 32 3.43 -1.17 -6.70
N ILE A 33 2.32 -1.36 -5.99
CA ILE A 33 2.08 -0.70 -4.74
C ILE A 33 3.12 -1.14 -3.69
N ARG A 34 3.47 -2.45 -3.67
CA ARG A 34 4.50 -2.93 -2.74
C ARG A 34 5.87 -2.34 -3.07
N ASN A 35 6.13 -2.17 -4.36
CA ASN A 35 7.39 -1.58 -4.83
C ASN A 35 7.66 -0.18 -4.30
N SER A 36 6.64 0.54 -3.82
CA SER A 36 6.82 1.87 -3.29
C SER A 36 7.81 1.87 -2.13
N ALA A 37 7.75 0.85 -1.29
CA ALA A 37 8.65 0.74 -0.15
C ALA A 37 10.09 0.54 -0.63
N LYS A 38 10.25 -0.06 -1.78
CA LYS A 38 11.56 -0.18 -2.36
C LYS A 38 12.01 1.14 -3.00
N GLU A 39 11.17 1.63 -3.88
CA GLU A 39 11.46 2.80 -4.72
C GLU A 39 11.49 4.13 -3.96
N ALA A 40 10.72 4.23 -2.90
CA ALA A 40 10.64 5.45 -2.13
C ALA A 40 11.32 5.27 -0.78
N ASP A 41 12.07 4.17 -0.68
CA ASP A 41 12.81 3.76 0.52
C ASP A 41 11.84 3.21 1.57
N TYR A 42 12.35 2.48 2.52
CA TYR A 42 11.55 1.93 3.59
C TYR A 42 11.26 2.98 4.66
N PHE A 43 11.51 4.23 4.30
CA PHE A 43 11.17 5.42 5.04
C PHE A 43 11.94 5.48 6.36
N GLY A 44 13.05 4.77 6.40
CA GLY A 44 13.86 4.72 7.59
C GLY A 44 13.48 3.56 8.49
N ASP A 45 12.65 2.69 7.98
CA ASP A 45 12.21 1.54 8.73
C ASP A 45 12.54 0.26 7.98
N ALA A 46 13.70 0.27 7.37
CA ALA A 46 14.21 -0.83 6.57
C ALA A 46 14.38 -2.10 7.40
N ASP A 47 14.53 -1.94 8.70
CA ASP A 47 14.68 -3.08 9.61
C ASP A 47 13.40 -3.88 9.71
N LYS A 48 12.29 -3.26 9.40
CA LYS A 48 11.02 -3.93 9.44
C LYS A 48 10.43 -4.04 8.04
N ALA A 49 11.32 -4.02 7.05
CA ALA A 49 11.01 -4.18 5.64
C ALA A 49 10.06 -5.31 5.38
N THR A 50 10.28 -6.42 6.05
CA THR A 50 9.48 -7.59 5.86
C THR A 50 8.06 -7.32 6.31
N THR A 51 7.93 -6.69 7.46
CA THR A 51 6.65 -6.33 7.98
C THR A 51 5.99 -5.33 7.04
N ILE A 52 6.74 -4.27 6.69
CA ILE A 52 6.24 -3.19 5.82
C ILE A 52 5.70 -3.75 4.50
N ASP A 53 6.44 -4.67 3.89
CA ASP A 53 6.02 -5.23 2.60
C ASP A 53 4.73 -6.00 2.74
N GLU A 54 4.59 -6.72 3.85
CA GLU A 54 3.36 -7.45 4.13
C GLU A 54 2.22 -6.49 4.43
N GLN A 55 2.53 -5.38 5.11
CA GLN A 55 1.54 -4.36 5.44
C GLN A 55 0.91 -3.87 4.17
N VAL A 56 1.77 -3.51 3.22
CA VAL A 56 1.34 -3.02 1.93
C VAL A 56 0.54 -4.09 1.19
N GLY A 57 0.99 -5.32 1.28
CA GLY A 57 0.30 -6.41 0.63
C GLY A 57 -1.07 -6.66 1.24
N LEU A 58 -1.21 -6.42 2.53
CA LEU A 58 -2.49 -6.52 3.21
C LEU A 58 -3.38 -5.38 2.77
N ILE A 59 -2.76 -4.23 2.55
CA ILE A 59 -3.44 -3.05 2.03
C ILE A 59 -4.06 -3.36 0.67
N VAL A 60 -3.23 -3.81 -0.25
CA VAL A 60 -3.67 -4.09 -1.61
C VAL A 60 -4.69 -5.25 -1.64
N ASP A 61 -4.57 -6.15 -0.68
CA ASP A 61 -5.46 -7.30 -0.57
C ASP A 61 -6.84 -6.87 -0.10
N SER A 62 -6.88 -5.88 0.75
CA SER A 62 -8.13 -5.40 1.32
C SER A 62 -8.81 -4.38 0.40
N LEU A 63 -8.08 -3.91 -0.58
CA LEU A 63 -8.59 -2.98 -1.54
C LEU A 63 -9.04 -3.73 -2.78
N ASN A 64 -9.68 -3.03 -3.68
CA ASN A 64 -10.05 -3.60 -4.96
C ASN A 64 -9.10 -3.06 -6.01
N ASP A 65 -9.13 -3.63 -7.18
CA ASP A 65 -8.23 -3.24 -8.29
C ASP A 65 -8.36 -1.78 -8.66
N GLU A 66 -9.51 -1.23 -8.43
CA GLU A 66 -9.81 0.10 -8.80
C GLU A 66 -9.09 1.05 -7.81
N GLU A 67 -9.25 0.74 -6.53
CA GLU A 67 -8.55 1.44 -5.44
C GLU A 67 -7.05 1.29 -5.62
N LEU A 68 -6.63 0.11 -6.08
CA LEU A 68 -5.20 -0.18 -6.29
C LEU A 68 -4.60 0.78 -7.26
N VAL A 69 -5.22 0.89 -8.43
CA VAL A 69 -4.79 1.78 -9.46
C VAL A 69 -4.78 3.22 -8.94
N SER A 70 -5.74 3.54 -8.08
CA SER A 70 -5.85 4.87 -7.53
C SER A 70 -4.67 5.18 -6.60
N THR A 71 -4.37 4.28 -5.66
CA THR A 71 -3.27 4.50 -4.75
C THR A 71 -1.95 4.45 -5.49
N ALA A 72 -1.85 3.49 -6.38
CA ALA A 72 -0.63 3.28 -7.13
C ALA A 72 -0.32 4.47 -8.03
N ASP A 73 -1.34 5.00 -8.70
CA ASP A 73 -1.15 6.14 -9.58
C ASP A 73 -0.70 7.36 -8.79
N LYS A 74 -1.20 7.48 -7.57
CA LYS A 74 -0.79 8.56 -6.69
C LYS A 74 0.67 8.45 -6.31
N ILE A 75 1.16 7.24 -6.23
CA ILE A 75 2.58 6.99 -6.00
C ILE A 75 3.42 7.52 -7.19
N LYS A 76 2.85 7.45 -8.39
CA LYS A 76 3.49 8.02 -9.58
C LYS A 76 3.39 9.52 -9.52
N ALA A 77 2.29 10.00 -8.98
CA ALA A 77 2.04 11.43 -8.84
C ALA A 77 3.02 12.02 -7.85
N ASN A 78 3.35 11.27 -6.82
CA ASN A 78 4.30 11.71 -5.81
C ASN A 78 5.04 10.53 -5.22
N ALA A 79 6.20 10.22 -5.79
CA ALA A 79 7.03 9.11 -5.36
C ALA A 79 7.55 9.33 -3.95
N ALA A 80 7.81 10.59 -3.63
CA ALA A 80 8.34 10.96 -2.33
C ALA A 80 7.27 10.85 -1.25
N GLY A 81 6.05 10.68 -1.68
CA GLY A 81 4.96 10.55 -0.78
C GLY A 81 4.20 9.29 -1.06
N ALA A 82 4.91 8.21 -1.28
CA ALA A 82 4.26 6.94 -1.48
C ALA A 82 3.59 6.52 -0.18
N LYS A 83 4.30 6.77 0.92
CA LYS A 83 3.85 6.40 2.25
C LYS A 83 2.54 7.10 2.56
N GLU A 84 2.40 8.35 2.10
CA GLU A 84 1.21 9.14 2.41
C GLU A 84 -0.01 8.47 1.78
N VAL A 85 0.22 7.79 0.66
CA VAL A 85 -0.82 7.11 -0.05
C VAL A 85 -1.15 5.79 0.66
N LEU A 86 -0.11 5.08 1.07
CA LEU A 86 -0.28 3.86 1.84
C LEU A 86 -0.97 4.14 3.16
N LYS A 87 -0.59 5.23 3.84
CA LYS A 87 -1.27 5.60 5.07
C LYS A 87 -2.74 5.97 4.80
N GLU A 88 -3.00 6.50 3.62
CA GLU A 88 -4.32 6.95 3.22
C GLU A 88 -5.23 5.75 3.08
N SER A 89 -4.75 4.77 2.37
CA SER A 89 -5.49 3.56 2.15
C SER A 89 -5.59 2.73 3.42
N ALA A 90 -4.50 2.66 4.20
CA ALA A 90 -4.48 1.94 5.48
C ALA A 90 -5.60 2.40 6.41
N LYS A 91 -5.72 3.72 6.58
CA LYS A 91 -6.77 4.29 7.42
C LYS A 91 -8.14 3.91 6.90
N THR A 92 -8.27 3.87 5.59
CA THR A 92 -9.54 3.53 4.96
C THR A 92 -9.89 2.05 5.25
N ILE A 93 -8.90 1.19 5.14
CA ILE A 93 -9.04 -0.24 5.38
C ILE A 93 -9.55 -0.49 6.79
N VAL A 94 -8.91 0.15 7.74
CA VAL A 94 -9.27 0.03 9.15
C VAL A 94 -10.66 0.62 9.38
N ASP A 95 -10.92 1.71 8.70
CA ASP A 95 -12.19 2.45 8.85
C ASP A 95 -13.35 1.63 8.32
N SER A 96 -13.12 0.96 7.20
CA SER A 96 -14.14 0.12 6.61
C SER A 96 -14.26 -1.22 7.33
N GLY A 97 -13.28 -1.51 8.18
CA GLY A 97 -13.31 -2.75 8.93
C GLY A 97 -12.83 -3.93 8.14
N LYS A 98 -12.00 -3.69 7.13
CA LYS A 98 -11.48 -4.76 6.29
C LYS A 98 -10.50 -5.58 7.14
N LEU A 99 -9.63 -4.86 7.80
CA LEU A 99 -8.63 -5.40 8.69
C LEU A 99 -8.54 -4.49 9.90
N PRO A 100 -8.20 -5.05 11.07
CA PRO A 100 -7.96 -4.25 12.26
C PRO A 100 -6.74 -3.34 12.08
N SER A 101 -6.67 -2.29 12.87
CA SER A 101 -5.58 -1.34 12.83
C SER A 101 -4.22 -2.01 13.05
N SER A 102 -4.21 -3.03 13.90
CA SER A 102 -3.03 -3.78 14.23
C SER A 102 -2.40 -4.46 12.98
N LEU A 103 -3.22 -4.71 11.97
CA LEU A 103 -2.77 -5.35 10.75
C LEU A 103 -2.02 -4.40 9.85
N LEU A 104 -2.35 -3.14 9.91
CA LEU A 104 -1.71 -2.15 9.07
C LEU A 104 -0.90 -1.22 9.94
N SER A 105 -0.62 -1.71 11.13
CA SER A 105 0.02 -0.99 12.24
C SER A 105 1.07 0.07 11.84
N TYR A 106 1.97 -0.27 10.94
CA TYR A 106 3.00 0.68 10.50
C TYR A 106 2.39 1.93 9.83
N PHE A 107 1.37 1.75 9.03
CA PHE A 107 0.77 2.87 8.30
C PHE A 107 -0.41 3.49 9.02
N VAL A 108 -0.87 2.83 10.04
CA VAL A 108 -1.98 3.33 10.81
C VAL A 108 -1.68 3.30 12.32
N GLY A 21 -8.52 -1.90 -16.80
CA GLY A 21 -8.28 -3.31 -16.53
C GLY A 21 -8.91 -3.71 -15.22
N SER A 22 -8.73 -4.95 -14.84
CA SER A 22 -9.26 -5.46 -13.62
C SER A 22 -8.44 -6.66 -13.13
N LYS A 23 -8.53 -7.79 -13.82
CA LYS A 23 -7.85 -9.02 -13.37
C LYS A 23 -6.36 -9.00 -13.56
N ALA A 24 -5.90 -8.64 -14.73
CA ALA A 24 -4.48 -8.56 -14.99
C ALA A 24 -3.91 -7.34 -14.30
N ALA A 25 -4.74 -6.31 -14.19
CA ALA A 25 -4.36 -5.07 -13.54
C ALA A 25 -4.18 -5.25 -12.04
N LYS A 26 -5.00 -6.11 -11.44
CA LYS A 26 -4.96 -6.36 -10.02
C LYS A 26 -3.59 -6.88 -9.61
N LYS A 27 -3.13 -7.89 -10.32
CA LYS A 27 -1.85 -8.52 -10.02
C LYS A 27 -0.71 -7.54 -10.25
N LYS A 28 -0.86 -6.74 -11.26
CA LYS A 28 0.10 -5.73 -11.65
C LYS A 28 0.21 -4.65 -10.57
N ASN A 29 -0.93 -4.12 -10.17
CA ASN A 29 -1.00 -3.03 -9.22
C ASN A 29 -0.56 -3.42 -7.84
N LYS A 30 -0.88 -4.66 -7.42
CA LYS A 30 -0.47 -5.12 -6.10
C LYS A 30 1.05 -5.09 -5.94
N ARG A 31 1.76 -5.40 -7.01
CA ARG A 31 3.18 -5.35 -7.02
C ARG A 31 3.64 -3.89 -7.07
N ALA A 32 3.01 -3.10 -7.95
CA ALA A 32 3.37 -1.70 -8.15
C ALA A 32 3.27 -0.90 -6.87
N ILE A 33 2.24 -1.17 -6.08
CA ILE A 33 2.04 -0.52 -4.81
C ILE A 33 3.15 -0.89 -3.81
N ARG A 34 3.61 -2.14 -3.85
CA ARG A 34 4.67 -2.59 -2.91
C ARG A 34 6.00 -1.92 -3.23
N ASN A 35 6.19 -1.62 -4.51
CA ASN A 35 7.41 -0.99 -5.02
C ASN A 35 7.65 0.40 -4.42
N SER A 36 6.60 0.99 -3.88
CA SER A 36 6.68 2.31 -3.32
C SER A 36 7.70 2.38 -2.18
N ALA A 37 7.69 1.39 -1.28
CA ALA A 37 8.62 1.34 -0.15
C ALA A 37 10.05 1.16 -0.64
N LYS A 38 10.21 0.57 -1.77
CA LYS A 38 11.49 0.41 -2.33
C LYS A 38 12.02 1.72 -2.94
N GLU A 39 11.17 2.36 -3.75
CA GLU A 39 11.54 3.60 -4.44
C GLU A 39 11.51 4.85 -3.53
N ALA A 40 10.65 4.85 -2.54
CA ALA A 40 10.54 5.99 -1.62
C ALA A 40 11.37 5.73 -0.40
N ASP A 41 12.07 4.61 -0.44
CA ASP A 41 12.88 4.13 0.64
C ASP A 41 12.04 3.55 1.75
N TYR A 42 12.65 2.73 2.54
CA TYR A 42 11.99 2.07 3.65
C TYR A 42 11.75 3.01 4.81
N PHE A 43 12.00 4.29 4.56
CA PHE A 43 11.72 5.40 5.46
C PHE A 43 12.54 5.29 6.74
N GLY A 44 13.64 4.56 6.67
CA GLY A 44 14.48 4.33 7.82
C GLY A 44 14.15 3.05 8.56
N ASP A 45 13.10 2.39 8.12
CA ASP A 45 12.66 1.12 8.70
C ASP A 45 13.04 -0.04 7.77
N ALA A 46 14.22 0.07 7.21
CA ALA A 46 14.78 -0.89 6.26
C ALA A 46 14.92 -2.28 6.84
N ASP A 47 15.16 -2.35 8.14
CA ASP A 47 15.32 -3.63 8.85
C ASP A 47 13.97 -4.25 9.13
N LYS A 48 12.93 -3.51 8.84
CA LYS A 48 11.59 -3.90 9.08
C LYS A 48 10.91 -4.12 7.73
N ALA A 49 11.74 -4.19 6.67
CA ALA A 49 11.34 -4.43 5.30
C ALA A 49 10.31 -5.56 5.17
N THR A 50 10.59 -6.69 5.78
CA THR A 50 9.70 -7.83 5.70
C THR A 50 8.31 -7.49 6.28
N THR A 51 8.30 -6.77 7.38
CA THR A 51 7.09 -6.33 8.00
C THR A 51 6.39 -5.31 7.09
N ILE A 52 7.18 -4.39 6.53
CA ILE A 52 6.65 -3.37 5.63
C ILE A 52 5.98 -4.01 4.40
N ASP A 53 6.64 -5.00 3.80
CA ASP A 53 6.05 -5.75 2.67
C ASP A 53 4.78 -6.45 3.07
N GLU A 54 4.70 -6.82 4.33
CA GLU A 54 3.54 -7.48 4.84
C GLU A 54 2.40 -6.46 4.97
N GLN A 55 2.75 -5.29 5.50
CA GLN A 55 1.80 -4.17 5.70
C GLN A 55 1.18 -3.76 4.39
N VAL A 56 2.04 -3.52 3.40
CA VAL A 56 1.60 -3.05 2.11
C VAL A 56 0.81 -4.13 1.39
N GLY A 57 1.26 -5.36 1.52
CA GLY A 57 0.59 -6.45 0.88
C GLY A 57 -0.82 -6.64 1.37
N LEU A 58 -1.03 -6.42 2.67
CA LEU A 58 -2.38 -6.51 3.23
C LEU A 58 -3.24 -5.38 2.68
N ILE A 59 -2.64 -4.21 2.53
CA ILE A 59 -3.33 -3.05 1.96
C ILE A 59 -3.78 -3.36 0.53
N VAL A 60 -2.85 -3.82 -0.28
CA VAL A 60 -3.12 -4.07 -1.70
C VAL A 60 -4.09 -5.23 -1.89
N ASP A 61 -4.09 -6.17 -0.99
CA ASP A 61 -4.95 -7.32 -1.12
C ASP A 61 -6.37 -7.03 -0.64
N SER A 62 -6.49 -6.18 0.35
CA SER A 62 -7.79 -5.81 0.89
C SER A 62 -8.51 -4.86 -0.09
N LEU A 63 -7.75 -4.11 -0.84
CA LEU A 63 -8.30 -3.17 -1.81
C LEU A 63 -8.62 -3.88 -3.12
N ASN A 64 -9.58 -3.36 -3.86
CA ASN A 64 -9.93 -3.93 -5.16
C ASN A 64 -9.01 -3.36 -6.21
N ASP A 65 -9.04 -3.95 -7.39
CA ASP A 65 -8.17 -3.54 -8.49
C ASP A 65 -8.31 -2.07 -8.87
N GLU A 66 -9.48 -1.53 -8.60
CA GLU A 66 -9.78 -0.17 -8.92
C GLU A 66 -9.11 0.76 -7.90
N GLU A 67 -9.21 0.37 -6.64
CA GLU A 67 -8.57 1.07 -5.55
C GLU A 67 -7.07 1.00 -5.70
N LEU A 68 -6.58 -0.16 -6.14
CA LEU A 68 -5.15 -0.42 -6.30
C LEU A 68 -4.53 0.57 -7.26
N VAL A 69 -5.13 0.70 -8.42
CA VAL A 69 -4.62 1.57 -9.42
C VAL A 69 -4.73 3.01 -8.96
N SER A 70 -5.75 3.28 -8.20
CA SER A 70 -5.97 4.60 -7.67
C SER A 70 -4.83 4.99 -6.72
N THR A 71 -4.51 4.14 -5.75
CA THR A 71 -3.42 4.42 -4.84
C THR A 71 -2.10 4.42 -5.58
N ALA A 72 -1.97 3.50 -6.51
CA ALA A 72 -0.76 3.39 -7.34
C ALA A 72 -0.53 4.67 -8.11
N ASP A 73 -1.57 5.21 -8.71
CA ASP A 73 -1.51 6.46 -9.49
C ASP A 73 -1.00 7.60 -8.62
N LYS A 74 -1.45 7.59 -7.36
CA LYS A 74 -1.05 8.59 -6.38
C LYS A 74 0.44 8.46 -6.09
N ILE A 75 0.94 7.22 -6.12
CA ILE A 75 2.35 6.92 -5.86
C ILE A 75 3.24 7.43 -7.01
N LYS A 76 2.72 7.43 -8.22
CA LYS A 76 3.48 8.00 -9.33
C LYS A 76 3.54 9.52 -9.23
N ALA A 77 2.51 10.08 -8.64
CA ALA A 77 2.47 11.51 -8.40
C ALA A 77 3.36 11.84 -7.22
N ASN A 78 3.37 10.97 -6.25
CA ASN A 78 4.19 11.11 -5.07
C ASN A 78 5.01 9.90 -4.83
N ALA A 79 6.14 9.86 -5.48
CA ALA A 79 7.05 8.75 -5.39
C ALA A 79 7.59 8.64 -3.99
N ALA A 80 7.96 9.80 -3.45
CA ALA A 80 8.50 9.88 -2.11
C ALA A 80 7.42 9.89 -1.06
N GLY A 81 6.20 10.25 -1.47
CA GLY A 81 5.10 10.28 -0.56
C GLY A 81 4.37 8.99 -0.59
N ALA A 82 5.11 7.91 -0.65
CA ALA A 82 4.53 6.60 -0.66
C ALA A 82 3.74 6.38 0.61
N LYS A 83 4.26 6.92 1.72
CA LYS A 83 3.56 6.79 2.96
C LYS A 83 2.24 7.52 2.95
N GLU A 84 2.19 8.68 2.30
CA GLU A 84 0.98 9.50 2.33
C GLU A 84 -0.17 8.74 1.68
N VAL A 85 0.17 7.95 0.68
CA VAL A 85 -0.80 7.17 -0.05
C VAL A 85 -1.21 5.93 0.75
N LEU A 86 -0.20 5.19 1.18
CA LEU A 86 -0.40 3.98 1.94
C LEU A 86 -1.09 4.21 3.28
N LYS A 87 -0.78 5.30 3.95
CA LYS A 87 -1.45 5.66 5.19
C LYS A 87 -2.90 5.98 4.94
N GLU A 88 -3.20 6.50 3.76
CA GLU A 88 -4.52 6.97 3.44
C GLU A 88 -5.38 5.76 3.16
N SER A 89 -4.83 4.83 2.39
CA SER A 89 -5.52 3.63 2.05
C SER A 89 -5.70 2.73 3.27
N ALA A 90 -4.64 2.61 4.09
CA ALA A 90 -4.70 1.83 5.33
C ALA A 90 -5.83 2.33 6.21
N LYS A 91 -5.87 3.65 6.39
CA LYS A 91 -6.90 4.30 7.17
C LYS A 91 -8.27 3.98 6.60
N THR A 92 -8.38 4.09 5.29
CA THR A 92 -9.62 3.78 4.59
C THR A 92 -10.04 2.30 4.79
N ILE A 93 -9.07 1.41 4.76
CA ILE A 93 -9.29 -0.01 4.98
C ILE A 93 -9.87 -0.26 6.37
N VAL A 94 -9.27 0.34 7.36
CA VAL A 94 -9.70 0.22 8.74
C VAL A 94 -11.07 0.86 8.93
N ASP A 95 -11.28 1.97 8.26
CA ASP A 95 -12.53 2.72 8.33
C ASP A 95 -13.66 1.99 7.64
N SER A 96 -13.32 1.24 6.64
CA SER A 96 -14.30 0.48 5.91
C SER A 96 -14.56 -0.87 6.60
N GLY A 97 -13.78 -1.17 7.63
CA GLY A 97 -13.94 -2.41 8.35
C GLY A 97 -13.43 -3.60 7.58
N LYS A 98 -12.48 -3.35 6.71
CA LYS A 98 -11.93 -4.39 5.90
C LYS A 98 -10.87 -5.16 6.67
N LEU A 99 -10.02 -4.44 7.34
CA LEU A 99 -8.98 -5.02 8.18
C LEU A 99 -8.88 -4.22 9.45
N PRO A 100 -8.43 -4.85 10.54
CA PRO A 100 -8.17 -4.15 11.78
C PRO A 100 -6.91 -3.30 11.66
N SER A 101 -6.88 -2.18 12.35
CA SER A 101 -5.74 -1.28 12.35
C SER A 101 -4.46 -1.98 12.78
N SER A 102 -4.62 -2.97 13.63
CA SER A 102 -3.54 -3.76 14.17
C SER A 102 -2.76 -4.50 13.05
N LEU A 103 -3.39 -4.70 11.91
CA LEU A 103 -2.75 -5.38 10.82
C LEU A 103 -2.01 -4.43 9.89
N LEU A 104 -2.19 -3.13 10.11
CA LEU A 104 -1.61 -2.13 9.24
C LEU A 104 -0.91 -1.09 10.09
N SER A 105 -0.54 -1.50 11.28
CA SER A 105 0.02 -0.64 12.33
C SER A 105 1.23 0.23 11.91
N TYR A 106 1.89 -0.11 10.81
CA TYR A 106 3.00 0.71 10.33
C TYR A 106 2.44 1.98 9.66
N PHE A 107 1.27 1.84 9.05
CA PHE A 107 0.66 2.96 8.35
C PHE A 107 -0.58 3.50 9.09
N VAL A 108 -1.04 2.77 10.05
CA VAL A 108 -2.15 3.18 10.88
C VAL A 108 -1.87 2.92 12.36
N GLY A 21 -4.58 -6.03 -19.36
CA GLY A 21 -5.37 -7.23 -19.07
C GLY A 21 -5.94 -7.15 -17.68
N SER A 22 -7.17 -7.60 -17.51
CA SER A 22 -7.87 -7.56 -16.24
C SER A 22 -7.06 -8.19 -15.11
N LYS A 23 -6.67 -9.43 -15.31
CA LYS A 23 -5.99 -10.20 -14.28
C LYS A 23 -4.55 -9.76 -14.10
N ALA A 24 -3.93 -9.41 -15.21
CA ALA A 24 -2.57 -8.93 -15.20
C ALA A 24 -2.48 -7.62 -14.45
N ALA A 25 -3.49 -6.77 -14.62
CA ALA A 25 -3.54 -5.49 -13.93
C ALA A 25 -3.67 -5.68 -12.43
N LYS A 26 -4.44 -6.71 -12.03
CA LYS A 26 -4.61 -7.03 -10.61
C LYS A 26 -3.25 -7.31 -9.99
N LYS A 27 -2.55 -8.23 -10.62
CA LYS A 27 -1.23 -8.65 -10.20
C LYS A 27 -0.25 -7.48 -10.22
N LYS A 28 -0.31 -6.72 -11.30
CA LYS A 28 0.58 -5.60 -11.54
C LYS A 28 0.43 -4.53 -10.47
N ASN A 29 -0.80 -4.14 -10.20
CA ASN A 29 -1.07 -3.06 -9.24
C ASN A 29 -0.68 -3.43 -7.83
N LYS A 30 -1.01 -4.64 -7.41
CA LYS A 30 -0.71 -5.10 -6.05
C LYS A 30 0.81 -5.10 -5.82
N ARG A 31 1.53 -5.41 -6.88
CA ARG A 31 2.95 -5.42 -6.88
C ARG A 31 3.49 -3.99 -6.87
N ALA A 32 2.89 -3.15 -7.71
CA ALA A 32 3.32 -1.77 -7.87
C ALA A 32 3.21 -1.00 -6.58
N ILE A 33 2.18 -1.30 -5.82
CA ILE A 33 1.98 -0.64 -4.54
C ILE A 33 3.08 -1.04 -3.54
N ARG A 34 3.40 -2.35 -3.47
CA ARG A 34 4.44 -2.85 -2.53
C ARG A 34 5.80 -2.25 -2.86
N ASN A 35 6.09 -2.14 -4.14
CA ASN A 35 7.36 -1.63 -4.64
C ASN A 35 7.64 -0.18 -4.33
N SER A 36 6.61 0.58 -3.99
CA SER A 36 6.77 1.96 -3.63
C SER A 36 7.75 2.08 -2.47
N ALA A 37 7.72 1.10 -1.56
CA ALA A 37 8.61 1.08 -0.42
C ALA A 37 10.06 0.91 -0.87
N LYS A 38 10.26 0.31 -2.02
CA LYS A 38 11.57 0.16 -2.54
C LYS A 38 12.07 1.47 -3.15
N GLU A 39 11.28 2.06 -4.05
CA GLU A 39 11.70 3.29 -4.76
C GLU A 39 11.62 4.54 -3.89
N ALA A 40 10.72 4.57 -2.95
CA ALA A 40 10.55 5.74 -2.10
C ALA A 40 11.31 5.57 -0.82
N ASP A 41 12.07 4.47 -0.76
CA ASP A 41 12.85 4.05 0.41
C ASP A 41 11.94 3.43 1.43
N TYR A 42 12.50 2.61 2.30
CA TYR A 42 11.76 2.00 3.37
C TYR A 42 11.55 2.97 4.50
N PHE A 43 11.87 4.22 4.22
CA PHE A 43 11.54 5.37 5.02
C PHE A 43 12.34 5.39 6.31
N GLY A 44 13.41 4.63 6.34
CA GLY A 44 14.19 4.52 7.53
C GLY A 44 13.72 3.37 8.39
N ASP A 45 12.88 2.55 7.81
CA ASP A 45 12.33 1.38 8.48
C ASP A 45 12.69 0.13 7.68
N ALA A 46 13.83 0.18 7.01
CA ALA A 46 14.30 -0.91 6.14
C ALA A 46 14.50 -2.22 6.87
N ASP A 47 14.73 -2.14 8.17
CA ASP A 47 14.91 -3.34 8.99
C ASP A 47 13.59 -4.12 9.09
N LYS A 48 12.47 -3.43 8.88
CA LYS A 48 11.18 -4.08 8.95
C LYS A 48 10.56 -4.15 7.56
N ALA A 49 11.42 -4.10 6.53
CA ALA A 49 11.08 -4.22 5.12
C ALA A 49 10.11 -5.35 4.84
N THR A 50 10.30 -6.48 5.48
CA THR A 50 9.48 -7.63 5.22
C THR A 50 8.08 -7.38 5.76
N THR A 51 8.01 -6.82 6.95
CA THR A 51 6.76 -6.45 7.55
C THR A 51 6.08 -5.41 6.68
N ILE A 52 6.82 -4.36 6.31
CA ILE A 52 6.29 -3.26 5.49
C ILE A 52 5.69 -3.79 4.19
N ASP A 53 6.44 -4.63 3.50
CA ASP A 53 6.00 -5.18 2.20
C ASP A 53 4.71 -5.99 2.39
N GLU A 54 4.67 -6.78 3.44
CA GLU A 54 3.51 -7.59 3.77
C GLU A 54 2.31 -6.74 4.17
N GLN A 55 2.55 -5.67 4.93
CA GLN A 55 1.48 -4.76 5.36
C GLN A 55 0.83 -4.14 4.16
N VAL A 56 1.66 -3.67 3.24
CA VAL A 56 1.19 -3.09 2.01
C VAL A 56 0.38 -4.10 1.22
N GLY A 57 0.86 -5.34 1.20
CA GLY A 57 0.17 -6.40 0.52
C GLY A 57 -1.20 -6.70 1.12
N LEU A 58 -1.34 -6.50 2.41
CA LEU A 58 -2.62 -6.66 3.07
C LEU A 58 -3.56 -5.55 2.61
N ILE A 59 -3.02 -4.35 2.56
CA ILE A 59 -3.74 -3.16 2.11
C ILE A 59 -4.27 -3.37 0.70
N VAL A 60 -3.38 -3.76 -0.21
CA VAL A 60 -3.75 -3.91 -1.62
C VAL A 60 -4.74 -5.05 -1.83
N ASP A 61 -4.68 -6.05 -0.98
CA ASP A 61 -5.55 -7.19 -1.13
C ASP A 61 -6.93 -6.87 -0.57
N SER A 62 -6.98 -6.00 0.43
CA SER A 62 -8.22 -5.62 1.03
C SER A 62 -8.93 -4.55 0.19
N LEU A 63 -8.16 -3.87 -0.64
CA LEU A 63 -8.71 -2.86 -1.55
C LEU A 63 -9.24 -3.56 -2.80
N ASN A 64 -9.83 -2.80 -3.67
CA ASN A 64 -10.26 -3.32 -4.95
C ASN A 64 -9.33 -2.82 -6.01
N ASP A 65 -9.34 -3.48 -7.15
CA ASP A 65 -8.39 -3.23 -8.26
C ASP A 65 -8.37 -1.78 -8.66
N GLU A 66 -9.49 -1.13 -8.51
CA GLU A 66 -9.63 0.23 -8.94
C GLU A 66 -8.95 1.21 -7.99
N GLU A 67 -9.02 0.90 -6.71
CA GLU A 67 -8.41 1.72 -5.70
C GLU A 67 -6.91 1.54 -5.78
N LEU A 68 -6.49 0.35 -6.22
CA LEU A 68 -5.08 0.02 -6.38
C LEU A 68 -4.47 0.95 -7.38
N VAL A 69 -5.19 1.18 -8.49
CA VAL A 69 -4.74 2.05 -9.53
C VAL A 69 -4.68 3.47 -8.99
N SER A 70 -5.67 3.83 -8.18
CA SER A 70 -5.75 5.16 -7.63
C SER A 70 -4.56 5.44 -6.71
N THR A 71 -4.32 4.55 -5.75
CA THR A 71 -3.20 4.72 -4.85
C THR A 71 -1.89 4.72 -5.62
N ALA A 72 -1.78 3.79 -6.56
CA ALA A 72 -0.59 3.66 -7.39
C ALA A 72 -0.31 4.92 -8.16
N ASP A 73 -1.31 5.43 -8.84
CA ASP A 73 -1.19 6.62 -9.67
C ASP A 73 -0.69 7.81 -8.85
N LYS A 74 -1.17 7.92 -7.60
CA LYS A 74 -0.71 8.97 -6.70
C LYS A 74 0.76 8.76 -6.32
N ILE A 75 1.19 7.51 -6.24
CA ILE A 75 2.57 7.19 -5.89
C ILE A 75 3.50 7.52 -7.05
N LYS A 76 3.05 7.32 -8.28
CA LYS A 76 3.86 7.68 -9.44
C LYS A 76 3.92 9.20 -9.60
N ALA A 77 2.86 9.86 -9.16
CA ALA A 77 2.80 11.31 -9.20
C ALA A 77 3.75 11.90 -8.16
N ASN A 78 3.88 11.20 -7.06
CA ASN A 78 4.72 11.65 -5.97
C ASN A 78 5.25 10.46 -5.21
N ALA A 79 6.41 9.99 -5.63
CA ALA A 79 7.05 8.85 -5.00
C ALA A 79 7.46 9.18 -3.59
N ALA A 80 7.81 10.44 -3.37
CA ALA A 80 8.25 10.92 -2.08
C ALA A 80 7.15 10.78 -1.02
N GLY A 81 5.92 10.63 -1.47
CA GLY A 81 4.84 10.49 -0.59
C GLY A 81 4.18 9.15 -0.76
N ALA A 82 4.97 8.09 -0.89
CA ALA A 82 4.40 6.76 -0.96
C ALA A 82 3.61 6.49 0.33
N LYS A 83 4.20 6.86 1.47
CA LYS A 83 3.57 6.65 2.76
C LYS A 83 2.28 7.42 2.91
N GLU A 84 2.24 8.62 2.38
CA GLU A 84 1.08 9.45 2.52
C GLU A 84 -0.11 8.80 1.77
N VAL A 85 0.22 8.05 0.73
CA VAL A 85 -0.76 7.31 -0.04
C VAL A 85 -1.18 6.03 0.69
N LEU A 86 -0.19 5.24 1.13
CA LEU A 86 -0.46 4.01 1.88
C LEU A 86 -1.27 4.24 3.13
N LYS A 87 -0.96 5.29 3.86
CA LYS A 87 -1.71 5.61 5.05
C LYS A 87 -3.13 6.05 4.71
N GLU A 88 -3.30 6.65 3.54
CA GLU A 88 -4.60 7.09 3.08
C GLU A 88 -5.52 5.89 2.91
N SER A 89 -5.02 4.88 2.24
CA SER A 89 -5.77 3.70 2.00
C SER A 89 -5.93 2.88 3.28
N ALA A 90 -4.83 2.64 3.99
CA ALA A 90 -4.85 1.84 5.23
C ALA A 90 -5.83 2.39 6.27
N LYS A 91 -5.81 3.70 6.45
CA LYS A 91 -6.65 4.34 7.45
C LYS A 91 -8.14 4.19 7.06
N THR A 92 -8.37 4.12 5.76
CA THR A 92 -9.71 3.98 5.20
C THR A 92 -10.19 2.51 5.33
N ILE A 93 -9.25 1.60 5.32
CA ILE A 93 -9.52 0.18 5.44
C ILE A 93 -10.01 -0.15 6.84
N VAL A 94 -9.30 0.33 7.83
CA VAL A 94 -9.65 0.08 9.22
C VAL A 94 -10.91 0.83 9.58
N ASP A 95 -11.09 1.97 8.94
CA ASP A 95 -12.27 2.82 9.10
C ASP A 95 -13.50 2.08 8.64
N SER A 96 -13.29 1.12 7.77
CA SER A 96 -14.36 0.37 7.19
C SER A 96 -14.45 -1.04 7.78
N GLY A 97 -13.59 -1.32 8.76
CA GLY A 97 -13.60 -2.62 9.43
C GLY A 97 -13.13 -3.76 8.57
N LYS A 98 -12.36 -3.45 7.54
CA LYS A 98 -11.85 -4.45 6.64
C LYS A 98 -10.64 -5.15 7.23
N LEU A 99 -9.77 -4.36 7.80
CA LEU A 99 -8.59 -4.86 8.48
C LEU A 99 -8.44 -4.16 9.79
N PRO A 100 -8.20 -4.92 10.87
CA PRO A 100 -7.97 -4.35 12.16
C PRO A 100 -6.64 -3.61 12.18
N SER A 101 -6.57 -2.60 13.00
CA SER A 101 -5.39 -1.76 13.11
C SER A 101 -4.14 -2.58 13.49
N SER A 102 -4.35 -3.66 14.24
CA SER A 102 -3.28 -4.51 14.69
C SER A 102 -2.60 -5.25 13.51
N LEU A 103 -3.28 -5.37 12.38
CA LEU A 103 -2.71 -6.04 11.25
C LEU A 103 -1.88 -5.11 10.40
N LEU A 104 -1.90 -3.83 10.74
CA LEU A 104 -1.10 -2.86 10.05
C LEU A 104 -0.23 -2.16 11.05
N SER A 105 -0.81 -1.18 11.72
CA SER A 105 -0.16 -0.41 12.78
C SER A 105 0.86 0.62 12.23
N TYR A 106 1.79 0.19 11.37
CA TYR A 106 2.74 1.12 10.76
C TYR A 106 2.00 2.21 9.97
N PHE A 107 1.02 1.79 9.18
CA PHE A 107 0.25 2.71 8.35
C PHE A 107 -1.09 3.05 8.98
N VAL A 108 -1.33 2.53 10.17
CA VAL A 108 -2.60 2.74 10.84
C VAL A 108 -2.35 3.02 12.31
N GLY A 21 -9.38 -5.11 -18.39
CA GLY A 21 -9.07 -6.33 -17.64
C GLY A 21 -8.56 -6.02 -16.26
N SER A 22 -9.46 -5.92 -15.30
CA SER A 22 -9.11 -5.57 -13.93
C SER A 22 -8.42 -6.70 -13.20
N LYS A 23 -8.62 -7.90 -13.66
CA LYS A 23 -8.16 -9.08 -12.95
C LYS A 23 -6.65 -9.28 -13.09
N ALA A 24 -6.18 -9.21 -14.32
CA ALA A 24 -4.75 -9.34 -14.59
C ALA A 24 -4.03 -8.11 -14.09
N ALA A 25 -4.70 -6.97 -14.21
CA ALA A 25 -4.16 -5.70 -13.79
C ALA A 25 -4.02 -5.65 -12.28
N LYS A 26 -5.03 -6.17 -11.57
CA LYS A 26 -5.03 -6.23 -10.12
C LYS A 26 -3.76 -6.88 -9.61
N LYS A 27 -3.49 -8.05 -10.11
CA LYS A 27 -2.31 -8.82 -9.74
C LYS A 27 -1.01 -8.04 -10.01
N LYS A 28 -0.97 -7.37 -11.14
CA LYS A 28 0.14 -6.50 -11.52
C LYS A 28 0.27 -5.31 -10.53
N ASN A 29 -0.85 -4.64 -10.33
CA ASN A 29 -0.93 -3.46 -9.47
C ASN A 29 -0.56 -3.75 -8.03
N LYS A 30 -0.95 -4.92 -7.53
CA LYS A 30 -0.59 -5.33 -6.17
C LYS A 30 0.92 -5.33 -5.98
N ARG A 31 1.64 -5.75 -7.01
CA ARG A 31 3.06 -5.76 -7.00
C ARG A 31 3.60 -4.33 -7.14
N ALA A 32 2.97 -3.56 -8.03
CA ALA A 32 3.36 -2.18 -8.28
C ALA A 32 3.33 -1.34 -7.01
N ILE A 33 2.32 -1.58 -6.19
CA ILE A 33 2.17 -0.87 -4.94
C ILE A 33 3.34 -1.18 -3.99
N ARG A 34 3.80 -2.44 -3.98
CA ARG A 34 4.94 -2.81 -3.12
C ARG A 34 6.23 -2.12 -3.54
N ASN A 35 6.36 -1.87 -4.82
CA ASN A 35 7.55 -1.22 -5.38
C ASN A 35 7.81 0.17 -4.85
N SER A 36 6.77 0.82 -4.32
CA SER A 36 6.93 2.14 -3.79
C SER A 36 7.96 2.16 -2.66
N ALA A 37 7.83 1.23 -1.73
CA ALA A 37 8.74 1.13 -0.61
C ALA A 37 10.18 0.81 -1.06
N LYS A 38 10.32 0.18 -2.21
CA LYS A 38 11.65 -0.11 -2.71
C LYS A 38 12.30 1.14 -3.27
N GLU A 39 11.61 1.75 -4.21
CA GLU A 39 12.13 2.86 -4.97
C GLU A 39 12.07 4.19 -4.21
N ALA A 40 11.10 4.32 -3.34
CA ALA A 40 10.89 5.55 -2.58
C ALA A 40 11.39 5.39 -1.17
N ASP A 41 12.15 4.31 -0.95
CA ASP A 41 12.76 3.97 0.35
C ASP A 41 11.74 3.37 1.30
N TYR A 42 12.24 2.63 2.29
CA TYR A 42 11.41 2.06 3.33
C TYR A 42 11.07 3.09 4.39
N PHE A 43 11.28 4.35 4.02
CA PHE A 43 10.88 5.53 4.76
C PHE A 43 11.65 5.65 6.07
N GLY A 44 12.81 5.03 6.10
CA GLY A 44 13.66 5.02 7.27
C GLY A 44 13.35 3.85 8.18
N ASP A 45 12.54 2.96 7.69
CA ASP A 45 12.09 1.79 8.44
C ASP A 45 12.46 0.50 7.74
N ALA A 46 13.61 0.51 7.16
CA ALA A 46 14.19 -0.61 6.45
C ALA A 46 14.42 -1.78 7.40
N ASP A 47 14.48 -1.46 8.70
CA ASP A 47 14.71 -2.43 9.76
C ASP A 47 13.62 -3.47 9.75
N LYS A 48 12.42 -3.05 9.36
CA LYS A 48 11.29 -3.93 9.33
C LYS A 48 10.77 -4.08 7.91
N ALA A 49 11.68 -4.01 6.96
CA ALA A 49 11.42 -4.18 5.54
C ALA A 49 10.49 -5.34 5.22
N THR A 50 10.67 -6.44 5.91
CA THR A 50 9.88 -7.61 5.62
C THR A 50 8.46 -7.37 6.10
N THR A 51 8.36 -6.82 7.30
CA THR A 51 7.11 -6.44 7.89
C THR A 51 6.39 -5.45 6.97
N ILE A 52 7.11 -4.42 6.52
CA ILE A 52 6.56 -3.38 5.65
C ILE A 52 5.97 -3.99 4.36
N ASP A 53 6.72 -4.87 3.68
CA ASP A 53 6.17 -5.53 2.47
C ASP A 53 4.89 -6.30 2.75
N GLU A 54 4.82 -6.94 3.91
CA GLU A 54 3.61 -7.64 4.31
C GLU A 54 2.46 -6.64 4.49
N GLN A 55 2.79 -5.52 5.14
CA GLN A 55 1.83 -4.44 5.41
C GLN A 55 1.22 -3.95 4.12
N VAL A 56 2.08 -3.64 3.16
CA VAL A 56 1.66 -3.13 1.86
C VAL A 56 0.76 -4.15 1.19
N GLY A 57 1.17 -5.40 1.26
CA GLY A 57 0.41 -6.46 0.66
C GLY A 57 -0.96 -6.62 1.28
N LEU A 58 -1.04 -6.52 2.60
CA LEU A 58 -2.33 -6.59 3.31
C LEU A 58 -3.24 -5.45 2.88
N ILE A 59 -2.64 -4.30 2.62
CA ILE A 59 -3.37 -3.15 2.13
C ILE A 59 -3.95 -3.43 0.75
N VAL A 60 -3.10 -3.84 -0.18
CA VAL A 60 -3.51 -4.08 -1.57
C VAL A 60 -4.50 -5.27 -1.64
N ASP A 61 -4.34 -6.19 -0.72
CA ASP A 61 -5.18 -7.38 -0.62
C ASP A 61 -6.60 -7.00 -0.25
N SER A 62 -6.75 -5.97 0.57
CA SER A 62 -8.04 -5.52 1.01
C SER A 62 -8.65 -4.51 0.02
N LEU A 63 -7.87 -4.12 -0.96
CA LEU A 63 -8.32 -3.19 -1.96
C LEU A 63 -8.77 -3.91 -3.21
N ASN A 64 -9.27 -3.14 -4.13
CA ASN A 64 -9.66 -3.62 -5.45
C ASN A 64 -8.78 -2.96 -6.45
N ASP A 65 -8.77 -3.48 -7.68
CA ASP A 65 -7.92 -2.95 -8.78
C ASP A 65 -8.07 -1.44 -8.95
N GLU A 66 -9.25 -0.96 -8.69
CA GLU A 66 -9.57 0.43 -8.88
C GLU A 66 -8.79 1.27 -7.88
N GLU A 67 -8.86 0.88 -6.63
CA GLU A 67 -8.13 1.52 -5.58
C GLU A 67 -6.63 1.30 -5.72
N LEU A 68 -6.25 0.15 -6.30
CA LEU A 68 -4.84 -0.17 -6.50
C LEU A 68 -4.21 0.86 -7.43
N VAL A 69 -4.88 1.10 -8.54
CA VAL A 69 -4.40 2.06 -9.49
C VAL A 69 -4.47 3.46 -8.88
N SER A 70 -5.52 3.72 -8.11
CA SER A 70 -5.73 5.02 -7.51
C SER A 70 -4.60 5.38 -6.53
N THR A 71 -4.19 4.42 -5.69
CA THR A 71 -3.08 4.65 -4.80
C THR A 71 -1.80 4.81 -5.61
N ALA A 72 -1.64 3.93 -6.58
CA ALA A 72 -0.48 3.93 -7.47
C ALA A 72 -0.31 5.27 -8.17
N ASP A 73 -1.36 5.77 -8.80
CA ASP A 73 -1.30 7.05 -9.54
C ASP A 73 -0.79 8.17 -8.64
N LYS A 74 -1.19 8.12 -7.38
CA LYS A 74 -0.78 9.10 -6.41
C LYS A 74 0.68 8.92 -6.03
N ILE A 75 1.11 7.68 -5.98
CA ILE A 75 2.52 7.36 -5.73
C ILE A 75 3.41 7.89 -6.88
N LYS A 76 2.89 7.87 -8.10
CA LYS A 76 3.64 8.43 -9.23
C LYS A 76 3.64 9.94 -9.18
N ALA A 77 2.60 10.50 -8.61
CA ALA A 77 2.50 11.93 -8.43
C ALA A 77 3.54 12.41 -7.44
N ASN A 78 3.85 11.58 -6.46
CA ASN A 78 4.86 11.89 -5.46
C ASN A 78 5.36 10.62 -4.81
N ALA A 79 6.56 10.21 -5.20
CA ALA A 79 7.16 8.98 -4.70
C ALA A 79 7.45 9.08 -3.22
N ALA A 80 7.90 10.25 -2.78
CA ALA A 80 8.22 10.49 -1.37
C ALA A 80 6.98 10.34 -0.50
N GLY A 81 5.83 10.52 -1.10
CA GLY A 81 4.61 10.43 -0.40
C GLY A 81 3.93 9.12 -0.65
N ALA A 82 4.70 8.11 -1.05
CA ALA A 82 4.13 6.77 -1.24
C ALA A 82 3.53 6.30 0.06
N LYS A 83 4.23 6.59 1.14
CA LYS A 83 3.80 6.20 2.45
C LYS A 83 2.51 6.90 2.81
N GLU A 84 2.37 8.18 2.40
CA GLU A 84 1.19 8.93 2.76
C GLU A 84 -0.03 8.33 2.05
N VAL A 85 0.20 7.79 0.86
CA VAL A 85 -0.84 7.15 0.09
C VAL A 85 -1.22 5.82 0.76
N LEU A 86 -0.21 5.03 1.09
CA LEU A 86 -0.41 3.79 1.82
C LEU A 86 -1.06 4.01 3.16
N LYS A 87 -0.60 5.01 3.92
CA LYS A 87 -1.26 5.34 5.18
C LYS A 87 -2.72 5.72 4.95
N GLU A 88 -3.00 6.33 3.80
CA GLU A 88 -4.31 6.82 3.50
C GLU A 88 -5.24 5.64 3.26
N SER A 89 -4.78 4.73 2.44
CA SER A 89 -5.52 3.56 2.12
C SER A 89 -5.69 2.71 3.39
N ALA A 90 -4.64 2.61 4.18
CA ALA A 90 -4.66 1.89 5.45
C ALA A 90 -5.78 2.38 6.37
N LYS A 91 -5.88 3.71 6.54
CA LYS A 91 -6.91 4.29 7.41
C LYS A 91 -8.25 3.93 6.84
N THR A 92 -8.34 4.08 5.53
CA THR A 92 -9.56 3.81 4.80
C THR A 92 -9.99 2.34 4.95
N ILE A 93 -9.01 1.45 4.99
CA ILE A 93 -9.25 0.04 5.22
C ILE A 93 -9.90 -0.18 6.58
N VAL A 94 -9.31 0.46 7.59
CA VAL A 94 -9.81 0.38 8.96
C VAL A 94 -11.19 1.02 9.04
N ASP A 95 -11.34 2.12 8.33
CA ASP A 95 -12.59 2.88 8.30
C ASP A 95 -13.70 2.10 7.63
N SER A 96 -13.36 1.39 6.58
CA SER A 96 -14.32 0.58 5.86
C SER A 96 -14.54 -0.77 6.60
N GLY A 97 -13.65 -1.05 7.55
CA GLY A 97 -13.76 -2.25 8.36
C GLY A 97 -13.28 -3.50 7.66
N LYS A 98 -12.38 -3.36 6.69
CA LYS A 98 -11.92 -4.51 5.93
C LYS A 98 -10.96 -5.39 6.71
N LEU A 99 -9.99 -4.79 7.36
CA LEU A 99 -9.08 -5.53 8.19
C LEU A 99 -8.81 -4.75 9.47
N PRO A 100 -8.36 -5.41 10.56
CA PRO A 100 -8.09 -4.72 11.83
C PRO A 100 -6.86 -3.83 11.73
N SER A 101 -6.92 -2.70 12.42
CA SER A 101 -5.82 -1.74 12.46
C SER A 101 -4.52 -2.37 12.99
N SER A 102 -4.67 -3.36 13.88
CA SER A 102 -3.53 -4.09 14.46
C SER A 102 -2.66 -4.76 13.39
N LEU A 103 -3.24 -5.02 12.22
CA LEU A 103 -2.52 -5.66 11.15
C LEU A 103 -1.69 -4.67 10.34
N LEU A 104 -2.00 -3.39 10.48
CA LEU A 104 -1.33 -2.37 9.71
C LEU A 104 -0.80 -1.29 10.61
N SER A 105 -0.54 -1.63 11.87
CA SER A 105 -0.16 -0.66 12.92
C SER A 105 0.99 0.31 12.49
N TYR A 106 1.88 -0.16 11.61
CA TYR A 106 2.94 0.70 11.09
C TYR A 106 2.34 1.91 10.33
N PHE A 107 1.29 1.69 9.57
CA PHE A 107 0.66 2.74 8.78
C PHE A 107 -0.55 3.29 9.51
N VAL A 108 -1.08 2.54 10.43
CA VAL A 108 -2.25 2.94 11.16
C VAL A 108 -2.14 2.63 12.65
#